data_2O8R
#
_entry.id   2O8R
#
_cell.length_a   99.330
_cell.length_b   99.330
_cell.length_c   335.061
_cell.angle_alpha   90.00
_cell.angle_beta   90.00
_cell.angle_gamma   120.00
#
_symmetry.space_group_name_H-M   'P 65'
#
loop_
_entity.id
_entity.type
_entity.pdbx_description
1 polymer 'Polyphosphate kinase'
2 non-polymer 'SULFATE ION'
3 water water
#
_entity_poly.entity_id   1
_entity_poly.type   'polypeptide(L)'
_entity_poly.pdbx_seq_one_letter_code
;(MSE)SLDVSAYPFFRRD(MSE)SWLSFNERVL(MSE)EAADRTLPVYDRIKFLSIFSSNLEEFYTVRVAYHQAVLQKRR
DRSEAEEDSDADAHILQAIRETVIRQDELYYRIFYDQILPTLEEHGIRLRTHAPTHPDHKAYLRRFFHEEIFPLLYP
(MSE)LLLPSKVRTFIRSGRVYLAVRLKEKETDEAYSYALLNVPTDGLPRFVELPRLQTDTFYYYSFLEDIIKEHLDVVF
PGYEV(MSE)DSYSIKVSRDADLLLDAQRPEDLPGEIRKKVKTRKLGAPTRF(MSE)YDGR(MSE)PDEVLRYICSSCDI
DPEEAIRSGNYVNLQDLA(MSE)LPNPFAPRLETLTPEPLLSKHLEQAPSL(MSE)EGIRRKDYLIHVPYYTYDYVVRLL
(MSE)EAAISPDVSEIRLTQYRVAENSSIISALEAAAQSGKKVSVFVELKARFDEENNLRLSER(MSE)RRSGIRIVYS
(MSE)PGLKVHAKTALILYHTPAGERPQGIALLSTGNFNETTARIYSDTTL(MSE)TANTDIVHDVYRLFRILDGDPEPA
RFSRLLVARYN(MSE)GEAITNLIEREIENVKRGKRGY(MSE)LLK(MSE)NGLQDKNVITQLYRASEAGVEIDLIVRGI
CCLVPD(MSE)PQSRNIRVTRLVD(MSE)YLEHSRIWCFHNGGKEEVFISSADW(MSE)KRNLYNRIETACPVLDPTLRR
EIIDILEIQLRDNIKACRIDSSLNNIYKHNSDEKPVRAQAAIYRYLKGKEETTPAAKEGHHHHHH
;
_entity_poly.pdbx_strand_id   A,B
#
loop_
_chem_comp.id
_chem_comp.type
_chem_comp.name
_chem_comp.formula
SO4 non-polymer 'SULFATE ION' 'O4 S -2'
#
# COMPACT_ATOMS: atom_id res chain seq x y z
N SER A 6 18.92 25.28 39.33
CA SER A 6 20.24 25.75 39.85
C SER A 6 21.42 25.42 38.93
N ALA A 7 22.57 25.14 39.54
CA ALA A 7 23.84 24.97 38.82
C ALA A 7 24.00 23.60 38.17
N TYR A 8 22.89 23.07 37.63
CA TYR A 8 22.84 21.69 37.15
C TYR A 8 23.29 21.48 35.71
N PRO A 9 24.06 20.43 35.47
CA PRO A 9 24.50 20.06 34.12
C PRO A 9 23.41 19.36 33.31
N PHE A 10 23.41 19.60 31.99
CA PHE A 10 22.48 18.94 31.05
C PHE A 10 23.14 18.72 29.70
N PHE A 11 23.04 17.50 29.16
CA PHE A 11 23.46 17.26 27.79
C PHE A 11 22.55 18.02 26.87
N ARG A 12 23.08 18.49 25.75
CA ARG A 12 22.22 18.99 24.67
C ARG A 12 21.46 17.81 24.08
N ARG A 13 20.21 18.02 23.70
CA ARG A 13 19.37 16.88 23.30
C ARG A 13 19.85 16.20 22.01
N ASP A 14 20.27 17.00 21.02
CA ASP A 14 20.76 16.49 19.74
C ASP A 14 22.07 15.72 19.84
N MSE A 15 22.98 16.20 20.69
CA MSE A 15 24.19 15.45 20.97
C MSE A 15 23.82 14.12 21.59
O MSE A 15 24.33 13.07 21.20
CB MSE A 15 25.09 16.24 21.92
CG MSE A 15 25.69 17.52 21.37
SE MSE A 15 26.13 17.43 19.45
CE MSE A 15 24.66 18.51 18.74
N SER A 16 22.92 14.18 22.56
CA SER A 16 22.36 13.00 23.15
C SER A 16 21.70 12.13 22.10
N TRP A 17 21.00 12.73 21.14
CA TRP A 17 20.40 11.92 20.09
C TRP A 17 21.46 11.22 19.26
N LEU A 18 22.47 11.97 18.84
CA LEU A 18 23.54 11.43 18.02
C LEU A 18 24.25 10.29 18.71
N SER A 19 24.29 10.35 20.03
CA SER A 19 24.82 9.28 20.85
C SER A 19 24.03 7.99 20.66
N PHE A 20 22.72 8.15 20.58
CA PHE A 20 21.80 7.03 20.36
C PHE A 20 22.06 6.41 19.00
N ASN A 21 22.21 7.23 17.97
CA ASN A 21 22.45 6.67 16.65
C ASN A 21 23.82 6.05 16.53
N GLU A 22 24.78 6.54 17.32
CA GLU A 22 26.08 5.86 17.46
C GLU A 22 25.90 4.42 17.96
N ARG A 23 25.04 4.23 18.96
CA ARG A 23 24.77 2.90 19.49
C ARG A 23 24.07 1.99 18.47
N VAL A 24 23.27 2.57 17.57
CA VAL A 24 22.65 1.83 16.47
C VAL A 24 23.74 1.37 15.50
N LEU A 25 24.62 2.30 15.14
CA LEU A 25 25.79 1.99 14.32
C LEU A 25 26.65 0.89 14.95
N MSE A 26 26.71 0.85 16.28
CA MSE A 26 27.46 -0.19 16.97
C MSE A 26 26.89 -1.60 16.80
O MSE A 26 27.65 -2.55 16.67
CB MSE A 26 27.63 0.15 18.44
CG MSE A 26 28.71 1.17 18.66
SE MSE A 26 28.55 2.08 20.38
CE MSE A 26 30.33 2.90 20.39
N GLU A 27 25.55 -1.72 16.79
CA GLU A 27 24.94 -3.02 16.55
C GLU A 27 25.46 -3.57 15.25
N ALA A 28 25.62 -2.69 14.27
CA ALA A 28 26.15 -3.08 12.98
C ALA A 28 27.60 -3.61 13.08
N ALA A 29 28.37 -3.05 14.02
CA ALA A 29 29.78 -3.44 14.23
C ALA A 29 29.94 -4.70 15.07
N ASP A 30 28.83 -5.19 15.63
CA ASP A 30 28.87 -6.35 16.53
C ASP A 30 29.05 -7.63 15.74
N ARG A 31 30.29 -8.08 15.66
CA ARG A 31 30.62 -9.26 14.86
C ARG A 31 30.05 -10.55 15.39
N THR A 32 29.44 -10.53 16.58
CA THR A 32 28.85 -11.74 17.13
C THR A 32 27.45 -11.98 16.61
N LEU A 33 26.95 -11.02 15.82
CA LEU A 33 25.59 -11.07 15.32
C LEU A 33 25.56 -11.57 13.88
N PRO A 34 24.54 -12.37 13.54
CA PRO A 34 24.28 -12.84 12.18
C PRO A 34 24.24 -11.67 11.23
N VAL A 35 24.92 -11.77 10.09
CA VAL A 35 25.14 -10.58 9.21
C VAL A 35 23.91 -9.74 8.95
N TYR A 36 22.81 -10.40 8.61
CA TYR A 36 21.63 -9.66 8.21
C TYR A 36 21.07 -8.82 9.35
N ASP A 37 21.32 -9.26 10.59
CA ASP A 37 20.99 -8.44 11.76
C ASP A 37 21.74 -7.12 11.73
N ARG A 38 23.03 -7.19 11.40
CA ARG A 38 23.87 -6.02 11.34
C ARG A 38 23.48 -5.11 10.18
N ILE A 39 23.27 -5.71 9.01
CA ILE A 39 22.83 -5.00 7.82
C ILE A 39 21.55 -4.18 8.06
N LYS A 40 20.57 -4.81 8.72
CA LYS A 40 19.36 -4.12 9.19
C LYS A 40 19.68 -2.88 10.01
N PHE A 41 20.64 -2.98 10.91
CA PHE A 41 20.97 -1.84 11.76
C PHE A 41 21.70 -0.71 11.04
N LEU A 42 22.46 -1.06 10.01
CA LEU A 42 23.07 -0.08 9.14
C LEU A 42 21.94 0.73 8.50
N SER A 43 20.98 0.02 7.90
CA SER A 43 19.82 0.65 7.29
C SER A 43 19.07 1.57 8.25
N ILE A 44 18.78 1.06 9.45
CA ILE A 44 18.11 1.81 10.50
C ILE A 44 18.85 3.10 10.81
N PHE A 45 20.17 2.99 11.02
CA PHE A 45 21.01 4.14 11.29
C PHE A 45 20.85 5.22 10.22
N SER A 46 20.81 4.77 8.97
CA SER A 46 20.67 5.66 7.85
C SER A 46 19.31 6.34 7.86
N SER A 47 18.25 5.57 8.09
CA SER A 47 16.88 6.14 8.11
C SER A 47 16.64 7.10 9.28
N ASN A 48 17.24 6.79 10.43
CA ASN A 48 17.19 7.70 11.58
C ASN A 48 17.87 9.02 11.32
N LEU A 49 19.02 8.98 10.67
CA LEU A 49 19.78 10.19 10.37
C LEU A 49 19.08 10.99 9.27
N GLU A 50 18.24 10.32 8.50
CA GLU A 50 17.47 11.02 7.50
C GLU A 50 16.38 11.83 8.18
N GLU A 51 15.73 11.21 9.16
CA GLU A 51 14.67 11.83 9.94
C GLU A 51 15.20 13.01 10.76
N PHE A 52 16.31 12.80 11.44
CA PHE A 52 17.04 13.82 12.17
C PHE A 52 17.33 15.01 11.29
N TYR A 53 17.85 14.76 10.09
CA TYR A 53 18.13 15.86 9.18
C TYR A 53 16.87 16.63 8.80
N THR A 54 15.80 15.95 8.40
CA THR A 54 14.64 16.67 7.86
C THR A 54 13.79 17.43 8.88
N VAL A 55 13.88 17.08 10.15
CA VAL A 55 13.13 17.81 11.19
C VAL A 55 14.01 18.62 12.16
N ARG A 56 15.18 18.09 12.47
CA ARG A 56 15.97 18.63 13.54
C ARG A 56 17.05 19.57 13.02
N VAL A 57 17.79 19.14 12.00
CA VAL A 57 18.82 19.99 11.38
C VAL A 57 18.14 21.15 10.67
N ALA A 58 17.01 20.85 10.02
CA ALA A 58 16.18 21.87 9.38
C ALA A 58 15.74 22.95 10.36
N TYR A 59 15.25 22.52 11.52
CA TYR A 59 14.89 23.45 12.59
C TYR A 59 16.02 24.39 12.95
N HIS A 60 17.20 23.85 13.18
CA HIS A 60 18.37 24.65 13.52
C HIS A 60 18.82 25.54 12.37
N GLN A 61 18.50 25.15 11.14
CA GLN A 61 18.80 25.97 9.99
C GLN A 61 17.83 27.14 9.86
N ALA A 62 16.57 26.90 10.25
CA ALA A 62 15.55 27.93 10.25
C ALA A 62 15.78 28.95 11.36
N VAL A 63 16.39 28.51 12.45
CA VAL A 63 16.77 29.40 13.54
C VAL A 63 17.92 30.33 13.12
N LEU A 64 18.98 29.76 12.56
CA LEU A 64 20.17 30.52 12.17
C LEU A 64 19.97 31.53 11.03
N GLN A 65 18.75 31.58 10.49
CA GLN A 65 18.34 32.64 9.58
C GLN A 65 17.86 33.86 10.37
N LYS A 66 16.98 33.60 11.34
CA LYS A 66 16.48 34.61 12.28
C LYS A 66 17.53 35.09 13.28
N HIS A 82 26.82 26.96 16.39
CA HIS A 82 27.69 25.92 16.95
C HIS A 82 27.04 24.54 16.99
N ILE A 83 25.83 24.47 17.52
CA ILE A 83 25.01 23.27 17.43
C ILE A 83 25.11 22.60 16.05
N LEU A 84 24.86 23.35 14.97
CA LEU A 84 24.96 22.83 13.59
C LEU A 84 26.36 22.33 13.21
N GLN A 85 27.38 23.03 13.68
CA GLN A 85 28.76 22.66 13.41
C GLN A 85 29.12 21.38 14.17
N ALA A 86 28.56 21.24 15.38
CA ALA A 86 28.79 20.06 16.20
C ALA A 86 28.15 18.82 15.59
N ILE A 87 26.91 18.96 15.15
CA ILE A 87 26.21 17.88 14.45
C ILE A 87 27.05 17.39 13.27
N ARG A 88 27.40 18.32 12.39
CA ARG A 88 28.12 18.01 11.17
C ARG A 88 29.44 17.28 11.47
N GLU A 89 30.15 17.76 12.48
CA GLU A 89 31.42 17.17 12.85
C GLU A 89 31.20 15.74 13.27
N THR A 90 30.17 15.52 14.09
CA THR A 90 29.85 14.20 14.59
C THR A 90 29.41 13.28 13.46
N VAL A 91 28.55 13.79 12.58
CA VAL A 91 28.02 12.97 11.48
C VAL A 91 29.13 12.53 10.55
N ILE A 92 30.05 13.44 10.22
CA ILE A 92 31.18 13.11 9.35
C ILE A 92 32.01 11.98 9.94
N ARG A 93 32.15 11.98 11.26
CA ARG A 93 32.88 10.95 11.97
C ARG A 93 32.14 9.61 11.91
N GLN A 94 30.83 9.64 12.16
CA GLN A 94 30.00 8.44 12.16
C GLN A 94 29.94 7.82 10.78
N ASP A 95 29.90 8.68 9.79
CA ASP A 95 29.93 8.28 8.40
C ASP A 95 31.17 7.44 8.10
N GLU A 96 32.33 7.88 8.59
CA GLU A 96 33.57 7.17 8.37
C GLU A 96 33.55 5.79 9.01
N LEU A 97 33.03 5.73 10.22
CA LEU A 97 32.79 4.46 10.89
C LEU A 97 31.88 3.54 10.05
N TYR A 98 30.75 4.09 9.60
CA TYR A 98 29.77 3.36 8.78
C TYR A 98 30.44 2.64 7.60
N TYR A 99 31.24 3.38 6.84
CA TYR A 99 31.89 2.79 5.67
C TYR A 99 32.96 1.75 6.00
N ARG A 100 33.66 1.97 7.11
CA ARG A 100 34.57 0.97 7.64
C ARG A 100 33.83 -0.34 7.93
N ILE A 101 32.71 -0.24 8.64
CA ILE A 101 31.89 -1.42 8.91
C ILE A 101 31.43 -2.07 7.60
N PHE A 102 30.97 -1.25 6.67
CA PHE A 102 30.41 -1.75 5.42
C PHE A 102 31.43 -2.46 4.53
N TYR A 103 32.56 -1.79 4.30
CA TYR A 103 33.57 -2.32 3.40
C TYR A 103 34.51 -3.31 4.06
N ASP A 104 34.80 -3.13 5.35
CA ASP A 104 35.79 -3.96 6.03
C ASP A 104 35.19 -5.16 6.71
N GLN A 105 33.89 -5.13 6.95
CA GLN A 105 33.28 -6.21 7.70
C GLN A 105 32.07 -6.81 7.00
N ILE A 106 31.06 -6.00 6.73
CA ILE A 106 29.84 -6.50 6.10
C ILE A 106 30.09 -7.21 4.77
N LEU A 107 30.59 -6.49 3.77
CA LEU A 107 30.88 -7.10 2.45
C LEU A 107 31.75 -8.35 2.52
N PRO A 108 32.87 -8.28 3.28
CA PRO A 108 33.66 -9.48 3.55
C PRO A 108 32.90 -10.61 4.23
N THR A 109 32.04 -10.31 5.21
CA THR A 109 31.29 -11.36 5.90
C THR A 109 30.25 -12.00 4.98
N LEU A 110 29.60 -11.18 4.16
CA LEU A 110 28.67 -11.68 3.14
C LEU A 110 29.35 -12.71 2.23
N GLU A 111 30.58 -12.42 1.84
CA GLU A 111 31.35 -13.35 1.02
C GLU A 111 31.71 -14.64 1.72
N GLU A 112 32.01 -14.56 3.02
CA GLU A 112 32.28 -15.74 3.82
C GLU A 112 31.07 -16.68 3.83
N HIS A 113 29.90 -16.13 3.58
CA HIS A 113 28.68 -16.93 3.54
C HIS A 113 28.02 -17.05 2.16
N GLY A 114 28.78 -16.80 1.10
CA GLY A 114 28.29 -17.02 -0.27
C GLY A 114 27.46 -15.90 -0.89
N ILE A 115 27.58 -14.68 -0.37
CA ILE A 115 26.92 -13.51 -0.93
C ILE A 115 27.96 -12.55 -1.48
N ARG A 116 27.87 -12.22 -2.77
CA ARG A 116 28.77 -11.23 -3.34
C ARG A 116 27.98 -10.02 -3.76
N LEU A 117 28.10 -8.97 -2.96
CA LEU A 117 27.49 -7.71 -3.30
C LEU A 117 28.59 -6.98 -4.02
N ARG A 118 28.45 -6.86 -5.33
CA ARG A 118 29.52 -6.33 -6.12
C ARG A 118 29.64 -4.84 -5.96
N THR A 119 30.88 -4.40 -5.82
CA THR A 119 31.17 -3.01 -5.57
C THR A 119 31.89 -2.43 -6.80
N HIS A 120 32.33 -3.33 -7.68
CA HIS A 120 32.88 -2.98 -9.00
C HIS A 120 32.10 -3.73 -10.10
N ALA A 121 32.45 -3.46 -11.36
CA ALA A 121 31.69 -4.04 -12.51
C ALA A 121 32.16 -5.45 -12.81
N PRO A 122 31.24 -6.36 -13.17
CA PRO A 122 31.63 -7.76 -13.30
C PRO A 122 32.56 -7.94 -14.48
N THR A 123 33.49 -8.88 -14.36
CA THR A 123 34.38 -9.27 -15.46
C THR A 123 33.78 -10.47 -16.16
N HIS A 124 32.98 -11.22 -15.42
CA HIS A 124 32.43 -12.47 -15.93
C HIS A 124 31.45 -12.25 -17.08
N PRO A 125 31.76 -12.84 -18.25
CA PRO A 125 31.06 -12.71 -19.53
C PRO A 125 29.56 -12.85 -19.43
N ASP A 126 29.12 -13.85 -18.69
CA ASP A 126 27.70 -14.15 -18.62
C ASP A 126 26.97 -13.06 -17.86
N HIS A 127 27.54 -12.67 -16.72
CA HIS A 127 27.03 -11.54 -15.95
C HIS A 127 27.03 -10.24 -16.75
N LYS A 128 28.13 -9.97 -17.45
CA LYS A 128 28.19 -8.83 -18.38
C LYS A 128 27.07 -8.87 -19.44
N ALA A 129 26.93 -10.00 -20.11
CA ALA A 129 25.88 -10.18 -21.12
C ALA A 129 24.52 -9.90 -20.52
N TYR A 130 24.26 -10.47 -19.35
CA TYR A 130 23.00 -10.26 -18.67
C TYR A 130 22.70 -8.79 -18.42
N LEU A 131 23.63 -8.10 -17.75
CA LEU A 131 23.44 -6.70 -17.36
C LEU A 131 23.30 -5.76 -18.53
N ARG A 132 24.04 -6.02 -19.59
CA ARG A 132 23.91 -5.26 -20.83
C ARG A 132 22.50 -5.41 -21.37
N ARG A 133 21.95 -6.61 -21.28
CA ARG A 133 20.57 -6.82 -21.75
C ARG A 133 19.64 -6.06 -20.83
N PHE A 134 19.84 -6.28 -19.53
CA PHE A 134 19.02 -5.70 -18.46
C PHE A 134 19.00 -4.19 -18.56
N PHE A 135 20.18 -3.60 -18.70
CA PHE A 135 20.24 -2.17 -18.86
C PHE A 135 19.40 -1.77 -20.06
N HIS A 136 19.61 -2.43 -21.20
CA HIS A 136 18.88 -2.06 -22.41
C HIS A 136 17.38 -2.26 -22.29
N GLU A 137 16.94 -3.44 -21.88
CA GLU A 137 15.51 -3.71 -21.89
C GLU A 137 14.76 -3.19 -20.66
N GLU A 138 15.44 -3.11 -19.52
CA GLU A 138 14.74 -2.82 -18.25
C GLU A 138 15.07 -1.46 -17.61
N ILE A 139 16.35 -1.08 -17.58
CA ILE A 139 16.73 0.19 -16.96
C ILE A 139 16.52 1.38 -17.90
N PHE A 140 17.13 1.31 -19.07
CA PHE A 140 17.14 2.43 -20.01
C PHE A 140 15.76 3.05 -20.23
N PRO A 141 14.72 2.24 -20.51
CA PRO A 141 13.39 2.86 -20.68
C PRO A 141 12.89 3.69 -19.50
N LEU A 142 13.54 3.56 -18.34
CA LEU A 142 13.11 4.27 -17.14
C LEU A 142 14.04 5.47 -16.83
N LEU A 143 14.93 5.78 -17.75
CA LEU A 143 15.85 6.88 -17.58
C LEU A 143 15.31 8.19 -18.15
N TYR A 144 15.83 9.30 -17.64
CA TYR A 144 15.58 10.60 -18.22
C TYR A 144 16.90 11.36 -18.27
N PRO A 145 17.67 11.20 -19.35
CA PRO A 145 18.98 11.85 -19.43
C PRO A 145 18.82 13.33 -19.51
N MSE A 146 19.35 14.03 -18.50
CA MSE A 146 19.19 15.47 -18.42
C MSE A 146 20.52 16.17 -18.46
O MSE A 146 21.27 16.12 -17.48
CB MSE A 146 18.47 15.85 -17.15
CG MSE A 146 17.02 15.41 -17.14
SE MSE A 146 16.22 15.72 -15.40
CE MSE A 146 17.14 14.35 -14.35
N LEU A 147 20.81 16.80 -19.59
CA LEU A 147 21.92 17.75 -19.68
C LEU A 147 21.60 18.93 -18.79
N LEU A 148 22.60 19.38 -18.06
CA LEU A 148 22.47 20.49 -17.16
C LEU A 148 23.04 21.75 -17.80
N LEU A 149 22.16 22.63 -18.25
CA LEU A 149 22.57 23.96 -18.70
C LEU A 149 21.94 24.97 -17.75
N PRO A 150 22.64 25.26 -16.64
CA PRO A 150 22.16 25.86 -15.39
C PRO A 150 21.26 27.08 -15.52
N SER A 151 21.73 28.10 -16.21
CA SER A 151 20.97 29.33 -16.34
C SER A 151 19.85 29.16 -17.35
N LYS A 152 20.03 28.21 -18.27
CA LYS A 152 19.13 28.07 -19.41
C LYS A 152 17.90 27.21 -19.11
N VAL A 153 18.11 26.02 -18.56
CA VAL A 153 17.02 25.13 -18.19
C VAL A 153 17.11 24.79 -16.70
N ARG A 154 16.00 24.92 -15.99
CA ARG A 154 15.90 24.62 -14.56
C ARG A 154 15.54 23.14 -14.37
N THR A 155 16.18 22.49 -13.40
CA THR A 155 15.85 21.10 -13.06
C THR A 155 15.75 20.93 -11.55
N PHE A 156 14.96 19.94 -11.13
CA PHE A 156 14.77 19.62 -9.73
C PHE A 156 15.50 18.32 -9.40
N ILE A 157 15.97 18.20 -8.17
CA ILE A 157 16.53 16.95 -7.67
C ILE A 157 15.75 16.55 -6.42
N ARG A 158 14.92 15.52 -6.54
CA ARG A 158 14.05 15.07 -5.45
C ARG A 158 14.82 14.45 -4.29
N SER A 159 14.22 14.57 -3.10
CA SER A 159 14.86 14.07 -1.90
C SER A 159 14.60 12.58 -1.76
N GLY A 160 15.47 11.92 -1.02
CA GLY A 160 15.34 10.49 -0.74
C GLY A 160 15.67 9.59 -1.91
N ARG A 161 15.98 10.21 -3.05
CA ARG A 161 16.36 9.47 -4.24
CA ARG A 161 16.36 9.47 -4.24
C ARG A 161 17.88 9.54 -4.47
N VAL A 162 18.37 8.70 -5.37
CA VAL A 162 19.75 8.73 -5.76
C VAL A 162 19.80 9.23 -7.18
N TYR A 163 20.68 10.18 -7.44
CA TYR A 163 20.93 10.63 -8.81
C TYR A 163 22.40 10.48 -9.13
N LEU A 164 22.68 10.41 -10.42
CA LEU A 164 24.03 10.35 -10.93
C LEU A 164 24.29 11.65 -11.65
N ALA A 165 25.30 12.37 -11.18
CA ALA A 165 25.81 13.49 -11.95
C ALA A 165 26.98 13.00 -12.79
N VAL A 166 26.86 13.19 -14.10
CA VAL A 166 27.85 12.73 -15.09
C VAL A 166 28.60 13.91 -15.69
N ARG A 167 29.92 13.79 -15.77
CA ARG A 167 30.75 14.78 -16.47
C ARG A 167 31.05 14.30 -17.88
N LEU A 168 30.83 15.16 -18.87
CA LEU A 168 31.02 14.80 -20.27
C LEU A 168 31.99 15.70 -21.05
N LYS A 169 32.84 15.08 -21.88
CA LYS A 169 33.66 15.80 -22.85
C LYS A 169 33.29 15.31 -24.24
N GLU A 170 33.10 16.24 -25.17
CA GLU A 170 32.41 15.98 -26.43
C GLU A 170 33.30 15.43 -27.56
N LYS A 171 33.23 16.06 -28.73
CA LYS A 171 34.08 15.71 -29.86
C LYS A 171 35.37 16.52 -29.82
N GLU A 172 35.23 17.83 -29.59
CA GLU A 172 36.35 18.75 -29.50
C GLU A 172 37.19 18.53 -28.25
N THR A 173 38.52 18.53 -28.43
CA THR A 173 39.48 18.27 -27.36
C THR A 173 39.56 19.42 -26.36
N ASP A 174 38.71 20.42 -26.56
CA ASP A 174 38.52 21.54 -25.65
C ASP A 174 38.22 21.05 -24.23
N GLU A 175 38.80 21.73 -23.25
CA GLU A 175 38.72 21.33 -21.84
C GLU A 175 37.32 21.47 -21.25
N ALA A 176 36.54 22.40 -21.81
CA ALA A 176 35.19 22.70 -21.36
C ALA A 176 34.37 21.42 -21.16
N TYR A 177 33.95 21.20 -19.92
CA TYR A 177 33.21 20.00 -19.58
C TYR A 177 31.72 20.26 -19.59
N SER A 178 30.97 19.33 -20.17
CA SER A 178 29.52 19.29 -20.05
C SER A 178 29.14 18.51 -18.78
N TYR A 179 27.92 18.72 -18.31
CA TYR A 179 27.44 17.98 -17.15
C TYR A 179 26.02 17.51 -17.33
N ALA A 180 25.74 16.32 -16.82
CA ALA A 180 24.41 15.75 -16.95
C ALA A 180 23.91 15.10 -15.67
N LEU A 181 22.60 15.05 -15.55
CA LEU A 181 21.98 14.48 -14.39
C LEU A 181 21.13 13.34 -14.88
N LEU A 182 21.30 12.16 -14.29
CA LEU A 182 20.27 11.14 -14.49
C LEU A 182 19.74 10.41 -13.24
N ASN A 183 18.58 9.79 -13.44
CA ASN A 183 17.81 9.19 -12.37
C ASN A 183 18.19 7.74 -12.19
N VAL A 184 18.15 7.27 -10.95
CA VAL A 184 18.26 5.85 -10.73
C VAL A 184 16.87 5.35 -10.36
N PRO A 185 16.19 4.72 -11.31
CA PRO A 185 14.75 4.45 -11.23
C PRO A 185 14.37 3.40 -10.20
N THR A 186 14.65 3.67 -8.94
CA THR A 186 14.33 2.70 -7.89
C THR A 186 12.85 2.74 -7.56
N ASP A 187 12.14 3.67 -8.19
CA ASP A 187 10.69 3.69 -8.12
C ASP A 187 10.07 2.62 -9.01
N GLY A 188 10.91 1.98 -9.83
CA GLY A 188 10.45 0.97 -10.78
C GLY A 188 11.31 -0.29 -10.80
N LEU A 189 12.50 -0.22 -10.20
CA LEU A 189 13.41 -1.35 -10.15
C LEU A 189 13.97 -1.50 -8.73
N PRO A 190 14.52 -2.69 -8.41
CA PRO A 190 15.11 -2.79 -7.09
C PRO A 190 16.48 -2.12 -7.03
N ARG A 191 16.87 -1.69 -5.83
CA ARG A 191 18.18 -1.10 -5.60
C ARG A 191 19.24 -2.13 -5.89
N PHE A 192 18.95 -3.37 -5.48
CA PHE A 192 19.86 -4.49 -5.68
C PHE A 192 19.33 -5.46 -6.73
N VAL A 193 20.18 -5.74 -7.72
CA VAL A 193 19.80 -6.55 -8.87
C VAL A 193 20.60 -7.85 -8.79
N GLU A 194 19.87 -8.97 -8.69
CA GLU A 194 20.49 -10.30 -8.65
C GLU A 194 20.95 -10.71 -10.04
N LEU A 195 22.11 -11.34 -10.12
CA LEU A 195 22.66 -11.83 -11.38
C LEU A 195 22.49 -13.33 -11.44
N PRO A 196 22.16 -13.87 -12.64
CA PRO A 196 21.85 -15.31 -12.74
C PRO A 196 22.98 -16.24 -12.27
N ARG A 197 22.60 -17.43 -11.83
CA ARG A 197 23.46 -18.24 -11.00
C ARG A 197 23.26 -19.71 -11.32
N LEU A 198 24.29 -20.51 -11.07
CA LEU A 198 24.24 -21.95 -11.25
C LEU A 198 24.51 -22.56 -9.90
N GLN A 199 23.89 -23.70 -9.59
CA GLN A 199 24.12 -24.33 -8.28
C GLN A 199 25.59 -24.60 -8.02
N THR A 200 26.35 -24.72 -9.10
CA THR A 200 27.78 -24.98 -9.01
C THR A 200 28.57 -23.74 -8.60
N ASP A 201 27.90 -22.58 -8.56
CA ASP A 201 28.55 -21.29 -8.29
C ASP A 201 28.90 -21.13 -6.82
N THR A 202 29.93 -20.32 -6.56
CA THR A 202 30.38 -20.10 -5.20
C THR A 202 29.49 -19.08 -4.47
N PHE A 203 28.93 -18.14 -5.21
CA PHE A 203 28.14 -17.06 -4.62
C PHE A 203 26.80 -16.84 -5.27
N TYR A 204 25.95 -16.14 -4.53
CA TYR A 204 24.86 -15.37 -5.08
C TYR A 204 25.43 -13.97 -5.39
N TYR A 205 24.98 -13.39 -6.49
CA TYR A 205 25.54 -12.12 -6.94
C TYR A 205 24.53 -11.01 -6.86
N TYR A 206 24.97 -9.84 -6.40
CA TYR A 206 24.11 -8.67 -6.43
C TYR A 206 24.85 -7.44 -6.90
N SER A 207 24.11 -6.54 -7.53
CA SER A 207 24.68 -5.30 -8.01
C SER A 207 23.77 -4.17 -7.61
N PHE A 208 24.37 -3.02 -7.28
CA PHE A 208 23.63 -1.76 -7.13
C PHE A 208 23.10 -1.37 -8.50
N LEU A 209 21.86 -0.90 -8.53
CA LEU A 209 21.28 -0.37 -9.75
C LEU A 209 22.17 0.70 -10.36
N GLU A 210 22.64 1.64 -9.53
CA GLU A 210 23.41 2.78 -10.05
C GLU A 210 24.75 2.37 -10.64
N ASP A 211 25.29 1.25 -10.17
CA ASP A 211 26.51 0.70 -10.75
C ASP A 211 26.26 0.25 -12.20
N ILE A 212 25.18 -0.48 -12.42
CA ILE A 212 24.82 -0.90 -13.77
C ILE A 212 24.71 0.30 -14.69
N ILE A 213 23.99 1.33 -14.25
CA ILE A 213 23.85 2.54 -15.04
C ILE A 213 25.23 3.13 -15.40
N LYS A 214 26.10 3.27 -14.41
CA LYS A 214 27.46 3.75 -14.60
C LYS A 214 28.21 3.00 -15.72
N GLU A 215 27.99 1.70 -15.80
CA GLU A 215 28.69 0.83 -16.72
C GLU A 215 28.16 0.95 -18.16
N HIS A 216 27.07 1.68 -18.35
CA HIS A 216 26.46 1.77 -19.67
C HIS A 216 26.19 3.21 -20.10
N LEU A 217 26.83 4.16 -19.44
CA LEU A 217 26.60 5.57 -19.69
C LEU A 217 26.93 5.94 -21.13
N ASP A 218 27.88 5.21 -21.71
CA ASP A 218 28.27 5.39 -23.11
C ASP A 218 27.15 5.20 -24.12
N VAL A 219 26.15 4.39 -23.80
CA VAL A 219 25.00 4.23 -24.70
C VAL A 219 24.00 5.38 -24.55
N VAL A 220 24.03 6.00 -23.37
CA VAL A 220 23.11 7.10 -23.06
C VAL A 220 23.66 8.39 -23.67
N PHE A 221 24.98 8.50 -23.70
CA PHE A 221 25.61 9.67 -24.28
C PHE A 221 26.56 9.27 -25.42
N PRO A 222 26.02 8.83 -26.57
CA PRO A 222 26.86 8.34 -27.65
C PRO A 222 27.84 9.39 -28.19
N GLY A 223 27.41 10.63 -28.27
CA GLY A 223 28.27 11.69 -28.79
C GLY A 223 29.18 12.35 -27.78
N TYR A 224 29.54 11.62 -26.72
CA TYR A 224 30.45 12.15 -25.69
C TYR A 224 31.38 11.07 -25.20
N GLU A 225 32.49 11.51 -24.62
CA GLU A 225 33.38 10.66 -23.86
C GLU A 225 32.99 10.82 -22.39
N VAL A 226 32.39 9.78 -21.80
CA VAL A 226 31.90 9.84 -20.43
C VAL A 226 33.07 9.85 -19.45
N MSE A 227 33.28 10.99 -18.80
CA MSE A 227 34.48 11.18 -17.98
C MSE A 227 34.41 10.55 -16.61
O MSE A 227 35.34 9.88 -16.18
CB MSE A 227 34.83 12.67 -17.88
CG MSE A 227 34.96 13.32 -19.24
SE MSE A 227 36.55 12.79 -20.28
CE MSE A 227 36.28 10.90 -20.68
N ASP A 228 33.29 10.78 -15.93
CA ASP A 228 33.09 10.26 -14.61
C ASP A 228 31.62 10.46 -14.28
N SER A 229 31.14 9.69 -13.33
CA SER A 229 29.86 9.97 -12.71
C SER A 229 30.01 9.84 -11.20
N TYR A 230 29.12 10.53 -10.48
CA TYR A 230 29.15 10.56 -9.02
C TYR A 230 27.73 10.52 -8.49
N SER A 231 27.52 9.71 -7.46
CA SER A 231 26.20 9.58 -6.85
C SER A 231 25.98 10.78 -5.96
N ILE A 232 24.79 11.34 -6.06
CA ILE A 232 24.39 12.43 -5.19
C ILE A 232 23.04 12.13 -4.54
N LYS A 233 22.75 12.86 -3.47
CA LYS A 233 21.52 12.72 -2.70
C LYS A 233 21.29 14.05 -1.99
N VAL A 234 20.04 14.52 -2.00
CA VAL A 234 19.70 15.71 -1.25
C VAL A 234 18.59 15.36 -0.27
N SER A 235 18.72 15.79 0.98
CA SER A 235 17.57 15.77 1.90
C SER A 235 17.05 17.19 1.95
N ARG A 236 15.73 17.36 1.91
CA ARG A 236 15.14 18.69 2.13
C ARG A 236 13.92 18.67 3.04
N ASP A 237 13.53 19.85 3.53
CA ASP A 237 12.39 20.01 4.45
C ASP A 237 11.05 19.54 3.87
N ALA A 238 10.88 19.77 2.55
CA ALA A 238 9.80 19.20 1.74
C ALA A 238 10.16 19.32 0.25
N ASP A 239 9.57 18.47 -0.59
CA ASP A 239 9.84 18.52 -2.03
C ASP A 239 8.98 19.56 -2.74
N LEU A 240 9.53 20.76 -2.90
CA LEU A 240 8.82 21.86 -3.55
C LEU A 240 9.80 22.82 -4.22
N LEU A 241 9.30 23.63 -5.17
CA LEU A 241 10.09 24.74 -5.73
C LEU A 241 9.57 26.07 -5.20
N LEU A 242 10.48 27.00 -4.93
CA LEU A 242 10.09 28.36 -4.51
C LEU A 242 9.57 29.22 -5.67
N ASP A 243 8.66 30.13 -5.35
CA ASP A 243 8.02 31.01 -6.32
C ASP A 243 8.68 32.39 -6.30
N ALA A 244 9.12 32.85 -7.46
CA ALA A 244 9.75 34.16 -7.58
C ALA A 244 8.90 35.11 -8.45
N PRO A 266 16.95 22.59 1.36
CA PRO A 266 17.94 21.51 1.33
C PRO A 266 18.74 21.45 2.62
N THR A 267 18.33 20.58 3.55
CA THR A 267 19.05 20.42 4.83
C THR A 267 20.39 19.73 4.64
N ARG A 268 20.45 18.87 3.63
CA ARG A 268 21.63 18.08 3.34
C ARG A 268 21.82 18.00 1.84
N PHE A 269 23.07 18.06 1.39
CA PHE A 269 23.42 17.64 0.04
C PHE A 269 24.66 16.77 0.10
N MSE A 270 24.47 15.47 -0.13
CA MSE A 270 25.49 14.48 0.13
C MSE A 270 25.97 13.91 -1.19
O MSE A 270 25.18 13.68 -2.10
CB MSE A 270 24.88 13.38 1.00
CG MSE A 270 25.78 12.27 1.43
SE MSE A 270 24.60 10.94 2.21
CE MSE A 270 25.81 9.42 2.44
N TYR A 271 27.28 13.71 -1.31
CA TYR A 271 27.85 13.25 -2.58
C TYR A 271 29.10 12.44 -2.38
N ASP A 272 29.39 11.58 -3.36
CA ASP A 272 30.58 10.75 -3.38
C ASP A 272 31.83 11.62 -3.42
N GLY A 273 32.64 11.50 -2.38
CA GLY A 273 33.79 12.38 -2.12
C GLY A 273 34.84 12.56 -3.20
N ARG A 274 34.87 11.63 -4.17
CA ARG A 274 35.76 11.74 -5.31
C ARG A 274 35.36 12.91 -6.22
N MSE A 275 34.21 13.53 -5.94
CA MSE A 275 33.65 14.57 -6.80
C MSE A 275 34.41 15.87 -6.63
O MSE A 275 34.55 16.36 -5.51
CB MSE A 275 32.19 14.81 -6.45
CG MSE A 275 31.34 15.17 -7.64
SE MSE A 275 29.59 15.87 -7.13
CE MSE A 275 28.55 15.35 -8.66
N PRO A 276 34.93 16.42 -7.74
CA PRO A 276 35.54 17.75 -7.76
C PRO A 276 34.51 18.84 -7.46
N ASP A 277 34.98 19.96 -6.91
CA ASP A 277 34.05 21.03 -6.50
C ASP A 277 33.46 21.80 -7.68
N GLU A 278 34.17 21.79 -8.81
CA GLU A 278 33.67 22.43 -10.02
C GLU A 278 32.29 21.89 -10.40
N VAL A 279 32.15 20.57 -10.31
CA VAL A 279 30.88 19.92 -10.62
C VAL A 279 29.86 20.10 -9.49
N LEU A 280 30.36 20.25 -8.26
CA LEU A 280 29.49 20.61 -7.14
C LEU A 280 28.86 21.96 -7.42
N ARG A 281 29.71 22.96 -7.62
CA ARG A 281 29.24 24.30 -7.91
C ARG A 281 28.55 24.38 -9.27
N TYR A 282 28.57 23.27 -10.00
CA TYR A 282 27.80 23.19 -11.23
C TYR A 282 26.35 22.78 -10.98
N ILE A 283 26.11 21.98 -9.94
CA ILE A 283 24.74 21.73 -9.52
C ILE A 283 24.31 22.79 -8.50
N CYS A 284 25.30 23.43 -7.89
CA CYS A 284 25.05 24.60 -7.04
C CYS A 284 24.77 25.84 -7.90
N SER A 285 25.16 25.77 -9.17
CA SER A 285 24.89 26.82 -10.15
C SER A 285 23.38 27.02 -10.35
N SER A 286 22.59 26.03 -9.96
CA SER A 286 21.13 26.08 -10.06
C SER A 286 20.43 26.00 -8.70
N CYS A 287 21.19 25.77 -7.63
CA CYS A 287 20.62 25.49 -6.30
C CYS A 287 20.94 26.50 -5.19
N ASP A 288 21.92 27.38 -5.42
CA ASP A 288 22.36 28.40 -4.45
C ASP A 288 22.81 27.80 -3.12
N ILE A 289 23.54 26.68 -3.18
CA ILE A 289 23.85 25.91 -1.98
C ILE A 289 25.31 26.03 -1.50
N ASP A 290 25.49 26.71 -0.36
CA ASP A 290 26.82 26.91 0.25
C ASP A 290 27.46 25.58 0.68
N PRO A 291 28.81 25.52 0.69
CA PRO A 291 29.52 24.28 1.10
C PRO A 291 29.27 23.83 2.55
N GLU A 292 28.27 24.43 3.20
CA GLU A 292 27.88 24.09 4.56
C GLU A 292 26.97 22.86 4.60
N GLU A 293 26.00 22.82 3.68
CA GLU A 293 25.07 21.70 3.57
C GLU A 293 25.66 20.52 2.78
N ALA A 294 26.72 20.81 2.03
CA ALA A 294 27.40 19.79 1.22
C ALA A 294 28.33 18.93 2.07
N ILE A 295 28.02 17.64 2.14
CA ILE A 295 28.83 16.68 2.89
C ILE A 295 29.37 15.63 1.94
N ARG A 296 30.68 15.63 1.72
CA ARG A 296 31.28 14.58 0.92
C ARG A 296 31.35 13.28 1.71
N SER A 297 30.84 12.21 1.11
CA SER A 297 30.81 10.92 1.77
C SER A 297 31.31 9.82 0.84
N GLY A 298 30.96 8.58 1.19
CA GLY A 298 31.45 7.41 0.48
C GLY A 298 30.85 7.20 -0.88
N ASN A 299 31.12 6.05 -1.45
CA ASN A 299 30.85 5.80 -2.86
C ASN A 299 29.41 5.37 -3.18
N TYR A 300 28.68 4.90 -2.16
CA TYR A 300 27.25 4.57 -2.29
C TYR A 300 26.43 5.35 -1.27
N VAL A 301 25.35 5.99 -1.73
CA VAL A 301 24.50 6.78 -0.85
C VAL A 301 23.09 6.20 -0.72
N ASN A 302 22.33 6.76 0.21
CA ASN A 302 20.98 6.30 0.51
C ASN A 302 20.96 4.86 0.95
N LEU A 303 21.88 4.51 1.83
CA LEU A 303 22.10 3.13 2.19
C LEU A 303 21.05 2.54 3.14
N GLN A 304 19.96 3.26 3.37
CA GLN A 304 18.87 2.71 4.15
C GLN A 304 18.19 1.63 3.32
N ASP A 305 18.49 1.65 2.02
CA ASP A 305 18.05 0.61 1.08
C ASP A 305 18.72 -0.72 1.36
N LEU A 306 19.69 -0.76 2.27
CA LEU A 306 20.30 -2.03 2.66
C LEU A 306 19.26 -2.98 3.23
N ALA A 307 18.18 -2.42 3.79
CA ALA A 307 17.06 -3.19 4.29
C ALA A 307 16.40 -4.03 3.19
N MSE A 308 16.70 -3.68 1.94
CA MSE A 308 16.16 -4.37 0.77
C MSE A 308 17.13 -5.39 0.17
O MSE A 308 16.83 -6.01 -0.83
CB MSE A 308 15.78 -3.37 -0.32
CG MSE A 308 14.54 -2.53 -0.04
SE MSE A 308 12.98 -3.61 0.45
CE MSE A 308 12.63 -4.53 -1.23
N LEU A 309 18.31 -5.52 0.77
CA LEU A 309 19.27 -6.50 0.27
C LEU A 309 18.72 -7.87 0.60
N PRO A 310 18.50 -8.69 -0.42
CA PRO A 310 17.95 -10.01 -0.19
C PRO A 310 18.92 -10.91 0.55
N ASN A 311 18.40 -11.75 1.44
CA ASN A 311 19.14 -12.86 2.00
C ASN A 311 18.68 -14.15 1.33
N PRO A 312 19.43 -14.61 0.31
CA PRO A 312 19.09 -15.84 -0.41
C PRO A 312 19.30 -17.11 0.41
N PHE A 313 19.68 -16.99 1.67
CA PHE A 313 19.73 -18.18 2.53
C PHE A 313 18.61 -18.20 3.54
N ALA A 314 17.40 -17.98 3.04
CA ALA A 314 16.16 -18.00 3.79
C ALA A 314 16.36 -17.68 5.27
N PRO A 315 16.15 -18.66 6.20
CA PRO A 315 16.12 -18.26 7.62
C PRO A 315 17.50 -18.22 8.27
N ARG A 316 18.52 -18.62 7.53
CA ARG A 316 19.88 -18.62 8.00
C ARG A 316 20.44 -17.21 7.85
N LEU A 317 21.61 -16.95 8.41
CA LEU A 317 22.23 -15.61 8.45
C LEU A 317 21.44 -14.49 9.17
N GLU A 318 20.48 -14.87 10.03
CA GLU A 318 19.59 -13.92 10.73
C GLU A 318 18.95 -14.55 11.97
N THR A 319 18.96 -13.84 13.10
CA THR A 319 18.42 -14.40 14.34
C THR A 319 16.95 -14.74 14.16
N LEU A 320 16.61 -15.98 14.47
CA LEU A 320 15.24 -16.43 14.41
C LEU A 320 14.51 -15.98 15.66
N THR A 321 13.48 -15.16 15.49
CA THR A 321 12.68 -14.73 16.62
C THR A 321 11.70 -15.84 17.03
N PRO A 322 11.61 -16.12 18.34
CA PRO A 322 10.83 -17.26 18.83
C PRO A 322 9.33 -17.10 18.66
N GLU A 323 8.62 -18.21 18.85
CA GLU A 323 7.20 -18.26 18.69
C GLU A 323 6.56 -17.55 19.84
N PRO A 324 5.69 -16.58 19.56
CA PRO A 324 5.04 -15.80 20.60
C PRO A 324 4.13 -16.63 21.50
N LEU A 325 4.37 -16.49 22.80
CA LEU A 325 3.66 -17.15 23.86
C LEU A 325 2.20 -16.76 23.98
N LEU A 326 1.42 -17.65 24.59
CA LEU A 326 0.07 -17.31 24.99
C LEU A 326 0.02 -17.33 26.51
N SER A 327 -1.07 -16.79 27.04
CA SER A 327 -1.40 -16.97 28.45
C SER A 327 -2.32 -18.18 28.53
N LYS A 328 -1.84 -19.26 29.17
CA LYS A 328 -2.63 -20.49 29.37
C LYS A 328 -3.89 -20.18 30.16
N HIS A 329 -3.73 -19.39 31.22
CA HIS A 329 -4.82 -18.98 32.10
C HIS A 329 -5.95 -18.34 31.32
N LEU A 330 -5.62 -17.26 30.61
CA LEU A 330 -6.57 -16.63 29.69
C LEU A 330 -7.21 -17.63 28.73
N GLU A 331 -6.38 -18.48 28.13
CA GLU A 331 -6.84 -19.43 27.14
C GLU A 331 -7.82 -20.45 27.70
N GLN A 332 -7.74 -20.72 29.00
CA GLN A 332 -8.59 -21.75 29.58
C GLN A 332 -9.82 -21.21 30.30
N ALA A 333 -10.02 -19.90 30.24
CA ALA A 333 -11.26 -19.27 30.69
C ALA A 333 -12.39 -19.52 29.67
N PRO A 334 -13.67 -19.43 30.10
CA PRO A 334 -14.78 -19.70 29.17
C PRO A 334 -14.86 -18.73 28.00
N SER A 335 -14.43 -17.49 28.23
CA SER A 335 -14.25 -16.51 27.17
C SER A 335 -13.25 -15.50 27.68
N LEU A 336 -12.62 -14.80 26.74
CA LEU A 336 -11.57 -13.83 27.08
C LEU A 336 -12.06 -12.74 28.02
N MSE A 337 -13.26 -12.22 27.76
CA MSE A 337 -13.82 -11.20 28.63
C MSE A 337 -14.09 -11.72 30.03
O MSE A 337 -13.99 -10.98 31.00
CB MSE A 337 -15.11 -10.65 28.06
CG MSE A 337 -14.96 -10.09 26.70
SE MSE A 337 -16.69 -9.57 26.09
CE MSE A 337 -16.72 -7.77 26.80
N GLU A 338 -14.44 -12.99 30.12
CA GLU A 338 -14.62 -13.62 31.40
C GLU A 338 -13.31 -13.64 32.14
N GLY A 339 -12.24 -14.02 31.45
CA GLY A 339 -10.89 -14.03 32.02
C GLY A 339 -10.47 -12.71 32.66
N ILE A 340 -10.67 -11.60 31.93
CA ILE A 340 -10.26 -10.28 32.43
C ILE A 340 -11.17 -9.81 33.57
N ARG A 341 -12.43 -10.26 33.55
CA ARG A 341 -13.41 -9.95 34.60
C ARG A 341 -12.94 -10.55 35.91
N ARG A 342 -12.32 -11.72 35.82
CA ARG A 342 -11.84 -12.45 36.99
CA ARG A 342 -11.81 -12.48 36.96
C ARG A 342 -10.47 -11.97 37.46
N LYS A 343 -9.60 -11.56 36.54
CA LYS A 343 -8.22 -11.22 36.88
C LYS A 343 -7.60 -10.22 35.91
N ASP A 344 -6.59 -9.49 36.37
CA ASP A 344 -5.79 -8.62 35.53
C ASP A 344 -4.78 -9.43 34.76
N TYR A 345 -4.45 -8.95 33.57
CA TYR A 345 -3.43 -9.57 32.75
C TYR A 345 -2.40 -8.53 32.26
N LEU A 346 -1.16 -8.98 32.12
CA LEU A 346 -0.10 -8.17 31.59
C LEU A 346 0.39 -8.88 30.36
N ILE A 347 0.38 -8.19 29.23
CA ILE A 347 0.89 -8.79 28.01
C ILE A 347 2.11 -8.03 27.53
N HIS A 348 3.21 -8.76 27.38
CA HIS A 348 4.47 -8.19 26.97
C HIS A 348 4.75 -8.62 25.56
N VAL A 349 4.62 -7.69 24.63
CA VAL A 349 4.79 -8.08 23.25
C VAL A 349 6.11 -7.75 22.66
N PRO A 350 6.71 -8.78 22.10
CA PRO A 350 6.83 -9.61 20.93
C PRO A 350 6.67 -10.99 21.57
N TYR A 351 7.11 -11.11 22.84
CA TYR A 351 7.10 -12.32 23.66
C TYR A 351 5.73 -13.03 23.71
N TYR A 352 4.67 -12.25 23.89
CA TYR A 352 3.31 -12.74 23.76
C TYR A 352 2.79 -12.26 22.42
N THR A 353 1.67 -12.86 21.94
CA THR A 353 1.03 -12.40 20.70
C THR A 353 0.45 -11.02 20.84
N TYR A 354 0.13 -10.45 19.70
CA TYR A 354 -0.61 -9.22 19.62
C TYR A 354 -2.11 -9.51 19.61
N ASP A 355 -2.45 -10.78 19.46
CA ASP A 355 -3.81 -11.21 19.13
C ASP A 355 -4.90 -10.94 20.17
N TYR A 356 -4.53 -10.71 21.41
CA TYR A 356 -5.52 -10.57 22.45
C TYR A 356 -6.39 -9.34 22.32
N VAL A 357 -5.82 -8.24 21.85
CA VAL A 357 -6.59 -7.01 21.69
C VAL A 357 -7.74 -7.20 20.69
N VAL A 358 -7.43 -7.73 19.50
CA VAL A 358 -8.45 -7.89 18.47
C VAL A 358 -9.45 -9.04 18.76
N ARG A 359 -8.95 -10.16 19.26
CA ARG A 359 -9.76 -11.26 19.80
C ARG A 359 -10.81 -10.75 20.80
N LEU A 360 -10.34 -9.94 21.76
CA LEU A 360 -11.20 -9.33 22.74
C LEU A 360 -12.22 -8.45 22.06
N LEU A 361 -11.73 -7.57 21.18
CA LEU A 361 -12.62 -6.73 20.39
C LEU A 361 -13.67 -7.54 19.66
N MSE A 362 -13.28 -8.70 19.12
CA MSE A 362 -14.21 -9.56 18.40
C MSE A 362 -15.23 -10.21 19.32
O MSE A 362 -16.40 -10.33 18.96
CB MSE A 362 -13.47 -10.61 17.60
CG MSE A 362 -12.80 -10.08 16.36
SE MSE A 362 -11.87 -11.52 15.41
CE MSE A 362 -10.20 -11.61 16.38
N GLU A 363 -14.79 -10.63 20.50
CA GLU A 363 -15.73 -11.15 21.51
C GLU A 363 -16.77 -10.08 21.75
N ALA A 364 -16.29 -8.89 22.12
CA ALA A 364 -17.15 -7.74 22.42
C ALA A 364 -18.11 -7.39 21.29
N ALA A 365 -17.70 -7.68 20.06
CA ALA A 365 -18.50 -7.32 18.89
C ALA A 365 -19.84 -8.04 18.92
N ILE A 366 -19.81 -9.35 19.14
CA ILE A 366 -21.03 -10.16 19.10
C ILE A 366 -21.65 -10.44 20.48
N SER A 367 -21.17 -9.76 21.51
CA SER A 367 -21.74 -9.92 22.85
C SER A 367 -22.90 -8.96 23.12
N PRO A 368 -24.07 -9.52 23.48
CA PRO A 368 -25.24 -8.79 23.95
C PRO A 368 -24.98 -7.82 25.12
N ASP A 369 -23.99 -8.12 25.96
CA ASP A 369 -23.73 -7.34 27.17
C ASP A 369 -23.05 -5.99 26.92
N VAL A 370 -22.41 -5.83 25.77
CA VAL A 370 -21.59 -4.65 25.50
C VAL A 370 -22.43 -3.50 24.93
N SER A 371 -22.33 -2.34 25.57
CA SER A 371 -22.98 -1.15 25.09
C SER A 371 -22.05 -0.40 24.16
N GLU A 372 -20.82 -0.15 24.61
CA GLU A 372 -19.89 0.60 23.77
C GLU A 372 -18.42 0.22 23.83
N ILE A 373 -17.71 0.54 22.74
CA ILE A 373 -16.27 0.35 22.62
C ILE A 373 -15.66 1.69 22.23
N ARG A 374 -14.59 2.07 22.91
CA ARG A 374 -13.92 3.34 22.68
C ARG A 374 -12.43 3.11 22.71
N LEU A 375 -11.73 3.60 21.70
CA LEU A 375 -10.26 3.49 21.69
C LEU A 375 -9.50 4.65 21.03
N THR A 376 -8.21 4.72 21.34
CA THR A 376 -7.36 5.69 20.72
C THR A 376 -6.61 5.00 19.58
N GLN A 377 -6.18 5.79 18.59
CA GLN A 377 -5.43 5.30 17.43
C GLN A 377 -4.53 6.41 16.90
N TYR A 378 -3.26 6.10 16.61
CA TYR A 378 -2.34 7.11 16.06
C TYR A 378 -2.89 7.76 14.79
N ARG A 379 -3.13 6.93 13.78
CA ARG A 379 -3.81 7.34 12.55
C ARG A 379 -4.92 6.38 12.21
N VAL A 380 -5.86 6.84 11.38
CA VAL A 380 -6.69 5.93 10.59
C VAL A 380 -6.34 6.14 9.11
N ALA A 381 -5.57 5.20 8.56
CA ALA A 381 -5.12 5.29 7.18
C ALA A 381 -5.10 3.91 6.51
N GLU A 382 -4.65 2.90 7.25
CA GLU A 382 -4.57 1.54 6.76
C GLU A 382 -5.74 0.76 7.30
N ASN A 383 -6.15 -0.24 6.55
CA ASN A 383 -7.06 -1.27 7.01
C ASN A 383 -6.39 -2.11 8.07
N SER A 384 -7.15 -2.57 9.06
CA SER A 384 -6.64 -3.52 10.05
C SER A 384 -7.74 -4.37 10.70
N SER A 385 -7.33 -5.54 11.18
CA SER A 385 -8.14 -6.42 12.04
C SER A 385 -8.94 -5.68 13.09
N ILE A 386 -8.26 -4.78 13.79
CA ILE A 386 -8.90 -3.94 14.76
C ILE A 386 -10.03 -3.11 14.13
N ILE A 387 -9.74 -2.40 13.03
CA ILE A 387 -10.80 -1.67 12.30
C ILE A 387 -11.97 -2.62 11.96
N SER A 388 -11.62 -3.81 11.48
CA SER A 388 -12.61 -4.78 11.10
C SER A 388 -13.47 -5.22 12.27
N ALA A 389 -12.84 -5.55 13.39
CA ALA A 389 -13.57 -5.94 14.59
C ALA A 389 -14.47 -4.79 15.03
N LEU A 390 -13.96 -3.56 14.93
CA LEU A 390 -14.72 -2.38 15.31
C LEU A 390 -15.91 -2.15 14.37
N GLU A 391 -15.69 -2.33 13.07
CA GLU A 391 -16.76 -2.19 12.09
C GLU A 391 -17.91 -3.17 12.39
N ALA A 392 -17.56 -4.44 12.61
CA ALA A 392 -18.53 -5.45 13.04
C ALA A 392 -19.36 -4.98 14.24
N ALA A 393 -18.70 -4.39 15.21
CA ALA A 393 -19.36 -3.95 16.44
C ALA A 393 -20.32 -2.82 16.16
N ALA A 394 -19.89 -1.87 15.34
CA ALA A 394 -20.73 -0.71 15.01
C ALA A 394 -21.94 -1.12 14.17
N GLN A 395 -21.74 -2.16 13.36
CA GLN A 395 -22.83 -2.74 12.58
C GLN A 395 -23.74 -3.57 13.45
N SER A 396 -23.22 -4.07 14.57
CA SER A 396 -24.02 -4.76 15.57
C SER A 396 -24.70 -3.78 16.51
N GLY A 397 -24.72 -2.51 16.15
CA GLY A 397 -25.50 -1.50 16.88
C GLY A 397 -24.80 -0.83 18.06
N LYS A 398 -23.62 -1.33 18.42
CA LYS A 398 -22.92 -0.86 19.61
C LYS A 398 -22.24 0.47 19.32
N LYS A 399 -22.24 1.36 20.31
CA LYS A 399 -21.57 2.66 20.19
C LYS A 399 -20.05 2.53 20.02
N VAL A 400 -19.52 2.98 18.89
CA VAL A 400 -18.08 2.84 18.62
C VAL A 400 -17.40 4.19 18.33
N SER A 401 -16.50 4.61 19.22
CA SER A 401 -15.75 5.85 19.02
C SER A 401 -14.26 5.60 18.85
N VAL A 402 -13.63 6.31 17.91
CA VAL A 402 -12.17 6.25 17.75
C VAL A 402 -11.57 7.65 17.83
N PHE A 403 -10.72 7.87 18.83
CA PHE A 403 -10.05 9.14 19.04
C PHE A 403 -8.68 9.10 18.44
N VAL A 404 -8.47 9.93 17.42
CA VAL A 404 -7.26 9.88 16.60
C VAL A 404 -6.42 11.13 16.80
N GLU A 405 -5.16 10.92 17.20
CA GLU A 405 -4.26 12.03 17.54
C GLU A 405 -3.69 12.85 16.38
N LEU A 406 -4.08 12.52 15.14
CA LEU A 406 -3.47 13.18 13.99
C LEU A 406 -4.04 14.56 13.66
N LYS A 407 -3.60 15.11 12.52
CA LYS A 407 -3.49 16.55 12.33
C LYS A 407 -4.53 17.21 11.40
N ALA A 408 -4.30 18.50 11.15
CA ALA A 408 -5.04 19.31 10.20
C ALA A 408 -4.87 18.72 8.80
N ARG A 409 -3.69 18.93 8.21
CA ARG A 409 -3.35 18.32 6.91
C ARG A 409 -2.34 17.17 7.06
N PHE A 410 -2.91 15.99 7.30
CA PHE A 410 -2.25 14.71 7.59
C PHE A 410 -1.03 14.41 6.73
N ASN A 415 -7.63 6.44 3.26
CA ASN A 415 -7.89 7.38 4.35
C ASN A 415 -9.33 7.92 4.29
N LEU A 416 -9.57 8.81 3.34
CA LEU A 416 -10.87 9.42 3.16
C LEU A 416 -11.95 8.36 2.92
N ARG A 417 -11.66 7.43 2.01
CA ARG A 417 -12.57 6.34 1.71
C ARG A 417 -12.73 5.40 2.91
N LEU A 418 -11.62 5.14 3.62
CA LEU A 418 -11.63 4.24 4.77
C LEU A 418 -12.43 4.81 5.95
N SER A 419 -12.28 6.12 6.19
CA SER A 419 -13.02 6.78 7.27
C SER A 419 -14.52 6.83 6.97
N GLU A 420 -14.85 7.03 5.70
CA GLU A 420 -16.24 7.10 5.32
C GLU A 420 -16.85 5.71 5.43
N ARG A 421 -16.05 4.68 5.13
CA ARG A 421 -16.54 3.32 5.24
C ARG A 421 -16.84 3.02 6.70
N MSE A 422 -15.97 3.50 7.58
CA MSE A 422 -16.13 3.28 9.02
C MSE A 422 -17.34 4.02 9.58
O MSE A 422 -18.10 3.45 10.37
CB MSE A 422 -14.88 3.67 9.77
CG MSE A 422 -13.70 2.76 9.52
SE MSE A 422 -12.04 3.61 10.10
CE MSE A 422 -12.30 3.51 12.03
N ARG A 423 -17.49 5.29 9.19
CA ARG A 423 -18.62 6.10 9.61
C ARG A 423 -19.94 5.46 9.15
N ARG A 424 -19.92 4.98 7.91
CA ARG A 424 -21.03 4.26 7.31
C ARG A 424 -21.33 3.01 8.13
N SER A 425 -20.28 2.36 8.61
CA SER A 425 -20.47 1.17 9.44
C SER A 425 -21.08 1.56 10.77
N GLY A 426 -21.03 2.85 11.10
CA GLY A 426 -21.63 3.35 12.34
C GLY A 426 -20.61 3.85 13.34
N ILE A 427 -19.33 3.60 13.07
CA ILE A 427 -18.23 4.10 13.89
C ILE A 427 -18.16 5.64 13.89
N ARG A 428 -17.75 6.22 15.01
CA ARG A 428 -17.51 7.66 15.08
C ARG A 428 -16.02 7.93 15.23
N ILE A 429 -15.53 8.92 14.49
CA ILE A 429 -14.11 9.25 14.51
C ILE A 429 -13.95 10.70 14.94
N VAL A 430 -13.34 10.92 16.10
CA VAL A 430 -13.08 12.29 16.53
C VAL A 430 -11.59 12.60 16.62
N TYR A 431 -11.22 13.75 16.07
CA TYR A 431 -9.84 14.21 15.97
CA TYR A 431 -9.82 14.14 16.00
C TYR A 431 -9.49 15.12 17.13
N SER A 432 -8.19 15.24 17.42
CA SER A 432 -7.70 16.21 18.36
C SER A 432 -7.54 17.51 17.58
N MSE A 433 -8.47 18.44 17.76
CA MSE A 433 -8.31 19.78 17.21
C MSE A 433 -7.27 20.53 18.05
O MSE A 433 -7.35 20.52 19.27
CB MSE A 433 -9.66 20.53 17.13
CG MSE A 433 -10.82 19.89 17.87
SE MSE A 433 -10.65 19.91 19.82
CE MSE A 433 -10.64 17.98 20.19
N PRO A 434 -6.27 21.16 17.37
CA PRO A 434 -5.02 21.78 17.86
C PRO A 434 -4.93 22.16 19.34
N GLY A 435 -3.81 21.79 19.97
CA GLY A 435 -3.55 22.12 21.38
C GLY A 435 -3.11 20.93 22.19
N LEU A 436 -4.03 19.98 22.37
CA LEU A 436 -3.71 18.70 22.95
C LEU A 436 -3.90 17.60 21.90
N LYS A 437 -2.82 16.93 21.52
CA LYS A 437 -2.97 15.75 20.69
C LYS A 437 -2.92 14.53 21.62
N VAL A 438 -3.83 13.59 21.42
CA VAL A 438 -3.99 12.49 22.36
C VAL A 438 -2.99 11.38 22.06
N HIS A 439 -1.96 11.29 22.87
CA HIS A 439 -0.94 10.30 22.70
C HIS A 439 -1.28 9.03 23.49
N ALA A 440 -2.24 9.15 24.40
CA ALA A 440 -2.71 8.03 25.23
C ALA A 440 -3.02 6.76 24.42
N LYS A 441 -2.68 5.61 24.97
CA LYS A 441 -2.86 4.33 24.28
C LYS A 441 -3.84 3.43 25.04
N THR A 442 -5.12 3.77 24.97
CA THR A 442 -6.15 3.06 25.75
C THR A 442 -7.31 2.57 24.89
N ALA A 443 -7.88 1.43 25.28
CA ALA A 443 -9.16 0.97 24.73
C ALA A 443 -10.14 0.75 25.88
N LEU A 444 -11.43 0.71 25.56
CA LEU A 444 -12.45 0.63 26.60
C LEU A 444 -13.66 -0.11 26.13
N ILE A 445 -14.00 -1.18 26.83
CA ILE A 445 -15.23 -1.92 26.53
C ILE A 445 -16.19 -1.73 27.70
N LEU A 446 -17.38 -1.20 27.42
CA LEU A 446 -18.36 -0.92 28.48
C LEU A 446 -19.59 -1.86 28.41
N TYR A 447 -19.96 -2.37 29.57
CA TYR A 447 -21.12 -3.23 29.68
C TYR A 447 -22.37 -2.40 29.89
N HIS A 448 -23.53 -2.96 29.51
CA HIS A 448 -24.81 -2.38 29.89
C HIS A 448 -24.94 -2.45 31.40
N THR A 449 -25.26 -1.32 32.01
CA THR A 449 -25.45 -1.21 33.46
C THR A 449 -26.66 -0.33 33.71
N PRO A 450 -27.39 -0.58 34.82
CA PRO A 450 -28.58 0.15 35.28
C PRO A 450 -28.80 1.60 34.78
N ALA A 451 -28.32 2.61 35.51
CA ALA A 451 -28.63 4.01 35.18
C ALA A 451 -27.60 4.97 35.76
N GLY A 452 -27.67 5.17 37.08
CA GLY A 452 -26.69 5.96 37.80
C GLY A 452 -25.60 5.07 38.36
N GLU A 453 -25.55 3.83 37.88
CA GLU A 453 -24.60 2.82 38.33
C GLU A 453 -23.18 3.12 37.86
N ARG A 454 -22.20 2.52 38.53
CA ARG A 454 -20.82 2.53 38.06
C ARG A 454 -20.77 1.83 36.71
N PRO A 455 -20.04 2.42 35.75
CA PRO A 455 -19.76 1.74 34.49
C PRO A 455 -18.99 0.47 34.78
N GLN A 456 -19.32 -0.60 34.09
CA GLN A 456 -18.64 -1.86 34.28
C GLN A 456 -18.03 -2.24 32.95
N GLY A 457 -16.89 -2.92 32.98
CA GLY A 457 -16.24 -3.31 31.74
C GLY A 457 -14.76 -3.61 31.80
N ILE A 458 -14.09 -3.35 30.69
CA ILE A 458 -12.68 -3.70 30.53
C ILE A 458 -11.90 -2.49 30.00
N ALA A 459 -10.81 -2.17 30.66
CA ALA A 459 -9.91 -1.15 30.17
C ALA A 459 -8.63 -1.83 29.70
N LEU A 460 -8.17 -1.44 28.51
CA LEU A 460 -6.87 -1.86 27.99
C LEU A 460 -5.98 -0.64 27.94
N LEU A 461 -4.82 -0.71 28.60
CA LEU A 461 -3.84 0.40 28.64
C LEU A 461 -2.45 -0.07 28.27
N SER A 462 -1.69 0.78 27.59
CA SER A 462 -0.52 0.29 26.89
C SER A 462 0.59 1.31 26.71
N THR A 463 1.81 0.80 26.59
CA THR A 463 2.99 1.64 26.35
C THR A 463 3.18 1.98 24.88
N GLY A 464 2.53 1.23 24.00
CA GLY A 464 2.49 1.57 22.58
C GLY A 464 1.17 1.24 21.91
N ASN A 465 1.15 1.30 20.59
CA ASN A 465 -0.06 1.06 19.79
C ASN A 465 -0.44 -0.41 19.73
N PHE A 466 -1.74 -0.69 19.56
CA PHE A 466 -2.24 -2.07 19.55
C PHE A 466 -2.00 -2.70 18.18
N ASN A 467 -2.06 -1.85 17.17
CA ASN A 467 -1.88 -2.24 15.78
C ASN A 467 -0.40 -2.39 15.44
N GLU A 468 0.06 -3.62 15.27
CA GLU A 468 1.43 -3.88 14.82
C GLU A 468 1.58 -3.64 13.30
N THR A 469 2.26 -2.56 12.93
CA THR A 469 2.35 -2.16 11.51
C THR A 469 3.72 -1.63 11.11
N THR A 470 4.76 -2.27 11.63
CA THR A 470 6.13 -1.84 11.39
C THR A 470 7.02 -3.05 11.12
N ALA A 471 8.11 -2.86 10.39
CA ALA A 471 9.02 -3.97 10.08
C ALA A 471 9.93 -4.28 11.26
N ARG A 472 10.34 -3.24 11.95
CA ARG A 472 11.01 -3.36 13.24
C ARG A 472 9.99 -3.85 14.27
N ILE A 473 10.42 -4.79 15.10
CA ILE A 473 9.56 -5.30 16.14
C ILE A 473 9.69 -4.44 17.38
N TYR A 474 8.54 -4.03 17.94
CA TYR A 474 8.48 -3.20 19.14
C TYR A 474 8.23 -4.04 20.38
N SER A 475 9.05 -3.84 21.41
CA SER A 475 8.74 -4.36 22.72
C SER A 475 7.81 -3.34 23.40
N ASP A 476 6.67 -3.80 23.90
CA ASP A 476 5.70 -2.94 24.59
C ASP A 476 4.96 -3.70 25.67
N THR A 477 4.27 -2.97 26.54
CA THR A 477 3.56 -3.58 27.64
C THR A 477 2.09 -3.13 27.74
N THR A 478 1.20 -4.11 27.87
CA THR A 478 -0.24 -3.86 27.89
C THR A 478 -0.88 -4.45 29.14
N LEU A 479 -1.64 -3.61 29.85
CA LEU A 479 -2.43 -4.03 30.99
C LEU A 479 -3.88 -4.22 30.58
N MSE A 480 -4.48 -5.32 30.99
CA MSE A 480 -5.89 -5.55 30.75
C MSE A 480 -6.58 -5.75 32.08
O MSE A 480 -6.26 -6.68 32.82
CB MSE A 480 -6.08 -6.75 29.83
CG MSE A 480 -5.47 -6.49 28.46
SE MSE A 480 -5.49 -7.99 27.23
CE MSE A 480 -7.28 -7.82 26.49
N THR A 481 -7.51 -4.85 32.41
CA THR A 481 -8.09 -4.81 33.75
C THR A 481 -9.59 -4.58 33.71
N ALA A 482 -10.27 -5.14 34.71
CA ALA A 482 -11.71 -4.94 34.84
C ALA A 482 -11.96 -4.11 36.07
N ASN A 483 -10.87 -3.71 36.71
CA ASN A 483 -10.89 -2.90 37.91
C ASN A 483 -11.84 -1.72 37.79
N THR A 484 -12.73 -1.57 38.76
CA THR A 484 -13.82 -0.60 38.64
C THR A 484 -13.32 0.85 38.74
N ASP A 485 -12.21 1.09 39.43
CA ASP A 485 -11.65 2.44 39.50
C ASP A 485 -10.98 2.86 38.20
N ILE A 486 -10.19 1.94 37.62
CA ILE A 486 -9.54 2.19 36.34
C ILE A 486 -10.61 2.32 35.26
N VAL A 487 -11.55 1.38 35.25
CA VAL A 487 -12.52 1.31 34.14
C VAL A 487 -13.34 2.59 34.15
N HIS A 488 -13.48 3.17 35.33
CA HIS A 488 -14.27 4.38 35.47
C HIS A 488 -13.43 5.58 35.02
N ASP A 489 -12.15 5.53 35.33
CA ASP A 489 -11.23 6.59 35.00
C ASP A 489 -11.08 6.73 33.50
N VAL A 490 -10.92 5.58 32.85
CA VAL A 490 -10.85 5.52 31.39
C VAL A 490 -12.18 5.98 30.81
N TYR A 491 -13.27 5.49 31.40
CA TYR A 491 -14.61 5.94 31.04
C TYR A 491 -14.70 7.46 31.03
N ARG A 492 -14.29 8.05 32.15
CA ARG A 492 -14.30 9.49 32.33
C ARG A 492 -13.37 10.18 31.36
N LEU A 493 -12.20 9.60 31.14
CA LEU A 493 -11.23 10.17 30.19
C LEU A 493 -11.85 10.35 28.80
N PHE A 494 -12.52 9.31 28.30
CA PHE A 494 -13.06 9.39 26.95
C PHE A 494 -14.19 10.39 26.83
N ARG A 495 -14.95 10.58 27.90
CA ARG A 495 -16.02 11.56 27.88
C ARG A 495 -15.42 12.95 27.81
N ILE A 496 -14.37 13.17 28.60
CA ILE A 496 -13.62 14.41 28.53
C ILE A 496 -13.07 14.64 27.11
N LEU A 497 -12.45 13.63 26.51
CA LEU A 497 -11.97 13.76 25.13
C LEU A 497 -13.12 13.97 24.12
N ASP A 498 -14.30 13.45 24.45
CA ASP A 498 -15.48 13.64 23.61
C ASP A 498 -16.27 14.88 24.00
N GLY A 499 -15.66 15.78 24.77
CA GLY A 499 -16.27 17.07 25.10
C GLY A 499 -17.46 17.13 26.05
N ASP A 500 -17.78 16.01 26.70
CA ASP A 500 -18.88 15.95 27.65
C ASP A 500 -18.48 16.47 29.03
N PRO A 501 -19.45 17.02 29.77
CA PRO A 501 -19.13 17.46 31.15
C PRO A 501 -18.80 16.28 32.05
N GLU A 502 -17.68 16.39 32.75
CA GLU A 502 -17.19 15.38 33.70
C GLU A 502 -16.21 16.09 34.62
N PRO A 503 -16.25 15.76 35.92
CA PRO A 503 -15.28 16.33 36.86
C PRO A 503 -13.87 15.88 36.49
N ALA A 504 -12.89 16.79 36.57
CA ALA A 504 -11.52 16.46 36.17
C ALA A 504 -10.76 15.70 37.28
N ARG A 505 -11.22 14.49 37.58
CA ARG A 505 -10.78 13.76 38.77
C ARG A 505 -10.71 12.27 38.50
N PHE A 506 -9.55 11.67 38.77
CA PHE A 506 -9.37 10.24 38.54
C PHE A 506 -8.95 9.50 39.81
N SER A 507 -9.41 8.26 39.96
CA SER A 507 -9.14 7.45 41.17
C SER A 507 -7.71 6.90 41.22
N ARG A 508 -7.27 6.32 40.12
CA ARG A 508 -5.97 5.65 40.10
C ARG A 508 -5.18 6.07 38.88
N LEU A 509 -5.89 6.47 37.83
CA LEU A 509 -5.28 6.82 36.55
C LEU A 509 -4.52 8.14 36.62
N LEU A 510 -3.45 8.24 35.84
CA LEU A 510 -2.74 9.51 35.72
C LEU A 510 -2.83 10.06 34.32
N VAL A 511 -3.46 11.23 34.18
CA VAL A 511 -3.58 11.90 32.89
C VAL A 511 -2.79 13.21 32.84
N ALA A 512 -2.11 13.44 31.72
CA ALA A 512 -1.29 14.63 31.56
C ALA A 512 -2.18 15.86 31.45
N ARG A 513 -1.69 16.98 31.96
CA ARG A 513 -2.46 18.24 32.02
C ARG A 513 -3.61 18.12 33.02
N TYR A 514 -3.56 17.08 33.85
CA TYR A 514 -4.51 16.91 34.93
C TYR A 514 -3.78 16.57 36.23
N ASN A 515 -3.64 15.29 36.55
CA ASN A 515 -3.01 14.91 37.81
C ASN A 515 -1.59 14.39 37.70
N MSE A 516 -1.08 14.23 36.47
CA MSE A 516 0.18 13.51 36.27
C MSE A 516 1.45 14.21 36.77
O MSE A 516 2.33 13.56 37.33
CB MSE A 516 0.35 13.09 34.83
CG MSE A 516 1.46 12.07 34.67
SE MSE A 516 1.82 11.57 32.82
CE MSE A 516 2.64 13.23 32.17
N GLY A 517 1.53 15.52 36.56
CA GLY A 517 2.69 16.28 37.00
C GLY A 517 2.85 16.16 38.51
N GLU A 518 1.78 16.45 39.24
CA GLU A 518 1.77 16.37 40.69
C GLU A 518 2.18 14.99 41.14
N ALA A 519 1.56 13.98 40.53
CA ALA A 519 1.78 12.59 40.93
C ALA A 519 3.24 12.20 40.81
N ILE A 520 3.85 12.52 39.67
CA ILE A 520 5.28 12.26 39.46
C ILE A 520 6.15 12.96 40.52
N THR A 521 5.87 14.24 40.79
CA THR A 521 6.55 15.00 41.85
C THR A 521 6.34 14.38 43.25
N ASN A 522 5.09 14.06 43.59
CA ASN A 522 4.80 13.42 44.87
C ASN A 522 5.56 12.12 45.07
N LEU A 523 5.45 11.24 44.08
CA LEU A 523 6.15 9.95 44.09
C LEU A 523 7.67 10.06 44.29
N ILE A 524 8.31 11.00 43.58
CA ILE A 524 9.75 11.20 43.72
C ILE A 524 10.08 11.77 45.09
N GLU A 525 9.28 12.76 45.50
CA GLU A 525 9.44 13.39 46.80
C GLU A 525 9.35 12.38 47.93
N ARG A 526 8.37 11.48 47.85
CA ARG A 526 8.17 10.46 48.87
C ARG A 526 9.42 9.63 49.11
N GLU A 527 10.19 9.37 48.04
CA GLU A 527 11.44 8.64 48.16
C GLU A 527 12.47 9.49 48.87
N ILE A 528 12.47 10.80 48.58
CA ILE A 528 13.42 11.71 49.24
C ILE A 528 13.18 11.70 50.75
N GLU A 529 11.92 11.86 51.15
CA GLU A 529 11.50 11.83 52.54
C GLU A 529 11.97 10.57 53.24
N ASN A 530 11.65 9.43 52.64
CA ASN A 530 11.97 8.13 53.21
C ASN A 530 13.43 7.98 53.57
N VAL A 531 14.30 8.57 52.76
CA VAL A 531 15.75 8.55 53.02
C VAL A 531 16.09 9.40 54.24
N LYS A 532 15.35 10.50 54.41
CA LYS A 532 15.51 11.34 55.59
C LYS A 532 14.97 10.66 56.85
N ARG A 533 14.03 9.72 56.69
CA ARG A 533 13.57 8.90 57.81
C ARG A 533 14.47 7.69 57.96
N GLY A 534 15.53 7.62 57.16
CA GLY A 534 16.49 6.53 57.27
C GLY A 534 16.07 5.22 56.61
N LYS A 535 15.09 5.30 55.71
CA LYS A 535 14.67 4.14 54.91
C LYS A 535 15.38 4.17 53.55
N ARG A 536 15.37 3.03 52.86
CA ARG A 536 15.95 2.92 51.52
C ARG A 536 15.15 3.78 50.52
N GLY A 537 15.85 4.46 49.61
CA GLY A 537 15.23 5.28 48.58
C GLY A 537 15.64 4.81 47.19
N TYR A 538 14.71 4.17 46.48
CA TYR A 538 15.04 3.59 45.19
C TYR A 538 14.00 3.89 44.10
N MSE A 539 14.48 4.06 42.87
CA MSE A 539 13.61 4.25 41.69
C MSE A 539 14.14 3.46 40.54
O MSE A 539 15.35 3.43 40.29
CB MSE A 539 13.55 5.73 41.30
CG MSE A 539 12.80 6.58 42.29
SE MSE A 539 12.49 8.40 41.71
CE MSE A 539 14.21 9.17 42.05
N LEU A 540 13.23 2.83 39.80
CA LEU A 540 13.59 2.13 38.59
C LEU A 540 12.71 2.68 37.49
N LEU A 541 13.33 3.37 36.54
CA LEU A 541 12.62 4.14 35.54
C LEU A 541 13.05 3.79 34.11
N LYS A 542 12.12 3.35 33.27
CA LYS A 542 12.43 2.99 31.89
C LYS A 542 11.60 3.78 30.91
N MSE A 543 12.26 4.45 29.97
CA MSE A 543 11.56 5.16 28.92
C MSE A 543 12.39 5.37 27.65
O MSE A 543 13.59 5.07 27.62
CB MSE A 543 11.09 6.50 29.44
CG MSE A 543 12.19 7.43 29.83
SE MSE A 543 11.55 8.69 31.16
CE MSE A 543 9.65 8.17 31.20
N ASN A 544 11.74 5.86 26.61
CA ASN A 544 12.40 6.08 25.34
C ASN A 544 13.22 7.33 25.42
N GLY A 545 12.72 8.31 26.18
CA GLY A 545 13.40 9.60 26.28
C GLY A 545 13.23 10.32 27.59
N LEU A 546 14.33 10.95 28.03
CA LEU A 546 14.34 11.84 29.18
C LEU A 546 15.04 13.15 28.81
N GLN A 547 14.28 14.25 28.86
CA GLN A 547 14.76 15.49 28.34
C GLN A 547 14.21 16.68 29.13
N ASP A 548 13.12 16.48 29.85
CA ASP A 548 12.49 17.59 30.58
C ASP A 548 13.33 18.12 31.72
N LYS A 549 13.78 19.37 31.58
CA LYS A 549 14.64 20.03 32.58
C LYS A 549 14.13 19.94 34.01
N ASN A 550 12.82 20.06 34.19
CA ASN A 550 12.27 20.06 35.54
C ASN A 550 12.37 18.72 36.22
N VAL A 551 11.87 17.68 35.56
CA VAL A 551 11.92 16.34 36.15
C VAL A 551 13.36 15.91 36.33
N ILE A 552 14.23 16.27 35.39
CA ILE A 552 15.64 15.92 35.51
C ILE A 552 16.21 16.56 36.77
N THR A 553 15.83 17.82 37.02
CA THR A 553 16.33 18.53 38.20
C THR A 553 15.87 17.86 39.49
N GLN A 554 14.62 17.41 39.52
CA GLN A 554 14.10 16.64 40.64
C GLN A 554 14.91 15.35 40.85
N LEU A 555 15.29 14.72 39.76
CA LEU A 555 16.05 13.48 39.83
C LEU A 555 17.41 13.74 40.44
N TYR A 556 18.06 14.82 39.97
CA TYR A 556 19.33 15.27 40.51
C TYR A 556 19.23 15.55 42.01
N ARG A 557 18.15 16.23 42.41
CA ARG A 557 17.90 16.46 43.83
C ARG A 557 17.66 15.18 44.60
N ALA A 558 16.99 14.20 43.97
CA ALA A 558 16.77 12.91 44.62
C ALA A 558 18.11 12.21 44.83
N SER A 559 18.96 12.25 43.81
CA SER A 559 20.31 11.69 43.91
C SER A 559 21.08 12.33 45.05
N GLU A 560 21.21 13.65 44.99
CA GLU A 560 21.80 14.47 46.05
C GLU A 560 21.29 14.09 47.44
N ALA A 561 19.99 13.81 47.53
CA ALA A 561 19.34 13.45 48.79
C ALA A 561 19.60 12.00 49.23
N GLY A 562 20.44 11.28 48.51
CA GLY A 562 20.67 9.88 48.82
C GLY A 562 19.71 8.87 48.20
N VAL A 563 18.78 9.33 47.35
CA VAL A 563 17.93 8.40 46.59
C VAL A 563 18.72 7.78 45.41
N GLU A 564 18.73 6.45 45.34
CA GLU A 564 19.38 5.71 44.25
C GLU A 564 18.45 5.53 43.04
N ILE A 565 19.00 5.77 41.85
CA ILE A 565 18.20 5.75 40.63
C ILE A 565 18.80 4.91 39.48
N ASP A 566 18.02 3.93 39.00
CA ASP A 566 18.32 3.25 37.75
C ASP A 566 17.43 3.75 36.61
N LEU A 567 18.06 4.36 35.61
CA LEU A 567 17.38 4.81 34.40
C LEU A 567 17.71 3.85 33.27
N ILE A 568 16.69 3.35 32.60
CA ILE A 568 16.85 2.60 31.38
C ILE A 568 16.22 3.42 30.24
N VAL A 569 17.06 4.18 29.54
CA VAL A 569 16.63 5.10 28.47
C VAL A 569 17.35 4.82 27.17
N ARG A 570 16.61 4.43 26.12
CA ARG A 570 17.30 4.06 24.88
C ARG A 570 17.64 5.25 23.99
N GLY A 571 16.77 6.24 23.96
CA GLY A 571 16.99 7.38 23.06
C GLY A 571 17.65 8.55 23.72
N ILE A 572 17.00 9.70 23.65
CA ILE A 572 17.54 10.93 24.18
C ILE A 572 17.56 10.92 25.69
N CYS A 573 18.73 11.17 26.26
CA CYS A 573 18.85 11.42 27.69
C CYS A 573 19.71 12.66 27.96
N CYS A 574 19.14 13.63 28.67
CA CYS A 574 19.82 14.90 28.93
C CYS A 574 20.34 15.00 30.33
N LEU A 575 19.99 14.03 31.16
CA LEU A 575 20.58 13.90 32.47
C LEU A 575 21.97 13.38 32.26
N VAL A 576 22.95 14.04 32.88
CA VAL A 576 24.35 13.65 32.74
C VAL A 576 24.86 12.85 33.92
N PRO A 577 25.27 11.59 33.66
CA PRO A 577 25.64 10.67 34.71
C PRO A 577 27.08 10.90 35.17
N ASP A 578 27.45 10.21 36.25
CA ASP A 578 28.81 10.25 36.80
C ASP A 578 29.22 11.66 37.18
N MSE A 579 28.32 12.35 37.86
CA MSE A 579 28.55 13.71 38.30
C MSE A 579 28.19 13.76 39.76
O MSE A 579 27.45 12.89 40.22
CB MSE A 579 27.66 14.66 37.53
CG MSE A 579 27.84 14.59 36.04
SE MSE A 579 29.28 15.73 35.37
CE MSE A 579 30.88 14.62 35.60
N PRO A 580 28.70 14.75 40.50
CA PRO A 580 28.27 14.89 41.88
C PRO A 580 26.75 14.92 42.05
N GLN A 581 26.04 15.63 41.18
CA GLN A 581 24.58 15.79 41.32
C GLN A 581 23.80 14.54 40.90
N SER A 582 24.50 13.60 40.28
CA SER A 582 23.92 12.38 39.74
C SER A 582 24.69 11.18 40.29
N ARG A 583 25.40 11.42 41.38
CA ARG A 583 26.25 10.42 42.02
C ARG A 583 25.52 9.12 42.31
N ASN A 584 24.24 9.20 42.65
CA ASN A 584 23.45 7.99 42.92
C ASN A 584 22.61 7.49 41.76
N ILE A 585 22.90 7.98 40.55
CA ILE A 585 22.17 7.57 39.36
C ILE A 585 23.00 6.69 38.43
N ARG A 586 22.41 5.57 37.98
CA ARG A 586 23.00 4.74 36.92
C ARG A 586 22.12 4.82 35.67
N VAL A 587 22.75 5.08 34.53
CA VAL A 587 22.03 5.23 33.28
C VAL A 587 22.36 4.10 32.31
N THR A 588 21.34 3.32 31.99
CA THR A 588 21.50 2.21 31.06
C THR A 588 20.72 2.47 29.79
N ARG A 589 21.41 2.40 28.67
CA ARG A 589 20.78 2.34 27.38
C ARG A 589 20.81 0.90 26.86
N LEU A 590 19.62 0.34 26.68
CA LEU A 590 19.49 -0.98 26.09
C LEU A 590 18.98 -0.86 24.66
N VAL A 591 19.82 -1.27 23.71
CA VAL A 591 19.47 -1.38 22.30
C VAL A 591 19.81 -2.80 21.84
N ASP A 592 18.83 -3.46 21.23
CA ASP A 592 18.93 -4.82 20.75
C ASP A 592 17.96 -4.90 19.55
N MSE A 593 17.65 -6.12 19.10
CA MSE A 593 16.79 -6.31 17.93
C MSE A 593 15.38 -5.71 18.06
O MSE A 593 14.86 -5.14 17.09
CB MSE A 593 16.68 -7.79 17.59
CG MSE A 593 16.15 -8.02 16.20
SE MSE A 593 15.95 -9.90 15.77
CE MSE A 593 16.32 -9.76 13.85
N TYR A 594 14.76 -5.85 19.23
CA TYR A 594 13.45 -5.27 19.48
C TYR A 594 13.65 -3.85 19.92
N LEU A 595 12.73 -2.97 19.52
CA LEU A 595 12.82 -1.60 19.96
C LEU A 595 12.23 -1.52 21.38
N GLU A 596 13.10 -1.13 22.31
CA GLU A 596 12.74 -1.07 23.73
C GLU A 596 11.84 0.12 23.99
N HIS A 597 10.54 -0.11 23.90
CA HIS A 597 9.64 0.99 23.75
C HIS A 597 8.80 1.18 24.98
N SER A 598 8.82 0.20 25.88
CA SER A 598 8.07 0.30 27.14
C SER A 598 8.43 1.57 27.90
N ARG A 599 7.43 2.14 28.56
CA ARG A 599 7.65 3.22 29.52
C ARG A 599 7.08 2.77 30.86
N ILE A 600 7.96 2.55 31.83
CA ILE A 600 7.58 1.93 33.10
C ILE A 600 8.25 2.63 34.28
N TRP A 601 7.50 2.88 35.36
CA TRP A 601 8.07 3.53 36.54
C TRP A 601 7.86 2.68 37.78
N CYS A 602 8.95 2.47 38.54
CA CYS A 602 8.92 1.76 39.80
C CYS A 602 9.47 2.61 40.92
N PHE A 603 8.62 2.88 41.90
CA PHE A 603 9.06 3.58 43.10
C PHE A 603 9.07 2.63 44.29
N HIS A 604 10.22 2.49 44.94
CA HIS A 604 10.40 1.53 46.05
C HIS A 604 9.44 1.73 47.22
N ASN A 605 9.26 3.00 47.63
CA ASN A 605 8.41 3.36 48.76
C ASN A 605 8.57 2.46 49.99
N GLY A 606 9.80 2.39 50.51
CA GLY A 606 10.12 1.53 51.63
C GLY A 606 10.12 0.04 51.33
N GLY A 607 9.17 -0.40 50.52
CA GLY A 607 9.00 -1.81 50.22
C GLY A 607 7.55 -2.08 49.86
N LYS A 608 6.72 -1.05 49.96
CA LYS A 608 5.37 -1.07 49.41
C LYS A 608 5.47 -0.49 48.00
N GLU A 609 6.08 -1.27 47.10
CA GLU A 609 6.47 -0.79 45.76
CA GLU A 609 6.46 -0.77 45.77
C GLU A 609 5.26 -0.41 44.91
N GLU A 610 5.41 0.63 44.10
CA GLU A 610 4.36 1.05 43.16
C GLU A 610 4.91 1.06 41.76
N VAL A 611 4.21 0.40 40.84
CA VAL A 611 4.66 0.33 39.47
C VAL A 611 3.67 0.97 38.51
N PHE A 612 4.17 1.87 37.67
CA PHE A 612 3.33 2.48 36.65
C PHE A 612 3.74 2.09 35.24
N ILE A 613 2.73 1.96 34.39
CA ILE A 613 2.88 1.73 32.97
C ILE A 613 2.45 3.01 32.26
N SER A 614 3.30 3.56 31.39
CA SER A 614 2.93 4.83 30.73
C SER A 614 2.95 4.90 29.22
N SER A 615 2.19 5.86 28.69
CA SER A 615 2.23 6.22 27.29
C SER A 615 3.27 7.31 27.03
N ALA A 616 3.68 8.00 28.09
CA ALA A 616 4.59 9.13 27.95
C ALA A 616 6.04 8.81 28.31
N ASP A 617 6.96 9.38 27.53
CA ASP A 617 8.34 9.60 27.97
C ASP A 617 8.32 10.95 28.69
N TRP A 618 9.40 11.30 29.36
CA TRP A 618 9.45 12.58 30.03
C TRP A 618 10.21 13.60 29.18
N MSE A 619 9.56 14.05 28.12
CA MSE A 619 10.08 15.13 27.32
C MSE A 619 9.44 16.41 27.82
O MSE A 619 8.63 16.37 28.76
CB MSE A 619 9.70 14.93 25.86
CG MSE A 619 9.88 13.52 25.35
SE MSE A 619 11.74 12.93 25.20
CE MSE A 619 11.49 11.62 23.75
N LYS A 620 9.78 17.55 27.23
CA LYS A 620 9.06 18.81 27.49
C LYS A 620 7.64 18.70 26.93
N ARG A 621 7.53 18.42 25.62
CA ARG A 621 6.23 18.27 24.94
C ARG A 621 5.30 17.18 25.50
N ASN A 622 5.87 16.13 26.08
CA ASN A 622 5.07 15.02 26.62
C ASN A 622 4.26 15.36 27.88
N LEU A 623 4.90 16.00 28.86
CA LEU A 623 4.25 16.28 30.15
C LEU A 623 3.35 17.53 30.13
N TYR A 624 3.36 18.28 29.03
CA TYR A 624 2.63 19.54 28.97
C TYR A 624 1.71 19.74 27.75
N ASN A 625 2.17 19.35 26.57
CA ASN A 625 1.40 19.55 25.33
C ASN A 625 0.37 18.46 25.02
N ARG A 626 0.76 17.21 25.21
CA ARG A 626 -0.08 16.08 24.87
C ARG A 626 -1.03 15.64 25.99
N ILE A 627 -2.09 14.93 25.63
CA ILE A 627 -2.76 14.13 26.64
C ILE A 627 -2.21 12.70 26.65
N GLU A 628 -1.64 12.33 27.79
CA GLU A 628 -0.97 11.05 27.98
C GLU A 628 -1.64 10.28 29.11
N THR A 629 -1.28 9.02 29.27
CA THR A 629 -1.72 8.25 30.42
C THR A 629 -0.59 7.55 31.15
N ALA A 630 -0.79 7.37 32.45
CA ALA A 630 0.01 6.43 33.22
C ALA A 630 -0.94 5.69 34.16
N CYS A 631 -0.65 4.40 34.35
CA CYS A 631 -1.52 3.55 35.13
C CYS A 631 -0.76 2.72 36.16
N PRO A 632 -1.24 2.70 37.41
CA PRO A 632 -0.77 1.82 38.46
C PRO A 632 -1.06 0.37 38.14
N VAL A 633 -0.09 -0.48 38.41
CA VAL A 633 -0.28 -1.91 38.32
C VAL A 633 -0.69 -2.33 39.73
N LEU A 634 -1.96 -2.61 39.93
CA LEU A 634 -2.49 -2.91 41.28
C LEU A 634 -2.25 -4.34 41.78
N ASP A 635 -2.36 -5.31 40.89
CA ASP A 635 -2.13 -6.70 41.22
C ASP A 635 -0.66 -6.97 41.58
N PRO A 636 -0.43 -7.50 42.77
CA PRO A 636 0.91 -7.73 43.32
C PRO A 636 1.77 -8.65 42.48
N THR A 637 1.22 -9.76 42.00
CA THR A 637 2.02 -10.68 41.17
C THR A 637 2.41 -10.03 39.84
N LEU A 638 1.51 -9.23 39.28
CA LEU A 638 1.81 -8.46 38.07
C LEU A 638 2.96 -7.47 38.31
N ARG A 639 2.82 -6.63 39.35
CA ARG A 639 3.92 -5.73 39.77
C ARG A 639 5.26 -6.44 39.97
N ARG A 640 5.19 -7.66 40.49
CA ARG A 640 6.39 -8.45 40.77
C ARG A 640 7.04 -8.87 39.46
N GLU A 641 6.22 -9.20 38.48
CA GLU A 641 6.72 -9.64 37.18
C GLU A 641 7.48 -8.53 36.48
N ILE A 642 6.92 -7.32 36.49
CA ILE A 642 7.51 -6.17 35.80
C ILE A 642 8.90 -5.89 36.36
N ILE A 643 8.99 -5.92 37.68
CA ILE A 643 10.27 -5.73 38.35
C ILE A 643 11.22 -6.85 38.00
N ASP A 644 10.73 -8.09 37.97
CA ASP A 644 11.57 -9.22 37.58
C ASP A 644 12.20 -8.89 36.23
N ILE A 645 11.35 -8.51 35.28
CA ILE A 645 11.73 -8.20 33.91
C ILE A 645 12.75 -7.05 33.86
N LEU A 646 12.42 -5.95 34.52
CA LEU A 646 13.35 -4.82 34.58
C LEU A 646 14.68 -5.20 35.21
N GLU A 647 14.65 -6.13 36.17
CA GLU A 647 15.87 -6.62 36.79
C GLU A 647 16.66 -7.41 35.79
N ILE A 648 15.97 -8.27 35.04
CA ILE A 648 16.62 -8.92 33.89
C ILE A 648 17.30 -7.89 32.99
N GLN A 649 16.60 -6.79 32.67
CA GLN A 649 17.23 -5.78 31.84
C GLN A 649 18.48 -5.20 32.49
N LEU A 650 18.42 -4.90 33.79
CA LEU A 650 19.56 -4.31 34.50
C LEU A 650 20.71 -5.28 34.72
N ARG A 651 20.44 -6.56 34.45
CA ARG A 651 21.42 -7.62 34.61
C ARG A 651 22.12 -7.93 33.28
N ASP A 652 21.51 -7.45 32.17
CA ASP A 652 22.06 -7.63 30.81
C ASP A 652 23.51 -7.25 30.69
N ASN A 653 24.36 -8.22 30.35
CA ASN A 653 25.76 -7.94 30.04
C ASN A 653 26.18 -8.16 28.59
N ILE A 654 25.21 -8.27 27.67
CA ILE A 654 25.56 -8.52 26.27
C ILE A 654 25.25 -7.36 25.32
N LYS A 655 24.08 -6.75 25.48
CA LYS A 655 23.67 -5.63 24.62
C LYS A 655 23.70 -4.31 25.36
N ALA A 656 23.42 -4.35 26.66
CA ALA A 656 23.28 -3.14 27.48
C ALA A 656 24.51 -2.31 27.49
N CYS A 657 24.32 -0.99 27.43
CA CYS A 657 25.44 -0.05 27.53
C CYS A 657 25.18 1.00 28.61
N ARG A 658 26.22 1.34 29.36
CA ARG A 658 26.11 2.40 30.34
C ARG A 658 26.62 3.63 29.64
N ILE A 659 26.04 4.76 30.01
CA ILE A 659 26.39 6.04 29.45
C ILE A 659 27.34 6.75 30.42
N ASP A 660 28.35 7.42 29.86
CA ASP A 660 29.17 8.26 30.71
C ASP A 660 28.90 9.75 30.46
N SER A 661 29.65 10.59 31.15
CA SER A 661 29.47 12.03 31.07
C SER A 661 29.95 12.60 29.74
N SER A 662 30.68 11.82 28.97
CA SER A 662 31.07 12.24 27.62
C SER A 662 30.16 11.66 26.53
N LEU A 663 28.96 11.25 26.93
CA LEU A 663 27.94 10.65 26.04
C LEU A 663 28.35 9.33 25.37
N ASN A 664 29.29 8.61 25.98
CA ASN A 664 29.77 7.38 25.34
C ASN A 664 28.96 6.18 25.71
N ASN A 665 28.80 5.31 24.72
CA ASN A 665 28.11 4.04 24.89
C ASN A 665 29.13 2.99 25.31
N ILE A 666 29.08 2.61 26.58
CA ILE A 666 30.00 1.63 27.12
C ILE A 666 29.27 0.32 27.42
N TYR A 667 29.66 -0.74 26.72
CA TYR A 667 29.09 -2.09 26.93
C TYR A 667 29.34 -2.59 28.33
N LYS A 668 28.29 -3.07 28.97
CA LYS A 668 28.39 -3.61 30.31
C LYS A 668 28.83 -5.08 30.34
N HIS A 669 29.82 -5.42 29.51
CA HIS A 669 30.33 -6.80 29.40
C HIS A 669 31.05 -7.23 30.65
N ASN A 670 30.90 -8.51 31.01
CA ASN A 670 31.55 -9.04 32.21
C ASN A 670 31.70 -10.56 32.22
N SER A 671 32.82 -11.05 31.71
CA SER A 671 33.10 -12.49 31.59
C SER A 671 32.90 -13.26 32.89
N ASP A 672 33.19 -12.63 34.02
CA ASP A 672 33.06 -13.32 35.30
C ASP A 672 31.65 -13.86 35.55
N GLU A 673 30.63 -13.07 35.23
CA GLU A 673 29.25 -13.51 35.42
C GLU A 673 28.76 -14.29 34.19
N LYS A 674 27.70 -15.06 34.36
CA LYS A 674 27.14 -15.81 33.24
C LYS A 674 26.48 -14.80 32.32
N PRO A 675 26.66 -14.99 31.01
CA PRO A 675 26.07 -14.16 29.96
C PRO A 675 24.55 -14.08 30.03
N VAL A 676 24.06 -12.86 29.94
CA VAL A 676 22.63 -12.63 29.94
C VAL A 676 22.32 -11.50 28.97
N ARG A 677 21.53 -11.81 27.96
CA ARG A 677 20.97 -10.79 27.11
C ARG A 677 19.46 -10.74 27.32
N ALA A 678 19.01 -9.54 27.69
CA ALA A 678 17.70 -9.34 28.26
C ALA A 678 16.56 -9.83 27.36
N GLN A 679 16.71 -9.68 26.05
CA GLN A 679 15.64 -10.05 25.14
C GLN A 679 15.52 -11.56 24.97
N ALA A 680 16.65 -12.26 25.08
CA ALA A 680 16.58 -13.72 25.19
C ALA A 680 16.00 -14.14 26.54
N ALA A 681 16.58 -13.61 27.62
CA ALA A 681 16.24 -14.03 28.96
C ALA A 681 14.78 -13.79 29.34
N ILE A 682 14.24 -12.65 28.92
CA ILE A 682 12.86 -12.29 29.22
C ILE A 682 11.91 -13.29 28.57
N TYR A 683 12.23 -13.71 27.36
CA TYR A 683 11.43 -14.71 26.70
C TYR A 683 11.45 -16.03 27.47
N ARG A 684 12.63 -16.45 27.94
CA ARG A 684 12.74 -17.68 28.72
C ARG A 684 11.97 -17.58 30.03
N TYR A 685 12.07 -16.42 30.68
CA TYR A 685 11.38 -16.18 31.94
C TYR A 685 9.86 -16.33 31.77
N LEU A 686 9.31 -15.70 30.74
CA LEU A 686 7.87 -15.66 30.50
C LEU A 686 7.36 -17.02 30.02
N LYS A 687 8.16 -17.69 29.20
CA LYS A 687 7.81 -19.01 28.72
C LYS A 687 7.84 -19.95 29.92
N GLY A 688 8.87 -19.80 30.75
CA GLY A 688 9.00 -20.55 31.99
C GLY A 688 7.70 -20.51 32.77
N LYS A 689 7.27 -19.32 33.15
CA LYS A 689 6.08 -19.20 33.97
C LYS A 689 4.81 -19.79 33.32
N GLU A 690 4.79 -19.90 31.99
CA GLU A 690 3.59 -20.39 31.32
C GLU A 690 3.52 -21.90 31.34
N GLU A 691 4.66 -22.56 31.48
CA GLU A 691 4.68 -24.01 31.69
C GLU A 691 4.29 -24.36 33.13
N THR A 692 4.18 -23.35 33.99
CA THR A 692 3.80 -23.56 35.38
C THR A 692 2.30 -23.34 35.62
N THR A 693 1.48 -23.71 34.63
CA THR A 693 0.01 -23.61 34.75
C THR A 693 -0.60 -24.93 35.24
N ARG B 13 -13.33 -7.96 -42.11
CA ARG B 13 -13.31 -8.08 -40.62
C ARG B 13 -12.96 -6.75 -39.95
N ASP B 14 -11.77 -6.23 -40.29
CA ASP B 14 -11.25 -4.98 -39.73
C ASP B 14 -12.09 -3.77 -40.12
N MSE B 15 -12.67 -3.81 -41.32
CA MSE B 15 -13.59 -2.77 -41.79
C MSE B 15 -14.91 -2.81 -41.03
O MSE B 15 -15.56 -1.78 -40.84
CB MSE B 15 -13.83 -2.92 -43.30
CG MSE B 15 -12.60 -2.59 -44.11
SE MSE B 15 -11.81 -0.89 -43.51
CE MSE B 15 -9.92 -1.41 -43.55
N SER B 16 -15.29 -4.00 -40.59
CA SER B 16 -16.53 -4.18 -39.85
C SER B 16 -16.39 -3.70 -38.40
N TRP B 17 -15.25 -4.00 -37.77
CA TRP B 17 -15.05 -3.59 -36.38
C TRP B 17 -14.56 -2.13 -36.24
N LEU B 18 -14.06 -1.56 -37.34
CA LEU B 18 -13.87 -0.11 -37.41
C LEU B 18 -15.24 0.55 -37.54
N SER B 19 -16.20 -0.18 -38.11
CA SER B 19 -17.58 0.26 -38.11
C SER B 19 -18.33 -0.17 -36.85
N PHE B 20 -17.70 -1.02 -36.03
CA PHE B 20 -18.17 -1.22 -34.65
C PHE B 20 -17.80 0.00 -33.82
N ASN B 21 -16.54 0.45 -33.93
CA ASN B 21 -16.09 1.67 -33.25
C ASN B 21 -16.81 2.94 -33.75
N GLU B 22 -17.37 2.87 -34.97
CA GLU B 22 -18.33 3.85 -35.45
C GLU B 22 -19.56 3.91 -34.54
N ARG B 23 -20.07 2.74 -34.15
CA ARG B 23 -21.31 2.65 -33.37
C ARG B 23 -21.14 3.18 -31.93
N VAL B 24 -19.93 3.06 -31.40
CA VAL B 24 -19.62 3.66 -30.10
C VAL B 24 -19.62 5.18 -30.23
N LEU B 25 -18.83 5.71 -31.15
CA LEU B 25 -18.81 7.15 -31.43
C LEU B 25 -20.21 7.69 -31.73
N MSE B 26 -21.08 6.81 -32.22
CA MSE B 26 -22.46 7.18 -32.51
C MSE B 26 -23.20 7.51 -31.22
O MSE B 26 -23.90 8.53 -31.16
CB MSE B 26 -23.15 6.05 -33.27
CG MSE B 26 -23.97 6.51 -34.48
SE MSE B 26 -23.17 8.01 -35.43
CE MSE B 26 -24.39 9.43 -34.86
N GLU B 27 -23.03 6.67 -30.19
CA GLU B 27 -23.57 6.90 -28.84
C GLU B 27 -23.07 8.21 -28.23
N ALA B 28 -21.79 8.49 -28.42
CA ALA B 28 -21.17 9.69 -27.88
C ALA B 28 -21.81 10.92 -28.51
N ALA B 29 -22.11 10.82 -29.80
CA ALA B 29 -22.83 11.85 -30.54
C ALA B 29 -24.30 12.00 -30.08
N ASP B 30 -24.89 10.92 -29.58
CA ASP B 30 -26.29 10.93 -29.14
C ASP B 30 -26.57 12.00 -28.08
N ARG B 31 -27.23 13.07 -28.53
CA ARG B 31 -27.48 14.26 -27.72
C ARG B 31 -28.65 14.14 -26.72
N THR B 32 -29.31 12.99 -26.69
CA THR B 32 -30.32 12.76 -25.65
C THR B 32 -29.73 11.98 -24.46
N LEU B 33 -28.47 11.56 -24.61
CA LEU B 33 -27.76 10.88 -23.52
C LEU B 33 -27.11 11.85 -22.54
N PRO B 34 -27.14 11.50 -21.23
CA PRO B 34 -26.50 12.30 -20.16
C PRO B 34 -25.01 12.50 -20.44
N VAL B 35 -24.52 13.71 -20.19
CA VAL B 35 -23.18 14.11 -20.62
C VAL B 35 -22.10 13.09 -20.28
N TYR B 36 -22.06 12.65 -19.03
CA TYR B 36 -21.00 11.74 -18.59
C TYR B 36 -21.10 10.36 -19.22
N ASP B 37 -22.31 9.94 -19.56
CA ASP B 37 -22.49 8.73 -20.38
C ASP B 37 -21.78 8.94 -21.72
N ARG B 38 -22.04 10.08 -22.39
CA ARG B 38 -21.41 10.41 -23.68
C ARG B 38 -19.89 10.48 -23.53
N ILE B 39 -19.45 11.14 -22.45
CA ILE B 39 -18.03 11.20 -22.13
C ILE B 39 -17.40 9.80 -21.95
N LYS B 40 -18.11 8.87 -21.33
CA LYS B 40 -17.56 7.51 -21.22
C LYS B 40 -17.45 6.78 -22.55
N PHE B 41 -18.36 7.06 -23.47
CA PHE B 41 -18.33 6.40 -24.79
C PHE B 41 -17.20 6.94 -25.65
N LEU B 42 -17.05 8.26 -25.69
CA LEU B 42 -15.87 8.89 -26.29
C LEU B 42 -14.63 8.22 -25.74
N SER B 43 -14.65 7.95 -24.43
CA SER B 43 -13.51 7.36 -23.76
C SER B 43 -13.31 5.93 -24.27
N ILE B 44 -14.42 5.23 -24.47
CA ILE B 44 -14.35 3.85 -24.98
C ILE B 44 -13.80 3.84 -26.40
N PHE B 45 -14.32 4.75 -27.25
CA PHE B 45 -13.80 4.91 -28.59
C PHE B 45 -12.28 5.10 -28.63
N SER B 46 -11.77 5.99 -27.78
CA SER B 46 -10.33 6.28 -27.75
C SER B 46 -9.48 5.08 -27.33
N SER B 47 -9.99 4.26 -26.40
CA SER B 47 -9.23 3.08 -25.96
C SER B 47 -9.30 1.96 -26.99
N ASN B 48 -10.41 1.92 -27.73
CA ASN B 48 -10.61 0.92 -28.76
C ASN B 48 -9.81 1.16 -30.04
N LEU B 49 -9.73 2.41 -30.47
CA LEU B 49 -8.90 2.78 -31.61
C LEU B 49 -7.42 2.53 -31.31
N GLU B 50 -7.06 2.69 -30.03
CA GLU B 50 -5.72 2.42 -29.57
C GLU B 50 -5.41 0.95 -29.76
N GLU B 51 -6.23 0.08 -29.15
CA GLU B 51 -5.99 -1.37 -29.17
C GLU B 51 -5.83 -1.93 -30.58
N PHE B 52 -6.75 -1.54 -31.45
CA PHE B 52 -6.66 -1.71 -32.88
C PHE B 52 -5.21 -1.51 -33.35
N TYR B 53 -4.68 -0.31 -33.10
CA TYR B 53 -3.34 0.08 -33.57
C TYR B 53 -2.14 -0.63 -32.93
N THR B 54 -2.37 -1.50 -31.95
CA THR B 54 -1.29 -2.35 -31.45
C THR B 54 -1.42 -3.77 -31.96
N VAL B 55 -2.65 -4.26 -32.05
CA VAL B 55 -2.92 -5.65 -32.46
C VAL B 55 -3.23 -5.81 -33.96
N ARG B 56 -3.58 -4.72 -34.63
CA ARG B 56 -3.99 -4.80 -36.04
C ARG B 56 -3.05 -4.12 -37.05
N VAL B 57 -2.74 -2.85 -36.84
CA VAL B 57 -1.84 -2.11 -37.75
C VAL B 57 -0.38 -2.58 -37.62
N ALA B 58 0.05 -2.83 -36.38
CA ALA B 58 1.40 -3.31 -36.09
C ALA B 58 1.55 -4.72 -36.65
N TYR B 59 0.46 -5.48 -36.57
CA TYR B 59 0.34 -6.73 -37.32
C TYR B 59 -0.11 -6.40 -38.76
N LEU B 84 -3.55 -0.76 -43.96
CA LEU B 84 -2.67 0.36 -43.62
C LEU B 84 -3.16 1.63 -44.31
N GLN B 85 -3.25 1.58 -45.65
CA GLN B 85 -3.87 2.64 -46.44
C GLN B 85 -5.40 2.59 -46.28
N ALA B 86 -5.96 1.37 -46.33
CA ALA B 86 -7.41 1.15 -46.19
C ALA B 86 -7.95 1.50 -44.79
N ILE B 87 -7.05 1.51 -43.80
CA ILE B 87 -7.34 1.95 -42.45
C ILE B 87 -7.48 3.48 -42.38
N ARG B 88 -6.47 4.19 -42.86
CA ARG B 88 -6.34 5.65 -42.69
C ARG B 88 -7.55 6.51 -43.06
N GLU B 89 -8.16 6.27 -44.22
CA GLU B 89 -9.23 7.13 -44.75
C GLU B 89 -10.47 7.23 -43.87
N THR B 90 -10.88 6.09 -43.31
CA THR B 90 -12.12 6.02 -42.52
C THR B 90 -11.90 6.38 -41.04
N VAL B 91 -10.68 6.16 -40.57
CA VAL B 91 -10.28 6.50 -39.20
C VAL B 91 -10.16 8.02 -39.05
N ILE B 92 -9.53 8.66 -40.02
CA ILE B 92 -9.24 10.10 -39.97
C ILE B 92 -10.51 10.98 -40.02
N ARG B 93 -11.60 10.43 -40.55
CA ARG B 93 -12.87 11.16 -40.54
C ARG B 93 -13.66 10.90 -39.26
N GLN B 94 -13.42 9.73 -38.66
CA GLN B 94 -13.91 9.45 -37.31
C GLN B 94 -13.22 10.37 -36.32
N ASP B 95 -11.90 10.52 -36.47
CA ASP B 95 -11.12 11.45 -35.67
C ASP B 95 -11.71 12.86 -35.79
N GLU B 96 -12.17 13.22 -36.98
CA GLU B 96 -12.87 14.49 -37.20
C GLU B 96 -14.26 14.48 -36.60
N LEU B 97 -14.89 13.29 -36.54
CA LEU B 97 -16.20 13.21 -35.90
C LEU B 97 -16.05 13.40 -34.40
N TYR B 98 -15.10 12.66 -33.83
CA TYR B 98 -14.79 12.70 -32.41
C TYR B 98 -14.61 14.13 -31.95
N TYR B 99 -13.67 14.84 -32.56
CA TYR B 99 -13.30 16.16 -32.09
C TYR B 99 -14.42 17.17 -32.24
N ARG B 100 -15.32 16.87 -33.16
CA ARG B 100 -16.51 17.70 -33.33
C ARG B 100 -17.49 17.50 -32.17
N ILE B 101 -17.73 16.24 -31.79
CA ILE B 101 -18.53 15.91 -30.61
C ILE B 101 -17.93 16.64 -29.42
N PHE B 102 -16.64 16.41 -29.21
CA PHE B 102 -15.95 16.88 -28.02
C PHE B 102 -16.04 18.38 -27.85
N TYR B 103 -15.56 19.10 -28.85
CA TYR B 103 -15.48 20.55 -28.78
C TYR B 103 -16.84 21.25 -28.91
N ASP B 104 -17.63 20.86 -29.90
CA ASP B 104 -18.88 21.56 -30.16
C ASP B 104 -20.03 21.10 -29.30
N GLN B 105 -19.98 19.85 -28.83
CA GLN B 105 -21.10 19.34 -28.04
C GLN B 105 -20.75 19.02 -26.59
N ILE B 106 -19.71 18.22 -26.35
CA ILE B 106 -19.37 17.82 -24.98
C ILE B 106 -19.03 19.01 -24.09
N LEU B 107 -18.07 19.82 -24.54
CA LEU B 107 -17.60 20.96 -23.75
C LEU B 107 -18.68 21.98 -23.34
N PRO B 108 -19.50 22.49 -24.29
CA PRO B 108 -20.52 23.45 -23.84
C PRO B 108 -21.61 22.80 -22.98
N THR B 109 -21.96 21.55 -23.27
CA THR B 109 -22.96 20.83 -22.49
C THR B 109 -22.59 20.77 -21.02
N LEU B 110 -21.31 20.44 -20.76
CA LEU B 110 -20.78 20.44 -19.41
C LEU B 110 -20.97 21.81 -18.79
N GLU B 111 -20.52 22.84 -19.51
CA GLU B 111 -20.65 24.23 -19.07
C GLU B 111 -22.09 24.55 -18.69
N GLU B 112 -23.02 24.12 -19.54
CA GLU B 112 -24.45 24.32 -19.32
C GLU B 112 -24.93 23.66 -18.02
N HIS B 113 -24.28 22.57 -17.60
CA HIS B 113 -24.59 21.92 -16.33
C HIS B 113 -23.62 22.31 -15.22
N GLY B 114 -22.87 23.40 -15.46
CA GLY B 114 -21.98 23.95 -14.44
C GLY B 114 -20.70 23.16 -14.25
N ILE B 115 -20.15 22.70 -15.38
CA ILE B 115 -18.84 22.07 -15.39
C ILE B 115 -17.96 22.75 -16.41
N ARG B 116 -16.86 23.35 -15.95
CA ARG B 116 -15.99 24.10 -16.83
C ARG B 116 -14.62 23.41 -16.95
N LEU B 117 -14.48 22.62 -17.99
CA LEU B 117 -13.21 22.00 -18.32
C LEU B 117 -12.54 22.96 -19.27
N ARG B 118 -11.60 23.73 -18.75
CA ARG B 118 -10.95 24.75 -19.55
C ARG B 118 -10.03 24.13 -20.60
N THR B 119 -9.85 24.85 -21.69
CA THR B 119 -8.87 24.49 -22.69
C THR B 119 -7.81 25.58 -22.72
N HIS B 120 -7.88 26.50 -21.76
CA HIS B 120 -6.95 27.63 -21.70
C HIS B 120 -6.70 28.01 -20.26
N ALA B 121 -5.58 28.67 -20.02
CA ALA B 121 -5.20 29.10 -18.67
C ALA B 121 -6.23 30.09 -18.12
N PRO B 122 -6.42 30.08 -16.80
CA PRO B 122 -7.48 30.93 -16.24
C PRO B 122 -7.02 32.36 -16.05
N THR B 123 -7.96 33.28 -16.17
CA THR B 123 -7.67 34.68 -15.93
C THR B 123 -8.00 34.99 -14.49
N HIS B 124 -8.93 34.24 -13.92
CA HIS B 124 -9.33 34.38 -12.52
C HIS B 124 -8.12 34.21 -11.59
N PRO B 125 -7.76 35.29 -10.88
CA PRO B 125 -6.60 35.41 -10.01
C PRO B 125 -6.47 34.26 -9.03
N ASP B 126 -7.57 33.92 -8.36
CA ASP B 126 -7.53 32.86 -7.36
C ASP B 126 -7.06 31.56 -7.99
N HIS B 127 -7.64 31.26 -9.15
CA HIS B 127 -7.27 30.10 -9.92
C HIS B 127 -5.85 30.19 -10.42
N LYS B 128 -5.51 31.36 -10.96
CA LYS B 128 -4.17 31.63 -11.46
C LYS B 128 -3.13 31.38 -10.35
N ALA B 129 -3.41 31.85 -9.15
CA ALA B 129 -2.53 31.64 -8.01
C ALA B 129 -2.41 30.18 -7.68
N TYR B 130 -3.56 29.51 -7.60
CA TYR B 130 -3.61 28.11 -7.25
C TYR B 130 -2.74 27.26 -8.17
N LEU B 131 -2.99 27.37 -9.48
CA LEU B 131 -2.26 26.56 -10.45
C LEU B 131 -0.77 26.83 -10.41
N ARG B 132 -0.41 28.08 -10.15
CA ARG B 132 0.98 28.42 -10.07
C ARG B 132 1.64 27.77 -8.88
N ARG B 133 0.92 27.70 -7.78
CA ARG B 133 1.47 27.06 -6.59
C ARG B 133 1.51 25.57 -6.87
N PHE B 134 0.45 25.08 -7.52
CA PHE B 134 0.30 23.67 -7.81
C PHE B 134 1.42 23.21 -8.73
N PHE B 135 1.69 24.00 -9.76
CA PHE B 135 2.80 23.74 -10.66
C PHE B 135 4.11 23.58 -9.90
N HIS B 136 4.46 24.57 -9.07
CA HIS B 136 5.74 24.57 -8.32
C HIS B 136 5.86 23.45 -7.33
N GLU B 137 4.83 23.27 -6.51
CA GLU B 137 4.88 22.33 -5.39
C GLU B 137 4.61 20.88 -5.76
N GLU B 138 3.78 20.64 -6.77
CA GLU B 138 3.33 19.28 -7.09
C GLU B 138 3.82 18.77 -8.43
N ILE B 139 3.72 19.61 -9.46
CA ILE B 139 4.11 19.21 -10.81
C ILE B 139 5.62 19.27 -11.03
N PHE B 140 6.23 20.42 -10.73
CA PHE B 140 7.64 20.63 -11.03
C PHE B 140 8.54 19.50 -10.50
N PRO B 141 8.50 19.21 -9.18
CA PRO B 141 9.37 18.13 -8.68
C PRO B 141 9.18 16.77 -9.37
N LEU B 142 8.13 16.61 -10.16
CA LEU B 142 7.90 15.36 -10.89
C LEU B 142 8.32 15.43 -12.35
N LEU B 143 9.02 16.52 -12.69
CA LEU B 143 9.41 16.79 -14.08
C LEU B 143 10.86 16.42 -14.36
N TYR B 144 11.12 15.91 -15.57
CA TYR B 144 12.48 15.70 -16.01
C TYR B 144 12.76 16.45 -17.33
N PRO B 145 13.06 17.75 -17.24
CA PRO B 145 13.29 18.49 -18.48
C PRO B 145 14.58 18.04 -19.15
N MSE B 146 14.44 17.48 -20.36
CA MSE B 146 15.57 17.04 -21.15
C MSE B 146 15.64 17.80 -22.45
O MSE B 146 14.69 17.76 -23.24
CB MSE B 146 15.45 15.55 -21.47
CG MSE B 146 15.07 14.68 -20.29
SE MSE B 146 14.19 13.06 -20.91
CE MSE B 146 12.32 13.65 -21.00
N LEU B 147 16.73 18.52 -22.69
CA LEU B 147 16.99 19.13 -24.00
C LEU B 147 17.26 18.01 -25.00
N LEU B 148 16.56 18.03 -26.13
CA LEU B 148 16.79 17.07 -27.20
C LEU B 148 18.05 17.41 -28.03
N LEU B 149 19.09 16.56 -27.91
CA LEU B 149 20.31 16.66 -28.73
C LEU B 149 20.57 15.34 -29.46
N PRO B 150 19.78 15.06 -30.51
CA PRO B 150 19.45 13.77 -31.11
C PRO B 150 20.57 12.74 -31.20
N SER B 151 21.76 13.14 -31.64
CA SER B 151 22.83 12.16 -31.84
C SER B 151 23.91 12.19 -30.75
N LYS B 152 23.89 13.22 -29.93
CA LYS B 152 24.85 13.34 -28.84
C LYS B 152 24.38 12.54 -27.64
N VAL B 153 23.08 12.66 -27.34
CA VAL B 153 22.51 12.00 -26.17
C VAL B 153 21.25 11.25 -26.58
N ARG B 154 21.20 9.97 -26.21
CA ARG B 154 20.13 9.06 -26.58
C ARG B 154 19.06 9.04 -25.51
N THR B 155 17.81 8.87 -25.91
CA THR B 155 16.71 8.85 -24.95
C THR B 155 15.48 8.07 -25.38
N PHE B 156 14.78 7.51 -24.39
CA PHE B 156 13.64 6.66 -24.64
C PHE B 156 12.32 7.41 -24.48
N ILE B 157 11.34 7.04 -25.30
CA ILE B 157 9.98 7.54 -25.16
C ILE B 157 9.05 6.39 -24.78
N ARG B 158 8.50 6.45 -23.57
CA ARG B 158 7.64 5.41 -23.05
C ARG B 158 6.27 5.47 -23.69
N SER B 159 5.72 4.31 -24.01
CA SER B 159 4.41 4.24 -24.62
C SER B 159 3.30 4.43 -23.59
N GLY B 160 2.14 4.85 -24.06
CA GLY B 160 0.99 5.08 -23.19
C GLY B 160 1.12 6.39 -22.42
N ARG B 161 2.34 6.91 -22.33
CA ARG B 161 2.60 8.17 -21.69
C ARG B 161 2.42 9.33 -22.66
N VAL B 162 1.88 10.43 -22.15
CA VAL B 162 1.80 11.71 -22.84
C VAL B 162 3.09 12.50 -22.61
N TYR B 163 3.69 13.05 -23.66
CA TYR B 163 4.82 13.95 -23.48
C TYR B 163 4.54 15.29 -24.13
N LEU B 164 5.39 16.27 -23.79
CA LEU B 164 5.38 17.55 -24.47
C LEU B 164 6.69 17.75 -25.23
N ALA B 165 6.59 17.79 -26.55
CA ALA B 165 7.69 18.26 -27.37
C ALA B 165 7.67 19.76 -27.32
N VAL B 166 8.77 20.36 -26.87
CA VAL B 166 8.86 21.81 -26.68
C VAL B 166 9.90 22.45 -27.61
N ARG B 167 9.49 23.50 -28.31
CA ARG B 167 10.33 24.20 -29.27
C ARG B 167 10.79 25.53 -28.68
N LEU B 168 12.10 25.73 -28.64
CA LEU B 168 12.69 26.88 -27.98
C LEU B 168 13.51 27.74 -28.93
N LYS B 169 13.42 29.05 -28.73
CA LYS B 169 14.44 29.99 -29.18
C LYS B 169 15.06 30.56 -27.93
N GLU B 170 16.39 30.67 -27.91
CA GLU B 170 17.09 31.27 -26.79
C GLU B 170 16.96 32.79 -26.83
N LYS B 171 16.62 33.30 -28.01
CA LYS B 171 16.32 34.72 -28.25
C LYS B 171 15.57 34.77 -29.58
N GLU B 172 14.67 35.75 -29.73
CA GLU B 172 13.85 35.88 -30.94
C GLU B 172 14.68 36.13 -32.22
N THR B 173 15.90 36.62 -32.00
CA THR B 173 16.90 36.91 -33.04
C THR B 173 17.37 35.69 -33.85
N ASP B 174 17.40 34.53 -33.21
CA ASP B 174 18.23 33.42 -33.67
C ASP B 174 17.71 32.85 -34.99
N GLU B 175 16.40 32.65 -35.06
CA GLU B 175 15.79 32.03 -36.23
C GLU B 175 15.83 30.51 -36.13
N ALA B 176 16.99 29.98 -35.78
CA ALA B 176 17.13 28.54 -35.50
C ALA B 176 16.45 28.15 -34.18
N TYR B 177 16.31 26.84 -33.93
CA TYR B 177 15.59 26.35 -32.74
C TYR B 177 16.31 25.28 -31.94
N SER B 178 16.41 25.48 -30.63
CA SER B 178 16.67 24.39 -29.68
C SER B 178 15.40 23.57 -29.55
N TYR B 179 15.50 22.30 -29.16
CA TYR B 179 14.29 21.54 -28.81
C TYR B 179 14.42 20.84 -27.48
N ALA B 180 13.29 20.54 -26.84
CA ALA B 180 13.31 19.78 -25.59
C ALA B 180 12.09 18.88 -25.42
N LEU B 181 12.22 17.89 -24.54
CA LEU B 181 11.13 16.98 -24.25
C LEU B 181 10.77 17.01 -22.75
N LEU B 182 9.48 16.95 -22.48
CA LEU B 182 8.96 17.06 -21.13
C LEU B 182 7.95 15.97 -20.84
N ASN B 183 8.09 15.34 -19.68
CA ASN B 183 7.10 14.36 -19.21
C ASN B 183 5.82 15.03 -18.74
N VAL B 184 4.70 14.34 -18.89
CA VAL B 184 3.44 14.75 -18.27
C VAL B 184 3.14 13.71 -17.21
N PRO B 185 3.48 14.01 -15.93
CA PRO B 185 3.62 12.98 -14.90
C PRO B 185 2.27 12.52 -14.36
N THR B 186 1.56 11.76 -15.18
CA THR B 186 0.24 11.30 -14.80
C THR B 186 0.29 10.04 -13.93
N ASP B 187 1.50 9.54 -13.69
CA ASP B 187 1.76 8.41 -12.84
C ASP B 187 1.82 8.84 -11.38
N GLY B 188 1.92 10.15 -11.15
CA GLY B 188 1.98 10.71 -9.82
C GLY B 188 0.88 11.73 -9.57
N LEU B 189 0.17 12.10 -10.62
CA LEU B 189 -0.84 13.16 -10.55
C LEU B 189 -2.00 12.83 -11.51
N PRO B 190 -3.23 13.28 -11.19
CA PRO B 190 -4.32 13.01 -12.11
C PRO B 190 -4.25 13.86 -13.39
N ARG B 191 -4.91 13.38 -14.44
CA ARG B 191 -4.86 14.05 -15.73
C ARG B 191 -5.68 15.35 -15.68
N PHE B 192 -6.75 15.32 -14.91
CA PHE B 192 -7.57 16.52 -14.75
C PHE B 192 -7.40 17.06 -13.35
N VAL B 193 -6.94 18.31 -13.26
CA VAL B 193 -6.79 18.99 -11.97
C VAL B 193 -8.03 19.84 -11.67
N GLU B 194 -8.64 19.60 -10.51
CA GLU B 194 -9.72 20.46 -10.03
C GLU B 194 -9.14 21.72 -9.41
N LEU B 195 -9.80 22.84 -9.66
CA LEU B 195 -9.40 24.10 -9.07
C LEU B 195 -10.33 24.35 -7.89
N PRO B 196 -9.83 24.97 -6.82
CA PRO B 196 -10.62 25.21 -5.62
C PRO B 196 -11.90 26.00 -5.88
N ARG B 197 -12.92 25.75 -5.07
CA ARG B 197 -14.26 26.18 -5.36
C ARG B 197 -14.93 26.80 -4.15
N LEU B 198 -15.74 27.83 -4.40
CA LEU B 198 -16.70 28.33 -3.39
C LEU B 198 -18.10 27.91 -3.75
N GLN B 199 -18.89 27.52 -2.76
CA GLN B 199 -20.28 27.11 -3.01
C GLN B 199 -21.05 28.09 -3.88
N THR B 200 -20.75 29.38 -3.70
CA THR B 200 -21.35 30.46 -4.49
C THR B 200 -20.93 30.44 -5.97
N ASP B 201 -19.78 29.85 -6.30
CA ASP B 201 -19.31 29.78 -7.68
C ASP B 201 -20.31 29.05 -8.57
N THR B 202 -20.36 29.46 -9.84
CA THR B 202 -21.27 28.90 -10.83
C THR B 202 -20.84 27.51 -11.24
N PHE B 203 -19.53 27.32 -11.34
CA PHE B 203 -19.00 26.09 -11.90
C PHE B 203 -18.19 25.25 -10.94
N TYR B 204 -17.87 24.07 -11.46
CA TYR B 204 -16.72 23.31 -11.03
C TYR B 204 -15.68 23.54 -12.14
N TYR B 205 -14.42 23.69 -11.74
CA TYR B 205 -13.36 24.02 -12.68
C TYR B 205 -12.31 22.92 -12.80
N TYR B 206 -12.01 22.56 -14.05
CA TYR B 206 -10.97 21.57 -14.33
C TYR B 206 -10.02 22.05 -15.42
N SER B 207 -8.77 21.59 -15.31
CA SER B 207 -7.74 21.86 -16.31
C SER B 207 -6.96 20.60 -16.60
N PHE B 208 -6.51 20.46 -17.85
CA PHE B 208 -5.62 19.37 -18.23
C PHE B 208 -4.28 19.55 -17.58
N LEU B 209 -3.70 18.44 -17.12
CA LEU B 209 -2.44 18.46 -16.40
C LEU B 209 -1.35 19.11 -17.26
N GLU B 210 -1.27 18.70 -18.53
CA GLU B 210 -0.25 19.22 -19.47
C GLU B 210 -0.37 20.72 -19.77
N ASP B 211 -1.59 21.24 -19.78
CA ASP B 211 -1.84 22.66 -19.99
C ASP B 211 -1.22 23.52 -18.87
N ILE B 212 -1.22 23.02 -17.65
CA ILE B 212 -0.60 23.73 -16.53
C ILE B 212 0.92 23.81 -16.74
N ILE B 213 1.51 22.74 -17.27
CA ILE B 213 2.90 22.74 -17.63
C ILE B 213 3.13 23.77 -18.75
N LYS B 214 2.24 23.74 -19.75
CA LYS B 214 2.30 24.70 -20.87
C LYS B 214 2.36 26.15 -20.40
N GLU B 215 1.54 26.48 -19.41
CA GLU B 215 1.44 27.83 -18.91
C GLU B 215 2.65 28.24 -18.10
N HIS B 216 3.43 27.26 -17.67
CA HIS B 216 4.51 27.52 -16.73
C HIS B 216 5.85 27.12 -17.29
N LEU B 217 5.85 26.80 -18.58
CA LEU B 217 7.08 26.52 -19.32
C LEU B 217 8.28 27.42 -18.98
N ASP B 218 8.04 28.72 -18.85
CA ASP B 218 9.11 29.67 -18.56
C ASP B 218 9.81 29.48 -17.21
N VAL B 219 9.21 28.74 -16.29
CA VAL B 219 9.93 28.43 -15.06
C VAL B 219 10.92 27.28 -15.30
N VAL B 220 10.58 26.41 -16.24
CA VAL B 220 11.41 25.26 -16.58
C VAL B 220 12.57 25.70 -17.48
N PHE B 221 12.27 26.54 -18.45
CA PHE B 221 13.27 27.11 -19.32
C PHE B 221 13.35 28.62 -19.12
N PRO B 222 14.05 29.07 -18.05
CA PRO B 222 14.25 30.52 -17.93
C PRO B 222 15.13 31.13 -19.03
N GLY B 223 16.06 30.37 -19.59
CA GLY B 223 17.00 30.92 -20.57
C GLY B 223 16.51 31.05 -22.00
N TYR B 224 15.23 30.77 -22.24
CA TYR B 224 14.70 30.72 -23.60
C TYR B 224 13.44 31.57 -23.69
N GLU B 225 13.12 32.01 -24.90
CA GLU B 225 11.75 32.41 -25.20
C GLU B 225 11.06 31.11 -25.65
N VAL B 226 10.19 30.58 -24.79
CA VAL B 226 9.52 29.30 -25.03
C VAL B 226 8.54 29.42 -26.19
N MSE B 227 8.97 29.04 -27.39
CA MSE B 227 8.21 29.31 -28.60
C MSE B 227 6.89 28.55 -28.73
O MSE B 227 5.89 29.12 -29.18
CB MSE B 227 9.06 29.08 -29.85
CG MSE B 227 10.36 29.87 -29.88
SE MSE B 227 10.14 31.77 -29.51
CE MSE B 227 9.03 32.27 -31.05
N ASP B 228 6.90 27.29 -28.35
CA ASP B 228 5.72 26.45 -28.45
C ASP B 228 5.91 25.18 -27.67
N SER B 229 4.86 24.37 -27.62
CA SER B 229 4.91 23.01 -27.08
C SER B 229 3.79 22.23 -27.72
N TYR B 230 4.02 20.94 -27.97
CA TYR B 230 3.00 20.07 -28.56
C TYR B 230 2.91 18.71 -27.85
N SER B 231 1.68 18.31 -27.53
CA SER B 231 1.33 16.96 -27.07
C SER B 231 1.76 15.83 -28.02
N ILE B 232 2.57 14.90 -27.55
CA ILE B 232 2.88 13.70 -28.34
C ILE B 232 2.65 12.44 -27.51
N LYS B 233 2.52 11.32 -28.22
CA LYS B 233 2.18 10.06 -27.61
C LYS B 233 2.58 8.95 -28.59
N VAL B 234 3.29 7.93 -28.09
CA VAL B 234 3.75 6.86 -28.96
C VAL B 234 3.15 5.51 -28.59
N SER B 235 3.14 4.61 -29.57
CA SER B 235 2.70 3.24 -29.36
C SER B 235 3.80 2.30 -29.81
N ARG B 236 3.83 1.11 -29.21
CA ARG B 236 4.80 0.05 -29.57
C ARG B 236 4.34 -1.32 -29.04
N PRO B 266 8.54 0.99 -32.11
CA PRO B 266 7.79 2.24 -32.20
C PRO B 266 6.85 2.28 -33.40
N THR B 267 5.68 1.64 -33.27
CA THR B 267 4.74 1.49 -34.38
C THR B 267 3.93 2.76 -34.74
N ARG B 268 3.48 3.49 -33.73
CA ARG B 268 2.60 4.65 -33.97
C ARG B 268 3.00 5.89 -33.16
N PHE B 269 2.40 7.03 -33.52
CA PHE B 269 2.88 8.32 -33.07
C PHE B 269 1.77 9.37 -33.19
N MSE B 270 0.75 9.28 -32.34
CA MSE B 270 -0.29 10.28 -32.29
C MSE B 270 0.29 11.58 -31.71
O MSE B 270 0.99 11.54 -30.70
CB MSE B 270 -1.46 9.79 -31.45
CG MSE B 270 -2.79 10.46 -31.77
SE MSE B 270 -4.13 10.37 -30.34
CE MSE B 270 -5.76 10.81 -31.33
N TYR B 271 0.00 12.71 -32.36
CA TYR B 271 0.56 13.99 -31.94
C TYR B 271 -0.32 15.20 -32.28
N ASP B 272 0.01 16.34 -31.66
CA ASP B 272 -0.66 17.61 -31.88
C ASP B 272 -0.48 18.09 -33.33
N GLY B 273 -1.58 18.14 -34.07
CA GLY B 273 -1.58 18.52 -35.48
C GLY B 273 -0.97 19.88 -35.80
N ARG B 274 -0.89 20.74 -34.78
CA ARG B 274 -0.26 22.06 -34.93
C ARG B 274 1.27 21.96 -34.95
N MSE B 275 1.79 20.74 -34.83
CA MSE B 275 3.24 20.54 -34.77
C MSE B 275 3.91 20.44 -36.13
O MSE B 275 3.52 19.63 -36.97
CB MSE B 275 3.57 19.30 -33.94
CG MSE B 275 5.04 19.10 -33.62
SE MSE B 275 5.32 17.28 -32.98
CE MSE B 275 7.18 17.32 -32.50
N PRO B 276 4.94 21.27 -36.38
CA PRO B 276 5.79 21.16 -37.57
C PRO B 276 6.45 19.80 -37.70
N ASP B 277 6.85 19.43 -38.91
CA ASP B 277 7.41 18.12 -39.15
C ASP B 277 8.90 18.06 -38.81
N GLU B 278 9.56 19.21 -38.78
CA GLU B 278 11.00 19.25 -38.52
C GLU B 278 11.31 18.88 -37.07
N VAL B 279 10.38 19.19 -36.17
CA VAL B 279 10.49 18.81 -34.77
C VAL B 279 10.00 17.36 -34.58
N LEU B 280 9.16 16.90 -35.51
CA LEU B 280 8.79 15.49 -35.61
C LEU B 280 10.03 14.71 -36.02
N ARG B 281 10.79 15.31 -36.94
CA ARG B 281 12.07 14.76 -37.39
C ARG B 281 13.16 14.82 -36.30
N TYR B 282 12.93 15.67 -35.30
CA TYR B 282 13.86 15.80 -34.20
C TYR B 282 13.70 14.65 -33.22
N ILE B 283 12.80 13.72 -33.54
CA ILE B 283 12.56 12.51 -32.73
C ILE B 283 12.24 11.32 -33.62
N ALA B 294 2.81 8.11 -37.84
CA ALA B 294 2.62 9.42 -37.24
C ALA B 294 1.26 10.02 -37.61
N ILE B 295 0.31 9.92 -36.70
CA ILE B 295 -1.05 10.37 -36.96
C ILE B 295 -1.38 11.69 -36.25
N ARG B 296 -1.32 12.78 -37.01
CA ARG B 296 -1.61 14.11 -36.47
C ARG B 296 -3.09 14.32 -36.18
N SER B 297 -3.38 14.75 -34.95
CA SER B 297 -4.75 14.91 -34.48
C SER B 297 -4.96 16.29 -33.85
N GLY B 298 -5.87 16.38 -32.88
CA GLY B 298 -6.26 17.66 -32.28
C GLY B 298 -5.23 18.24 -31.34
N ASN B 299 -5.68 18.90 -30.29
CA ASN B 299 -4.74 19.52 -29.35
C ASN B 299 -4.50 18.73 -28.06
N TYR B 300 -5.20 17.61 -27.92
CA TYR B 300 -5.10 16.78 -26.72
C TYR B 300 -4.98 15.32 -27.10
N VAL B 301 -3.95 14.66 -26.58
CA VAL B 301 -3.76 13.23 -26.82
C VAL B 301 -4.23 12.40 -25.63
N ASN B 302 -4.36 11.10 -25.86
CA ASN B 302 -4.72 10.12 -24.84
C ASN B 302 -6.06 10.45 -24.20
N LEU B 303 -6.99 10.90 -25.05
CA LEU B 303 -8.32 11.33 -24.62
C LEU B 303 -9.17 10.24 -23.96
N GLN B 304 -8.68 9.01 -23.97
CA GLN B 304 -9.30 7.94 -23.19
C GLN B 304 -9.29 8.30 -21.70
N ASP B 305 -8.37 9.19 -21.33
CA ASP B 305 -8.33 9.77 -19.98
C ASP B 305 -9.62 10.50 -19.59
N LEU B 306 -10.40 10.94 -20.56
CA LEU B 306 -11.67 11.61 -20.31
C LEU B 306 -12.61 10.84 -19.40
N ALA B 307 -12.37 9.53 -19.27
CA ALA B 307 -13.09 8.71 -18.31
C ALA B 307 -12.76 9.18 -16.91
N MSE B 308 -11.48 9.43 -16.66
CA MSE B 308 -10.95 9.85 -15.35
CA MSE B 308 -11.07 9.78 -15.32
C MSE B 308 -11.48 11.20 -14.89
O MSE B 308 -11.36 11.55 -13.70
CB MSE B 308 -9.42 9.96 -15.40
CB MSE B 308 -9.57 9.52 -15.14
CG MSE B 308 -8.62 8.74 -14.98
CG MSE B 308 -9.23 8.03 -15.09
SE MSE B 308 -6.74 9.23 -14.74
SE MSE B 308 -10.02 7.17 -13.53
CE MSE B 308 -6.88 10.34 -13.12
CE MSE B 308 -9.11 8.13 -12.09
N LEU B 309 -12.01 11.99 -15.83
CA LEU B 309 -12.58 13.30 -15.50
C LEU B 309 -13.83 13.11 -14.65
N PRO B 310 -13.81 13.67 -13.43
CA PRO B 310 -14.84 13.43 -12.44
C PRO B 310 -16.16 14.15 -12.69
N ASN B 311 -17.23 13.59 -12.12
CA ASN B 311 -18.56 14.17 -12.17
C ASN B 311 -18.91 14.76 -10.80
N PRO B 312 -18.80 16.09 -10.67
CA PRO B 312 -19.05 16.84 -9.43
C PRO B 312 -20.41 16.53 -8.79
N PHE B 313 -21.37 16.14 -9.61
CA PHE B 313 -22.74 16.00 -9.16
C PHE B 313 -23.14 14.55 -8.99
N ALA B 314 -22.68 14.00 -7.85
CA ALA B 314 -22.86 12.61 -7.48
C ALA B 314 -23.13 11.75 -8.72
N PRO B 315 -24.31 11.10 -8.82
CA PRO B 315 -24.62 10.42 -10.07
C PRO B 315 -25.67 11.15 -10.92
N ARG B 316 -25.70 12.47 -10.82
CA ARG B 316 -26.79 13.24 -11.42
C ARG B 316 -26.66 13.41 -12.94
N LEU B 317 -25.46 13.27 -13.47
CA LEU B 317 -25.30 13.49 -14.92
C LEU B 317 -24.78 12.25 -15.67
N GLU B 318 -24.86 11.10 -15.01
CA GLU B 318 -24.44 9.83 -15.59
C GLU B 318 -25.44 8.70 -15.31
N THR B 319 -25.10 7.49 -15.77
CA THR B 319 -25.87 6.28 -15.48
C THR B 319 -24.95 5.14 -15.05
N LEU B 320 -23.65 5.41 -14.97
CA LEU B 320 -22.70 4.35 -14.69
C LEU B 320 -22.66 3.95 -13.21
N THR B 321 -23.36 4.70 -12.35
CA THR B 321 -23.40 4.38 -10.93
C THR B 321 -24.80 4.54 -10.33
N PRO B 322 -25.71 3.59 -10.58
CA PRO B 322 -27.00 3.62 -9.89
C PRO B 322 -26.87 3.01 -8.48
N GLU B 323 -27.91 3.15 -7.66
CA GLU B 323 -27.86 2.60 -6.29
C GLU B 323 -27.53 1.13 -6.29
N PRO B 324 -26.41 0.75 -5.65
CA PRO B 324 -26.06 -0.66 -5.49
C PRO B 324 -27.20 -1.44 -4.88
N LEU B 325 -27.51 -2.60 -5.48
CA LEU B 325 -28.62 -3.40 -5.02
C LEU B 325 -28.18 -4.30 -3.87
N LEU B 326 -29.07 -4.46 -2.90
CA LEU B 326 -28.90 -5.50 -1.89
C LEU B 326 -29.77 -6.71 -2.23
N SER B 327 -29.28 -7.89 -1.85
CA SER B 327 -30.10 -9.11 -1.84
C SER B 327 -30.96 -9.13 -0.58
N LYS B 328 -32.20 -8.64 -0.70
CA LYS B 328 -33.02 -8.37 0.49
C LYS B 328 -33.44 -9.61 1.25
N HIS B 329 -33.43 -10.75 0.58
CA HIS B 329 -33.66 -12.04 1.21
C HIS B 329 -32.50 -12.37 2.16
N LEU B 330 -31.29 -12.28 1.62
CA LEU B 330 -30.05 -12.51 2.34
C LEU B 330 -29.89 -11.47 3.44
N GLU B 331 -30.25 -10.24 3.12
CA GLU B 331 -30.23 -9.19 4.10
C GLU B 331 -31.15 -9.46 5.29
N GLN B 332 -32.25 -10.18 5.07
CA GLN B 332 -33.19 -10.43 6.15
C GLN B 332 -33.14 -11.86 6.69
N ALA B 333 -32.11 -12.60 6.32
CA ALA B 333 -31.80 -13.85 6.99
C ALA B 333 -31.18 -13.49 8.33
N PRO B 334 -31.18 -14.42 9.32
CA PRO B 334 -30.58 -14.03 10.61
C PRO B 334 -29.07 -13.72 10.52
N SER B 335 -28.38 -14.35 9.58
CA SER B 335 -27.01 -13.96 9.22
C SER B 335 -26.79 -14.34 7.77
N LEU B 336 -25.72 -13.82 7.17
CA LEU B 336 -25.36 -14.23 5.81
C LEU B 336 -25.04 -15.71 5.75
N MSE B 337 -24.30 -16.22 6.74
CA MSE B 337 -23.90 -17.61 6.73
C MSE B 337 -25.12 -18.52 6.81
O MSE B 337 -25.16 -19.57 6.17
CB MSE B 337 -22.95 -17.90 7.90
CG MSE B 337 -21.68 -17.12 7.85
SE MSE B 337 -20.39 -17.74 9.15
CE MSE B 337 -19.81 -19.32 8.19
N GLU B 338 -26.11 -18.10 7.60
CA GLU B 338 -27.38 -18.79 7.70
C GLU B 338 -28.07 -18.82 6.35
N GLY B 339 -28.14 -17.67 5.69
CA GLY B 339 -28.74 -17.53 4.37
C GLY B 339 -28.16 -18.50 3.37
N ILE B 340 -26.84 -18.47 3.20
CA ILE B 340 -26.19 -19.34 2.23
C ILE B 340 -26.53 -20.78 2.59
N ARG B 341 -26.41 -21.11 3.88
CA ARG B 341 -26.71 -22.46 4.34
C ARG B 341 -28.08 -22.98 3.87
N ARG B 342 -29.01 -22.07 3.63
CA ARG B 342 -30.38 -22.44 3.27
C ARG B 342 -30.69 -22.32 1.78
N LYS B 343 -30.00 -21.40 1.10
CA LYS B 343 -30.19 -21.21 -0.33
C LYS B 343 -28.91 -20.72 -1.00
N ASP B 344 -28.73 -21.08 -2.27
CA ASP B 344 -27.70 -20.49 -3.12
C ASP B 344 -28.05 -19.06 -3.47
N TYR B 345 -27.03 -18.24 -3.70
CA TYR B 345 -27.27 -16.88 -4.13
C TYR B 345 -26.33 -16.50 -5.25
N LEU B 346 -26.80 -15.60 -6.11
CA LEU B 346 -25.95 -15.01 -7.15
C LEU B 346 -25.78 -13.55 -6.86
N ILE B 347 -24.56 -13.05 -7.02
CA ILE B 347 -24.29 -11.64 -6.85
C ILE B 347 -23.65 -11.10 -8.14
N HIS B 348 -24.32 -10.14 -8.76
CA HIS B 348 -23.84 -9.53 -9.98
C HIS B 348 -23.29 -8.14 -9.65
N VAL B 349 -22.01 -7.91 -9.90
CA VAL B 349 -21.41 -6.61 -9.57
C VAL B 349 -21.45 -5.61 -10.74
N PRO B 350 -21.20 -4.34 -10.43
CA PRO B 350 -21.69 -3.01 -10.25
C PRO B 350 -23.14 -3.01 -9.75
N TYR B 351 -23.93 -3.97 -10.19
CA TYR B 351 -25.37 -4.00 -9.90
C TYR B 351 -25.63 -4.11 -8.41
N TYR B 352 -24.96 -5.08 -7.80
CA TYR B 352 -25.07 -5.31 -6.37
C TYR B 352 -23.91 -4.66 -5.62
N THR B 353 -23.97 -4.74 -4.29
CA THR B 353 -22.90 -4.28 -3.42
C THR B 353 -21.75 -5.23 -3.56
N TYR B 354 -20.53 -4.71 -3.47
CA TYR B 354 -19.35 -5.57 -3.40
C TYR B 354 -19.15 -6.16 -2.00
N ASP B 355 -19.92 -5.66 -1.02
CA ASP B 355 -19.69 -5.98 0.38
C ASP B 355 -19.89 -7.43 0.83
N TYR B 356 -20.68 -8.23 0.11
CA TYR B 356 -21.12 -9.51 0.67
C TYR B 356 -19.99 -10.46 1.01
N VAL B 357 -18.96 -10.43 0.16
CA VAL B 357 -17.82 -11.30 0.33
C VAL B 357 -17.06 -10.94 1.60
N VAL B 358 -16.75 -9.66 1.74
CA VAL B 358 -16.12 -9.14 2.95
C VAL B 358 -16.97 -9.40 4.18
N ARG B 359 -18.25 -9.00 4.13
CA ARG B 359 -19.17 -9.20 5.27
C ARG B 359 -19.33 -10.67 5.62
N LEU B 360 -19.30 -11.55 4.62
CA LEU B 360 -19.42 -12.98 4.88
C LEU B 360 -18.15 -13.45 5.52
N LEU B 361 -17.02 -12.95 5.03
CA LEU B 361 -15.72 -13.33 5.58
C LEU B 361 -15.60 -12.93 7.04
N MSE B 362 -16.07 -11.73 7.38
CA MSE B 362 -16.07 -11.30 8.77
C MSE B 362 -16.92 -12.17 9.67
O MSE B 362 -16.48 -12.51 10.77
CB MSE B 362 -16.49 -9.84 8.94
CG MSE B 362 -15.97 -9.28 10.27
SE MSE B 362 -13.99 -9.30 10.27
CE MSE B 362 -13.83 -8.19 8.67
N GLU B 363 -18.12 -12.51 9.22
CA GLU B 363 -19.01 -13.41 9.95
C GLU B 363 -18.25 -14.69 10.22
N ALA B 364 -17.49 -15.14 9.22
CA ALA B 364 -16.67 -16.34 9.34
C ALA B 364 -15.53 -16.16 10.35
N ALA B 365 -14.99 -14.94 10.42
CA ALA B 365 -13.89 -14.63 11.34
C ALA B 365 -14.31 -14.65 12.81
N ILE B 366 -15.48 -14.08 13.11
CA ILE B 366 -16.02 -14.14 14.48
C ILE B 366 -16.69 -15.48 14.86
N SER B 367 -17.14 -16.25 13.87
CA SER B 367 -17.88 -17.49 14.18
C SER B 367 -17.03 -18.56 14.82
N PRO B 368 -17.50 -19.11 15.95
CA PRO B 368 -16.84 -20.24 16.63
C PRO B 368 -16.86 -21.53 15.80
N ASP B 369 -17.86 -21.67 14.94
CA ASP B 369 -18.04 -22.86 14.09
C ASP B 369 -17.00 -23.00 12.97
N VAL B 370 -16.55 -21.87 12.43
CA VAL B 370 -15.63 -21.89 11.29
C VAL B 370 -14.26 -22.43 11.68
N SER B 371 -13.82 -23.46 10.97
CA SER B 371 -12.56 -24.13 11.22
C SER B 371 -11.44 -23.50 10.42
N GLU B 372 -11.71 -23.22 9.15
CA GLU B 372 -10.73 -22.57 8.29
C GLU B 372 -11.28 -21.74 7.12
N ILE B 373 -10.39 -21.00 6.49
CA ILE B 373 -10.71 -20.10 5.39
C ILE B 373 -9.61 -20.15 4.33
N ARG B 374 -9.98 -20.52 3.11
CA ARG B 374 -9.01 -20.53 2.02
C ARG B 374 -9.44 -19.55 0.94
N LEU B 375 -8.48 -19.04 0.17
CA LEU B 375 -8.79 -17.99 -0.80
C LEU B 375 -7.68 -17.86 -1.83
N THR B 376 -8.05 -17.72 -3.10
CA THR B 376 -7.08 -17.43 -4.16
C THR B 376 -6.93 -15.92 -4.34
N GLN B 377 -5.74 -15.48 -4.73
CA GLN B 377 -5.45 -14.07 -5.01
C GLN B 377 -4.55 -13.98 -6.21
N TYR B 378 -4.69 -12.90 -6.98
CA TYR B 378 -3.75 -12.62 -8.06
C TYR B 378 -2.39 -12.31 -7.47
N ARG B 379 -2.25 -11.10 -6.94
CA ARG B 379 -1.04 -10.70 -6.25
C ARG B 379 -1.40 -10.43 -4.81
N VAL B 380 -0.39 -10.25 -3.97
CA VAL B 380 -0.58 -9.61 -2.67
C VAL B 380 0.06 -8.23 -2.80
N ALA B 381 -0.77 -7.20 -2.78
CA ALA B 381 -0.31 -5.84 -3.04
C ALA B 381 -1.11 -4.82 -2.26
N GLU B 382 -2.43 -4.91 -2.31
CA GLU B 382 -3.29 -4.01 -1.56
C GLU B 382 -3.68 -4.58 -0.20
N ASN B 383 -3.54 -3.76 0.85
CA ASN B 383 -4.08 -4.08 2.16
C ASN B 383 -5.57 -3.70 2.21
N SER B 384 -6.42 -4.68 1.91
CA SER B 384 -7.85 -4.45 1.76
C SER B 384 -8.71 -4.94 2.93
N SER B 385 -10.01 -4.69 2.83
CA SER B 385 -10.99 -5.17 3.82
C SER B 385 -10.95 -6.69 3.96
N ILE B 386 -10.70 -7.36 2.84
CA ILE B 386 -10.63 -8.80 2.79
C ILE B 386 -9.38 -9.30 3.54
N ILE B 387 -8.23 -8.64 3.32
CA ILE B 387 -7.00 -8.99 4.05
C ILE B 387 -7.23 -8.85 5.56
N SER B 388 -7.75 -7.70 5.99
CA SER B 388 -8.06 -7.43 7.40
C SER B 388 -8.95 -8.48 8.03
N ALA B 389 -9.85 -9.04 7.22
CA ALA B 389 -10.81 -10.07 7.66
C ALA B 389 -10.11 -11.41 7.89
N LEU B 390 -9.28 -11.80 6.92
CA LEU B 390 -8.59 -13.06 6.99
C LEU B 390 -7.56 -13.05 8.12
N GLU B 391 -6.96 -11.87 8.34
CA GLU B 391 -6.09 -11.64 9.48
C GLU B 391 -6.88 -11.88 10.75
N ALA B 392 -8.03 -11.23 10.86
CA ALA B 392 -8.90 -11.40 12.01
C ALA B 392 -9.27 -12.86 12.23
N ALA B 393 -9.51 -13.57 11.13
CA ALA B 393 -9.84 -14.98 11.23
C ALA B 393 -8.66 -15.78 11.79
N ALA B 394 -7.48 -15.54 11.22
CA ALA B 394 -6.27 -16.23 11.63
C ALA B 394 -5.92 -15.94 13.09
N GLN B 395 -6.15 -14.69 13.52
CA GLN B 395 -5.87 -14.31 14.90
C GLN B 395 -6.87 -14.89 15.88
N SER B 396 -8.11 -15.13 15.43
CA SER B 396 -9.09 -15.93 16.18
C SER B 396 -8.70 -17.40 16.26
N GLY B 397 -7.55 -17.75 15.68
CA GLY B 397 -7.03 -19.11 15.75
C GLY B 397 -7.38 -20.01 14.59
N LYS B 398 -7.99 -19.46 13.55
CA LYS B 398 -8.45 -20.28 12.44
C LYS B 398 -7.35 -20.49 11.43
N LYS B 399 -7.36 -21.65 10.76
CA LYS B 399 -6.42 -21.88 9.68
C LYS B 399 -6.83 -20.97 8.55
N VAL B 400 -5.88 -20.17 8.05
CA VAL B 400 -6.18 -19.25 6.96
C VAL B 400 -5.02 -19.33 5.98
N SER B 401 -5.29 -19.96 4.85
CA SER B 401 -4.31 -20.06 3.80
C SER B 401 -4.75 -19.22 2.62
N VAL B 402 -3.80 -18.63 1.91
CA VAL B 402 -4.06 -17.69 0.82
C VAL B 402 -3.19 -18.09 -0.35
N PHE B 403 -3.80 -18.25 -1.52
CA PHE B 403 -3.10 -18.76 -2.69
C PHE B 403 -2.93 -17.66 -3.73
N VAL B 404 -1.73 -17.07 -3.76
CA VAL B 404 -1.43 -15.97 -4.68
C VAL B 404 -0.62 -16.44 -5.89
N GLU B 405 -1.12 -16.13 -7.09
CA GLU B 405 -0.62 -16.72 -8.34
C GLU B 405 0.60 -16.01 -8.95
N LEU B 406 0.73 -14.72 -8.73
CA LEU B 406 1.91 -13.98 -9.18
C LEU B 406 2.67 -13.31 -8.04
N LYS B 407 3.97 -13.56 -7.97
CA LYS B 407 4.87 -12.75 -7.18
C LYS B 407 5.64 -11.84 -8.14
N ALA B 408 5.69 -10.55 -7.82
CA ALA B 408 6.40 -9.57 -8.64
C ALA B 408 7.90 -9.84 -8.55
N ARG B 409 8.62 -9.58 -9.63
CA ARG B 409 10.06 -9.88 -9.69
C ARG B 409 10.92 -8.82 -8.99
N PHE B 410 10.64 -7.56 -9.27
CA PHE B 410 11.38 -6.45 -8.70
C PHE B 410 10.69 -5.98 -7.42
N ASP B 411 10.62 -6.87 -6.44
CA ASP B 411 9.82 -6.70 -5.23
C ASP B 411 10.03 -5.41 -4.45
N GLU B 412 8.94 -4.65 -4.29
CA GLU B 412 8.90 -3.48 -3.40
C GLU B 412 8.73 -3.94 -1.95
N GLU B 413 9.05 -3.04 -1.02
CA GLU B 413 8.95 -3.36 0.40
C GLU B 413 7.50 -3.40 0.90
N ASN B 414 6.59 -2.75 0.17
CA ASN B 414 5.20 -2.68 0.60
C ASN B 414 4.49 -4.01 0.42
N ASN B 415 4.89 -4.75 -0.61
CA ASN B 415 4.50 -6.15 -0.77
C ASN B 415 4.98 -6.93 0.43
N LEU B 416 6.30 -6.88 0.64
CA LEU B 416 6.99 -7.58 1.71
C LEU B 416 6.40 -7.29 3.07
N ARG B 417 6.06 -6.02 3.31
CA ARG B 417 5.51 -5.57 4.59
C ARG B 417 4.14 -6.17 4.83
N LEU B 418 3.26 -6.01 3.84
CA LEU B 418 1.90 -6.54 3.90
C LEU B 418 1.92 -8.05 4.12
N SER B 419 2.74 -8.75 3.35
CA SER B 419 2.84 -10.20 3.46
C SER B 419 3.39 -10.64 4.83
N GLU B 420 4.38 -9.89 5.32
CA GLU B 420 4.97 -10.14 6.63
C GLU B 420 3.92 -9.97 7.70
N ARG B 421 3.12 -8.92 7.60
CA ARG B 421 2.05 -8.68 8.58
C ARG B 421 1.04 -9.81 8.59
N MSE B 422 0.66 -10.28 7.40
CA MSE B 422 -0.24 -11.41 7.25
C MSE B 422 0.36 -12.69 7.81
O MSE B 422 -0.31 -13.43 8.53
CB MSE B 422 -0.58 -11.63 5.78
CG MSE B 422 -1.44 -10.54 5.19
SE MSE B 422 -1.52 -10.74 3.25
CE MSE B 422 -2.57 -12.40 3.17
N ARG B 423 1.62 -12.94 7.49
CA ARG B 423 2.34 -14.06 8.06
C ARG B 423 2.32 -13.97 9.58
N ARG B 424 2.69 -12.80 10.11
CA ARG B 424 2.63 -12.57 11.56
C ARG B 424 1.25 -12.85 12.15
N SER B 425 0.21 -12.61 11.36
CA SER B 425 -1.17 -12.76 11.84
C SER B 425 -1.68 -14.20 11.86
N GLY B 426 -0.92 -15.10 11.24
CA GLY B 426 -1.32 -16.51 11.20
C GLY B 426 -1.60 -17.01 9.79
N ILE B 427 -1.72 -16.08 8.84
CA ILE B 427 -2.12 -16.40 7.47
C ILE B 427 -0.99 -17.04 6.70
N ARG B 428 -1.28 -18.20 6.10
CA ARG B 428 -0.31 -18.92 5.27
C ARG B 428 -0.33 -18.50 3.81
N ILE B 429 0.69 -17.77 3.38
CA ILE B 429 0.84 -17.43 1.98
C ILE B 429 1.44 -18.61 1.23
N VAL B 430 0.71 -19.14 0.26
CA VAL B 430 1.22 -20.22 -0.57
C VAL B 430 1.21 -19.78 -2.04
N TYR B 431 2.41 -19.74 -2.62
CA TYR B 431 2.54 -19.30 -4.00
C TYR B 431 2.35 -20.45 -4.96
N SER B 432 1.71 -20.16 -6.09
CA SER B 432 1.42 -21.15 -7.13
C SER B 432 2.65 -21.95 -7.54
N MSE B 433 2.64 -23.23 -7.19
CA MSE B 433 3.68 -24.18 -7.60
CA MSE B 433 3.70 -24.13 -7.60
C MSE B 433 3.61 -24.35 -9.11
O MSE B 433 2.55 -24.65 -9.64
CB MSE B 433 3.44 -25.54 -6.90
CB MSE B 433 3.63 -25.43 -6.80
CG MSE B 433 4.49 -26.60 -7.21
CG MSE B 433 4.27 -25.30 -5.41
SE MSE B 433 3.96 -28.43 -6.73
SE MSE B 433 3.15 -25.88 -3.91
CE MSE B 433 2.39 -28.63 -7.85
CE MSE B 433 4.18 -25.10 -2.44
N PRO B 434 4.75 -24.14 -9.81
CA PRO B 434 4.93 -24.13 -11.28
C PRO B 434 3.90 -24.85 -12.16
N GLY B 435 3.59 -24.25 -13.30
CA GLY B 435 2.61 -24.81 -14.23
C GLY B 435 1.19 -24.50 -13.82
N LEU B 436 0.78 -25.04 -12.67
CA LEU B 436 -0.57 -24.84 -12.16
C LEU B 436 -0.80 -23.52 -11.38
N LYS B 437 -0.61 -22.40 -12.07
CA LYS B 437 -1.08 -21.11 -11.58
C LYS B 437 -2.58 -21.25 -11.39
N VAL B 438 -3.07 -20.88 -10.21
CA VAL B 438 -4.50 -20.85 -10.04
C VAL B 438 -5.08 -19.54 -10.59
N HIS B 439 -6.00 -19.65 -11.53
CA HIS B 439 -6.67 -18.48 -12.07
C HIS B 439 -8.11 -18.42 -11.57
N ALA B 440 -8.60 -19.59 -11.16
CA ALA B 440 -9.85 -19.79 -10.44
C ALA B 440 -9.91 -18.90 -9.20
N LYS B 441 -10.77 -17.88 -9.23
CA LYS B 441 -10.87 -16.91 -8.12
C LYS B 441 -11.91 -17.30 -7.07
N THR B 442 -11.52 -18.18 -6.17
CA THR B 442 -12.44 -18.80 -5.25
C THR B 442 -12.03 -18.65 -3.79
N ALA B 443 -13.02 -18.84 -2.93
CA ALA B 443 -12.85 -18.82 -1.50
C ALA B 443 -13.59 -20.02 -0.89
N LEU B 444 -13.20 -20.43 0.30
CA LEU B 444 -13.87 -21.52 0.98
C LEU B 444 -13.87 -21.32 2.50
N ILE B 445 -15.05 -21.39 3.09
CA ILE B 445 -15.21 -21.29 4.52
C ILE B 445 -15.59 -22.68 5.06
N LEU B 446 -14.74 -23.25 5.90
CA LEU B 446 -14.95 -24.60 6.42
C LEU B 446 -15.37 -24.62 7.88
N TYR B 447 -16.40 -25.40 8.20
CA TYR B 447 -16.80 -25.61 9.60
C TYR B 447 -16.00 -26.74 10.24
N HIS B 448 -16.21 -26.94 11.54
CA HIS B 448 -15.69 -28.14 12.22
C HIS B 448 -16.61 -29.33 11.98
N THR B 449 -16.06 -30.48 11.58
CA THR B 449 -16.87 -31.71 11.38
C THR B 449 -16.22 -32.98 11.93
N PRO B 450 -16.99 -33.77 12.72
CA PRO B 450 -16.68 -34.99 13.48
C PRO B 450 -15.44 -35.80 13.09
N ALA B 451 -15.61 -36.88 12.34
CA ALA B 451 -14.49 -37.79 12.04
C ALA B 451 -14.04 -37.70 10.59
N GLY B 452 -14.24 -38.77 9.83
CA GLY B 452 -14.01 -38.78 8.39
C GLY B 452 -15.18 -38.17 7.66
N GLU B 453 -15.77 -37.15 8.27
CA GLU B 453 -16.96 -36.48 7.78
C GLU B 453 -16.69 -35.69 6.50
N ARG B 454 -17.74 -35.47 5.72
CA ARG B 454 -17.67 -34.64 4.53
C ARG B 454 -17.42 -33.19 4.95
N PRO B 455 -16.45 -32.53 4.30
CA PRO B 455 -16.21 -31.10 4.54
C PRO B 455 -17.46 -30.27 4.23
N GLN B 456 -18.00 -29.63 5.25
CA GLN B 456 -19.23 -28.86 5.10
C GLN B 456 -18.98 -27.40 5.45
N GLY B 457 -19.35 -26.49 4.56
CA GLY B 457 -19.12 -25.06 4.76
C GLY B 457 -19.80 -24.15 3.75
N ILE B 458 -19.07 -23.13 3.30
CA ILE B 458 -19.52 -22.29 2.19
C ILE B 458 -18.40 -22.18 1.16
N ALA B 459 -18.75 -22.21 -0.12
CA ALA B 459 -17.80 -21.93 -1.17
C ALA B 459 -18.26 -20.74 -2.00
N LEU B 460 -17.30 -19.90 -2.40
CA LEU B 460 -17.58 -18.71 -3.18
C LEU B 460 -16.81 -18.84 -4.46
N LEU B 461 -17.52 -18.84 -5.59
CA LEU B 461 -16.84 -18.96 -6.89
C LEU B 461 -17.26 -17.79 -7.79
N SER B 462 -16.28 -17.16 -8.41
CA SER B 462 -16.53 -15.92 -9.12
C SER B 462 -15.94 -15.88 -10.51
N THR B 463 -16.47 -15.00 -11.34
CA THR B 463 -15.96 -14.81 -12.68
C THR B 463 -14.83 -13.78 -12.70
N GLY B 464 -14.77 -12.94 -11.67
CA GLY B 464 -13.77 -11.87 -11.60
C GLY B 464 -12.82 -12.01 -10.44
N ASN B 465 -11.93 -11.03 -10.30
CA ASN B 465 -10.97 -11.02 -9.18
C ASN B 465 -11.63 -10.57 -7.88
N PHE B 466 -11.29 -11.24 -6.77
CA PHE B 466 -11.87 -10.89 -5.45
C PHE B 466 -11.54 -9.50 -4.91
N ASN B 467 -10.37 -8.98 -5.26
CA ASN B 467 -9.99 -7.62 -4.86
C ASN B 467 -10.25 -6.56 -5.96
N GLU B 468 -11.39 -5.88 -5.87
CA GLU B 468 -11.76 -4.81 -6.82
C GLU B 468 -10.90 -3.55 -6.61
N THR B 469 -9.80 -3.46 -7.35
CA THR B 469 -9.02 -2.23 -7.40
C THR B 469 -8.90 -1.79 -8.86
N THR B 470 -10.06 -1.52 -9.47
CA THR B 470 -10.16 -1.22 -10.90
C THR B 470 -10.38 0.28 -11.19
N ALA B 471 -10.00 0.72 -12.39
CA ALA B 471 -10.31 2.08 -12.86
C ALA B 471 -11.52 2.01 -13.80
N ARG B 472 -11.32 1.38 -14.95
CA ARG B 472 -12.40 0.95 -15.84
C ARG B 472 -13.26 -0.10 -15.10
N ILE B 473 -14.59 0.03 -15.19
CA ILE B 473 -15.51 -0.77 -14.36
C ILE B 473 -15.88 -2.13 -14.98
N TYR B 474 -15.50 -3.22 -14.32
CA TYR B 474 -15.83 -4.59 -14.75
C TYR B 474 -17.15 -5.07 -14.14
N SER B 475 -17.97 -5.78 -14.93
CA SER B 475 -19.14 -6.50 -14.41
C SER B 475 -18.86 -7.99 -14.25
N ASP B 476 -19.11 -8.52 -13.06
CA ASP B 476 -18.80 -9.93 -12.76
C ASP B 476 -19.89 -10.59 -11.94
N THR B 477 -19.82 -11.92 -11.88
CA THR B 477 -20.90 -12.72 -11.34
C THR B 477 -20.29 -13.69 -10.36
N THR B 478 -20.92 -13.81 -9.19
CA THR B 478 -20.39 -14.60 -8.10
C THR B 478 -21.43 -15.55 -7.57
N LEU B 479 -21.06 -16.82 -7.47
CA LEU B 479 -21.93 -17.80 -6.86
C LEU B 479 -21.56 -17.98 -5.41
N MSE B 480 -22.57 -17.95 -4.55
CA MSE B 480 -22.38 -18.24 -3.15
C MSE B 480 -23.21 -19.44 -2.80
O MSE B 480 -24.44 -19.38 -2.76
CB MSE B 480 -22.78 -17.03 -2.33
CG MSE B 480 -21.68 -16.00 -2.26
SE MSE B 480 -22.33 -14.37 -1.44
CE MSE B 480 -20.80 -14.03 -0.27
N THR B 481 -22.53 -20.55 -2.55
CA THR B 481 -23.21 -21.81 -2.36
C THR B 481 -22.69 -22.58 -1.16
N ALA B 482 -23.57 -23.36 -0.53
CA ALA B 482 -23.16 -24.29 0.53
C ALA B 482 -23.42 -25.72 0.09
N ASN B 483 -23.65 -25.89 -1.21
CA ASN B 483 -23.96 -27.19 -1.76
C ASN B 483 -22.87 -28.16 -1.47
N THR B 484 -23.24 -29.26 -0.84
CA THR B 484 -22.27 -30.21 -0.32
C THR B 484 -21.31 -30.80 -1.39
N ASP B 485 -21.76 -30.88 -2.63
CA ASP B 485 -20.91 -31.38 -3.71
C ASP B 485 -19.84 -30.37 -4.11
N ILE B 486 -20.25 -29.11 -4.28
CA ILE B 486 -19.35 -28.05 -4.69
C ILE B 486 -18.36 -27.75 -3.58
N VAL B 487 -18.86 -27.61 -2.35
CA VAL B 487 -18.00 -27.34 -1.19
C VAL B 487 -16.89 -28.39 -1.07
N HIS B 488 -17.24 -29.66 -1.19
CA HIS B 488 -16.24 -30.73 -1.22
C HIS B 488 -15.28 -30.63 -2.42
N ASP B 489 -15.80 -30.14 -3.56
CA ASP B 489 -15.03 -29.99 -4.79
C ASP B 489 -14.02 -28.86 -4.67
N VAL B 490 -14.46 -27.74 -4.09
CA VAL B 490 -13.58 -26.59 -3.88
C VAL B 490 -12.56 -26.98 -2.81
N TYR B 491 -13.04 -27.64 -1.76
CA TYR B 491 -12.15 -28.20 -0.75
C TYR B 491 -11.00 -28.98 -1.38
N ARG B 492 -11.38 -29.95 -2.21
CA ARG B 492 -10.39 -30.79 -2.90
C ARG B 492 -9.44 -29.95 -3.75
N LEU B 493 -10.00 -28.96 -4.45
CA LEU B 493 -9.21 -28.12 -5.33
C LEU B 493 -8.08 -27.38 -4.60
N PHE B 494 -8.40 -26.86 -3.41
CA PHE B 494 -7.41 -26.16 -2.61
C PHE B 494 -6.29 -27.09 -2.16
N ARG B 495 -6.65 -28.31 -1.79
CA ARG B 495 -5.67 -29.36 -1.45
C ARG B 495 -4.77 -29.74 -2.62
N ILE B 496 -5.34 -29.74 -3.83
CA ILE B 496 -4.56 -29.93 -5.05
C ILE B 496 -3.59 -28.76 -5.21
N LEU B 497 -4.07 -27.55 -4.91
CA LEU B 497 -3.20 -26.36 -4.98
C LEU B 497 -2.23 -26.33 -3.80
N ASP B 498 -2.59 -26.99 -2.71
CA ASP B 498 -1.76 -27.08 -1.53
C ASP B 498 -0.77 -28.24 -1.66
N GLY B 499 -0.62 -28.75 -2.87
CA GLY B 499 0.32 -29.83 -3.17
C GLY B 499 0.06 -31.17 -2.51
N ASP B 500 -1.17 -31.38 -2.03
CA ASP B 500 -1.54 -32.62 -1.36
CA ASP B 500 -1.53 -32.63 -1.37
C ASP B 500 -2.00 -33.70 -2.35
N PRO B 501 -1.39 -34.91 -2.27
CA PRO B 501 -1.81 -36.01 -3.13
C PRO B 501 -3.27 -36.39 -2.85
N GLU B 502 -4.10 -36.27 -3.88
CA GLU B 502 -5.54 -36.40 -3.70
C GLU B 502 -6.19 -37.14 -4.87
N PRO B 503 -7.10 -38.08 -4.54
CA PRO B 503 -8.02 -38.66 -5.54
C PRO B 503 -8.64 -37.56 -6.40
N ALA B 504 -7.97 -37.24 -7.51
CA ALA B 504 -8.35 -36.12 -8.38
C ALA B 504 -9.60 -36.45 -9.20
N ARG B 505 -10.75 -36.41 -8.54
CA ARG B 505 -12.04 -36.61 -9.20
C ARG B 505 -13.08 -35.68 -8.56
N PHE B 506 -13.62 -34.78 -9.39
CA PHE B 506 -14.59 -33.78 -8.95
C PHE B 506 -15.98 -34.16 -9.41
N SER B 507 -16.95 -34.04 -8.50
CA SER B 507 -18.34 -34.31 -8.84
C SER B 507 -18.91 -33.27 -9.83
N ARG B 508 -19.19 -32.05 -9.39
CA ARG B 508 -19.84 -31.08 -10.29
C ARG B 508 -18.87 -30.09 -10.93
N LEU B 509 -17.79 -29.78 -10.24
CA LEU B 509 -16.85 -28.76 -10.70
C LEU B 509 -16.00 -29.27 -11.85
N LEU B 510 -15.60 -28.37 -12.73
CA LEU B 510 -14.75 -28.74 -13.87
C LEU B 510 -13.43 -28.00 -13.77
N VAL B 511 -12.35 -28.76 -13.64
CA VAL B 511 -11.01 -28.19 -13.39
C VAL B 511 -10.07 -28.43 -14.57
N ALA B 512 -9.35 -27.39 -14.98
CA ALA B 512 -8.62 -27.32 -16.27
C ALA B 512 -7.85 -28.54 -16.76
N ARG B 513 -6.74 -28.89 -16.10
CA ARG B 513 -5.93 -30.02 -16.55
C ARG B 513 -6.43 -31.32 -15.93
N TYR B 514 -7.74 -31.36 -15.66
CA TYR B 514 -8.41 -32.53 -15.10
C TYR B 514 -9.58 -32.89 -15.97
N ASN B 515 -10.80 -32.73 -15.44
CA ASN B 515 -12.00 -33.18 -16.15
C ASN B 515 -12.59 -32.21 -17.18
N MSE B 516 -12.17 -30.94 -17.10
CA MSE B 516 -12.77 -29.83 -17.84
C MSE B 516 -12.84 -30.01 -19.36
O MSE B 516 -13.89 -29.80 -19.97
CB MSE B 516 -12.02 -28.55 -17.55
CG MSE B 516 -12.89 -27.36 -17.28
SE MSE B 516 -12.12 -25.78 -18.09
CE MSE B 516 -12.97 -24.38 -17.00
N GLY B 517 -11.71 -30.40 -19.96
CA GLY B 517 -11.63 -30.58 -21.41
C GLY B 517 -12.50 -31.71 -21.95
N GLU B 518 -12.62 -32.79 -21.18
CA GLU B 518 -13.48 -33.92 -21.55
C GLU B 518 -14.92 -33.51 -21.47
N ALA B 519 -15.27 -32.91 -20.33
CA ALA B 519 -16.62 -32.47 -20.02
C ALA B 519 -17.19 -31.48 -21.03
N ILE B 520 -16.43 -30.44 -21.38
CA ILE B 520 -16.84 -29.49 -22.40
C ILE B 520 -17.10 -30.22 -23.71
N THR B 521 -16.16 -31.07 -24.09
CA THR B 521 -16.27 -31.84 -25.32
C THR B 521 -17.57 -32.66 -25.39
N ASN B 522 -17.91 -33.34 -24.29
CA ASN B 522 -19.18 -34.06 -24.20
C ASN B 522 -20.35 -33.11 -24.37
N LEU B 523 -20.28 -31.98 -23.69
CA LEU B 523 -21.35 -31.01 -23.66
C LEU B 523 -21.67 -30.53 -25.07
N ILE B 524 -20.62 -30.29 -25.85
CA ILE B 524 -20.77 -29.97 -27.28
C ILE B 524 -21.33 -31.17 -28.05
N GLU B 525 -20.80 -32.35 -27.78
CA GLU B 525 -21.17 -33.57 -28.51
C GLU B 525 -22.59 -34.07 -28.17
N ARG B 526 -23.19 -33.52 -27.12
CA ARG B 526 -24.53 -33.89 -26.70
C ARG B 526 -25.56 -33.06 -27.48
N GLU B 527 -25.15 -31.88 -27.93
CA GLU B 527 -26.02 -31.03 -28.73
C GLU B 527 -26.03 -31.54 -30.16
N ILE B 528 -24.84 -31.95 -30.63
CA ILE B 528 -24.67 -32.50 -31.97
C ILE B 528 -25.45 -33.80 -32.06
N GLU B 529 -25.30 -34.64 -31.05
CA GLU B 529 -26.07 -35.87 -30.91
C GLU B 529 -27.55 -35.57 -31.01
N ASN B 530 -28.01 -34.61 -30.23
CA ASN B 530 -29.42 -34.22 -30.17
C ASN B 530 -29.98 -33.75 -31.51
N VAL B 531 -29.13 -33.13 -32.33
CA VAL B 531 -29.54 -32.71 -33.68
C VAL B 531 -29.78 -33.94 -34.55
N LYS B 532 -28.82 -34.86 -34.56
CA LYS B 532 -28.96 -36.13 -35.25
C LYS B 532 -30.22 -36.89 -34.82
N ARG B 533 -30.76 -36.57 -33.65
CA ARG B 533 -31.97 -37.21 -33.14
C ARG B 533 -33.25 -36.41 -33.45
N GLY B 534 -33.12 -35.39 -34.30
CA GLY B 534 -34.26 -34.58 -34.74
C GLY B 534 -34.64 -33.44 -33.82
N LYS B 535 -33.93 -33.34 -32.69
CA LYS B 535 -34.21 -32.36 -31.64
C LYS B 535 -33.30 -31.16 -31.83
N ARG B 536 -33.75 -29.98 -31.39
CA ARG B 536 -32.94 -28.77 -31.45
C ARG B 536 -31.59 -28.87 -30.72
N GLY B 537 -30.53 -28.34 -31.33
CA GLY B 537 -29.24 -28.24 -30.67
C GLY B 537 -28.85 -26.78 -30.53
N TYR B 538 -28.50 -26.37 -29.31
CA TYR B 538 -28.28 -24.95 -29.00
C TYR B 538 -27.25 -24.69 -27.92
N MSE B 539 -26.39 -23.73 -28.21
CA MSE B 539 -25.42 -23.25 -27.26
C MSE B 539 -25.45 -21.75 -27.17
O MSE B 539 -25.56 -21.04 -28.18
CB MSE B 539 -24.04 -23.66 -27.69
CG MSE B 539 -23.73 -25.10 -27.41
SE MSE B 539 -22.01 -25.51 -28.16
CE MSE B 539 -22.47 -27.28 -28.79
N LEU B 540 -25.32 -21.25 -25.95
CA LEU B 540 -25.18 -19.83 -25.71
C LEU B 540 -23.91 -19.61 -24.90
N LEU B 541 -22.95 -18.93 -25.51
CA LEU B 541 -21.68 -18.69 -24.86
C LEU B 541 -21.36 -17.20 -24.81
N LYS B 542 -21.03 -16.72 -23.60
CA LYS B 542 -20.62 -15.35 -23.37
C LYS B 542 -19.18 -15.35 -22.94
N MSE B 543 -18.38 -14.57 -23.65
CA MSE B 543 -16.93 -14.68 -23.62
C MSE B 543 -16.30 -13.32 -23.76
O MSE B 543 -16.91 -12.41 -24.33
CB MSE B 543 -16.54 -15.50 -24.82
CG MSE B 543 -15.44 -16.45 -24.59
SE MSE B 543 -16.07 -18.19 -25.16
CE MSE B 543 -17.27 -18.58 -23.66
N ASN B 544 -15.08 -13.17 -23.25
CA ASN B 544 -14.33 -11.94 -23.45
C ASN B 544 -13.81 -11.91 -24.88
N GLY B 545 -13.47 -13.09 -25.37
CA GLY B 545 -13.04 -13.30 -26.75
C GLY B 545 -12.70 -14.76 -26.90
N LEU B 546 -12.56 -15.22 -28.14
CA LEU B 546 -12.18 -16.61 -28.35
C LEU B 546 -11.17 -16.74 -29.46
N GLN B 547 -9.94 -17.04 -29.05
CA GLN B 547 -8.79 -17.10 -29.92
C GLN B 547 -8.54 -18.54 -30.40
N ASP B 548 -8.54 -19.49 -29.46
CA ASP B 548 -8.14 -20.88 -29.72
C ASP B 548 -8.72 -21.46 -31.02
N LYS B 549 -7.84 -22.00 -31.86
CA LYS B 549 -8.20 -22.63 -33.13
C LYS B 549 -9.06 -23.87 -32.92
N ASN B 550 -8.59 -24.78 -32.06
CA ASN B 550 -9.30 -26.05 -31.81
C ASN B 550 -10.78 -25.89 -31.46
N VAL B 551 -11.09 -24.84 -30.71
CA VAL B 551 -12.46 -24.60 -30.31
C VAL B 551 -13.27 -23.78 -31.31
N ILE B 552 -12.61 -22.86 -32.03
CA ILE B 552 -13.27 -22.17 -33.15
C ILE B 552 -13.73 -23.20 -34.17
N THR B 553 -12.88 -24.19 -34.43
CA THR B 553 -13.24 -25.30 -35.31
C THR B 553 -14.25 -26.23 -34.64
N GLN B 554 -14.18 -26.35 -33.30
CA GLN B 554 -15.18 -27.16 -32.59
C GLN B 554 -16.55 -26.54 -32.70
N LEU B 555 -16.61 -25.22 -32.62
CA LEU B 555 -17.83 -24.47 -32.86
C LEU B 555 -18.26 -24.58 -34.33
N TYR B 556 -17.29 -24.63 -35.25
CA TYR B 556 -17.60 -24.90 -36.65
C TYR B 556 -18.17 -26.29 -36.84
N ARG B 557 -17.61 -27.27 -36.14
CA ARG B 557 -18.15 -28.64 -36.17
C ARG B 557 -19.61 -28.73 -35.74
N ALA B 558 -19.96 -28.03 -34.68
CA ALA B 558 -21.33 -27.98 -34.18
C ALA B 558 -22.22 -27.22 -35.15
N SER B 559 -21.69 -26.16 -35.75
CA SER B 559 -22.44 -25.33 -36.69
C SER B 559 -22.95 -26.13 -37.90
N GLU B 560 -22.07 -26.90 -38.52
CA GLU B 560 -22.44 -27.72 -39.67
C GLU B 560 -23.36 -28.88 -39.28
N ALA B 561 -23.13 -29.43 -38.09
CA ALA B 561 -23.98 -30.52 -37.60
C ALA B 561 -25.33 -30.02 -37.08
N GLY B 562 -25.73 -28.82 -37.47
CA GLY B 562 -27.07 -28.32 -37.17
C GLY B 562 -27.30 -27.70 -35.80
N VAL B 563 -26.23 -27.45 -35.06
CA VAL B 563 -26.33 -26.82 -33.75
C VAL B 563 -26.32 -25.29 -33.88
N GLU B 564 -27.36 -24.65 -33.38
CA GLU B 564 -27.41 -23.19 -33.26
C GLU B 564 -26.47 -22.73 -32.18
N ILE B 565 -25.78 -21.62 -32.45
CA ILE B 565 -24.77 -21.08 -31.53
C ILE B 565 -24.91 -19.57 -31.40
N ASP B 566 -25.02 -19.10 -30.15
CA ASP B 566 -24.92 -17.67 -29.88
C ASP B 566 -23.58 -17.38 -29.22
N LEU B 567 -22.85 -16.43 -29.79
CA LEU B 567 -21.63 -15.95 -29.16
C LEU B 567 -21.81 -14.51 -28.71
N ILE B 568 -21.71 -14.28 -27.41
CA ILE B 568 -21.65 -12.93 -26.88
C ILE B 568 -20.19 -12.67 -26.49
N VAL B 569 -19.53 -11.75 -27.19
CA VAL B 569 -18.12 -11.46 -26.96
C VAL B 569 -17.88 -9.97 -27.05
N ARG B 570 -16.71 -9.53 -26.57
CA ARG B 570 -16.39 -8.11 -26.62
C ARG B 570 -15.11 -7.72 -27.40
N GLY B 571 -13.97 -8.34 -27.05
CA GLY B 571 -12.64 -7.80 -27.41
C GLY B 571 -11.96 -8.29 -28.67
N ILE B 572 -10.98 -9.19 -28.50
CA ILE B 572 -10.23 -9.80 -29.62
C ILE B 572 -10.68 -11.23 -29.91
N CYS B 573 -11.21 -11.44 -31.11
CA CYS B 573 -11.66 -12.75 -31.56
C CYS B 573 -11.53 -12.84 -33.08
N CYS B 574 -11.12 -14.01 -33.58
CA CYS B 574 -10.83 -14.20 -35.01
C CYS B 574 -11.76 -15.16 -35.77
N LEU B 575 -12.73 -15.74 -35.07
CA LEU B 575 -13.80 -16.55 -35.69
C LEU B 575 -14.67 -15.69 -36.62
N VAL B 576 -14.56 -15.96 -37.92
CA VAL B 576 -15.34 -15.26 -38.93
C VAL B 576 -16.75 -15.87 -39.04
N PRO B 577 -17.80 -15.01 -39.04
CA PRO B 577 -19.14 -15.48 -39.37
C PRO B 577 -19.48 -15.30 -40.86
N ASP B 578 -20.71 -15.68 -41.25
CA ASP B 578 -21.27 -15.53 -42.60
C ASP B 578 -20.71 -16.49 -43.67
N MSE B 579 -20.10 -17.59 -43.22
CA MSE B 579 -19.54 -18.57 -44.14
C MSE B 579 -20.30 -19.89 -44.06
O MSE B 579 -21.01 -20.14 -43.07
CB MSE B 579 -18.07 -18.83 -43.81
CG MSE B 579 -17.40 -17.74 -43.00
SE MSE B 579 -15.95 -18.51 -41.95
CE MSE B 579 -16.88 -20.03 -41.18
N PRO B 580 -20.18 -20.74 -45.11
CA PRO B 580 -20.52 -22.17 -45.06
C PRO B 580 -20.33 -22.92 -43.72
N GLN B 581 -19.32 -22.54 -42.93
CA GLN B 581 -19.10 -23.17 -41.63
C GLN B 581 -19.63 -22.33 -40.45
N SER B 582 -20.40 -21.29 -40.76
CA SER B 582 -20.96 -20.40 -39.72
C SER B 582 -22.32 -19.79 -40.08
N ARG B 583 -23.25 -20.63 -40.53
CA ARG B 583 -24.62 -20.18 -40.78
C ARG B 583 -25.37 -20.28 -39.47
N ASN B 584 -24.91 -21.18 -38.61
CA ASN B 584 -25.56 -21.45 -37.33
C ASN B 584 -24.90 -20.75 -36.15
N ILE B 585 -23.92 -19.87 -36.43
CA ILE B 585 -23.22 -19.12 -35.38
C ILE B 585 -23.51 -17.62 -35.49
N ARG B 586 -24.34 -17.13 -34.57
CA ARG B 586 -24.61 -15.69 -34.45
C ARG B 586 -23.70 -15.14 -33.37
N VAL B 587 -23.19 -13.93 -33.61
CA VAL B 587 -22.15 -13.38 -32.76
C VAL B 587 -22.46 -11.92 -32.40
N THR B 588 -23.00 -11.74 -31.19
CA THR B 588 -23.35 -10.43 -30.65
C THR B 588 -22.16 -9.77 -29.93
N ARG B 589 -22.05 -8.46 -30.07
CA ARG B 589 -20.98 -7.71 -29.41
C ARG B 589 -21.60 -6.48 -28.81
N LEU B 590 -21.73 -6.48 -27.48
CA LEU B 590 -22.48 -5.44 -26.76
C LEU B 590 -21.78 -4.09 -26.78
N VAL B 591 -22.58 -3.03 -26.86
CA VAL B 591 -22.04 -1.68 -26.90
C VAL B 591 -22.43 -1.00 -25.60
N ASP B 592 -21.57 -1.12 -24.59
CA ASP B 592 -21.93 -0.60 -23.28
C ASP B 592 -20.77 -0.13 -22.43
N MSE B 593 -21.12 0.59 -21.36
CA MSE B 593 -20.16 1.21 -20.48
C MSE B 593 -19.31 0.26 -19.64
O MSE B 593 -18.09 0.35 -19.68
CB MSE B 593 -20.83 2.23 -19.59
CG MSE B 593 -20.67 3.61 -20.10
SE MSE B 593 -22.12 4.68 -19.50
CE MSE B 593 -21.16 6.10 -18.61
N TYR B 594 -19.93 -0.63 -18.87
CA TYR B 594 -19.15 -1.55 -18.04
C TYR B 594 -18.48 -2.58 -18.94
N LEU B 595 -17.32 -3.07 -18.51
CA LEU B 595 -16.59 -4.11 -19.20
C LEU B 595 -17.22 -5.46 -18.87
N GLU B 596 -17.89 -6.04 -19.86
CA GLU B 596 -18.54 -7.34 -19.69
C GLU B 596 -17.52 -8.46 -19.45
N HIS B 597 -17.28 -8.78 -18.17
CA HIS B 597 -16.25 -9.74 -17.81
C HIS B 597 -16.76 -11.17 -17.52
N SER B 598 -18.05 -11.32 -17.22
CA SER B 598 -18.66 -12.64 -17.04
C SER B 598 -18.30 -13.58 -18.19
N ARG B 599 -18.00 -14.82 -17.82
CA ARG B 599 -17.83 -15.85 -18.81
C ARG B 599 -18.81 -17.00 -18.50
N ILE B 600 -19.85 -17.11 -19.32
CA ILE B 600 -20.96 -18.04 -19.06
C ILE B 600 -21.14 -19.03 -20.21
N TRP B 601 -21.41 -20.29 -19.87
CA TRP B 601 -21.68 -21.32 -20.87
C TRP B 601 -23.08 -21.89 -20.69
N CYS B 602 -23.89 -21.83 -21.74
CA CYS B 602 -25.23 -22.38 -21.65
C CYS B 602 -25.48 -23.50 -22.67
N PHE B 603 -25.70 -24.70 -22.17
CA PHE B 603 -25.99 -25.85 -23.03
C PHE B 603 -27.46 -26.20 -22.97
N HIS B 604 -28.11 -26.18 -24.14
CA HIS B 604 -29.56 -26.30 -24.21
C HIS B 604 -30.14 -27.64 -23.75
N ASN B 605 -29.42 -28.72 -24.04
CA ASN B 605 -29.76 -30.05 -23.59
C ASN B 605 -31.23 -30.39 -23.75
N GLY B 606 -31.73 -30.22 -24.97
CA GLY B 606 -33.12 -30.50 -25.31
C GLY B 606 -34.12 -29.91 -24.34
N GLY B 607 -33.85 -28.69 -23.86
CA GLY B 607 -34.79 -27.99 -22.97
C GLY B 607 -34.58 -28.13 -21.47
N LYS B 608 -33.84 -29.14 -21.04
CA LYS B 608 -33.40 -29.25 -19.65
C LYS B 608 -32.04 -28.56 -19.60
N GLU B 609 -32.05 -27.26 -19.31
CA GLU B 609 -30.90 -26.40 -19.62
C GLU B 609 -29.78 -26.53 -18.62
N GLU B 610 -28.54 -26.44 -19.11
CA GLU B 610 -27.38 -26.47 -18.24
C GLU B 610 -26.53 -25.19 -18.39
N VAL B 611 -26.21 -24.58 -17.24
CA VAL B 611 -25.50 -23.29 -17.21
C VAL B 611 -24.19 -23.40 -16.42
N PHE B 612 -23.16 -22.73 -16.92
CA PHE B 612 -21.86 -22.73 -16.28
C PHE B 612 -21.31 -21.31 -16.09
N ILE B 613 -20.89 -21.03 -14.85
CA ILE B 613 -20.05 -19.89 -14.48
C ILE B 613 -18.63 -20.33 -14.76
N SER B 614 -17.83 -19.51 -15.44
CA SER B 614 -16.46 -19.93 -15.72
C SER B 614 -15.39 -18.87 -15.51
N SER B 615 -14.26 -19.35 -14.97
CA SER B 615 -13.12 -18.50 -14.61
C SER B 615 -12.27 -18.11 -15.82
N ALA B 616 -12.49 -18.77 -16.94
CA ALA B 616 -11.77 -18.51 -18.18
C ALA B 616 -12.61 -18.89 -19.37
N ASP B 617 -12.02 -18.78 -20.55
CA ASP B 617 -12.65 -19.27 -21.78
C ASP B 617 -11.70 -20.15 -22.59
N TRP B 618 -12.27 -20.97 -23.46
CA TRP B 618 -11.53 -22.03 -24.17
C TRP B 618 -10.37 -21.49 -25.02
N LEU B 623 -7.18 -23.92 -21.56
CA LEU B 623 -7.72 -25.04 -20.78
C LEU B 623 -6.61 -25.99 -20.28
N TYR B 624 -5.39 -25.77 -20.74
CA TYR B 624 -4.26 -26.69 -20.49
C TYR B 624 -3.04 -26.03 -19.81
N ASN B 625 -3.04 -24.70 -19.73
CA ASN B 625 -1.94 -23.94 -19.12
C ASN B 625 -2.05 -23.80 -17.59
N ARG B 626 -2.87 -22.85 -17.12
CA ARG B 626 -3.16 -22.67 -15.71
C ARG B 626 -4.20 -23.68 -15.22
N ILE B 627 -4.72 -23.46 -14.03
CA ILE B 627 -5.91 -24.19 -13.56
C ILE B 627 -7.14 -23.28 -13.60
N GLU B 628 -8.15 -23.71 -14.35
CA GLU B 628 -9.40 -22.98 -14.46
C GLU B 628 -10.52 -23.75 -13.81
N THR B 629 -11.60 -23.04 -13.54
CA THR B 629 -12.78 -23.65 -12.98
C THR B 629 -14.04 -23.25 -13.74
N ALA B 630 -14.90 -24.24 -13.97
CA ALA B 630 -16.24 -23.96 -14.45
C ALA B 630 -17.18 -24.56 -13.44
N CYS B 631 -18.16 -23.77 -13.05
CA CYS B 631 -19.10 -24.22 -12.05
C CYS B 631 -20.51 -24.26 -12.61
N PRO B 632 -21.15 -25.43 -12.52
CA PRO B 632 -22.53 -25.53 -12.92
C PRO B 632 -23.40 -24.71 -11.98
N VAL B 633 -24.47 -24.13 -12.51
CA VAL B 633 -25.44 -23.42 -11.67
C VAL B 633 -26.60 -24.37 -11.38
N LEU B 634 -26.47 -25.17 -10.33
CA LEU B 634 -27.45 -26.22 -10.01
C LEU B 634 -28.87 -25.71 -9.75
N ASP B 635 -28.99 -24.65 -8.95
CA ASP B 635 -30.28 -24.10 -8.56
C ASP B 635 -31.07 -23.55 -9.75
N PRO B 636 -32.23 -24.18 -10.05
CA PRO B 636 -33.14 -23.84 -11.15
C PRO B 636 -33.40 -22.34 -11.30
N THR B 637 -33.80 -21.70 -10.19
CA THR B 637 -34.16 -20.29 -10.22
C THR B 637 -32.98 -19.38 -10.57
N LEU B 638 -31.79 -19.79 -10.12
CA LEU B 638 -30.55 -19.11 -10.48
C LEU B 638 -30.19 -19.39 -11.95
N ARG B 639 -30.48 -20.61 -12.43
CA ARG B 639 -30.32 -20.90 -13.86
C ARG B 639 -31.26 -20.10 -14.74
N ARG B 640 -32.52 -20.00 -14.31
CA ARG B 640 -33.46 -19.11 -14.98
C ARG B 640 -32.87 -17.69 -15.05
N GLU B 641 -32.43 -17.19 -13.90
CA GLU B 641 -31.84 -15.85 -13.77
C GLU B 641 -30.77 -15.52 -14.78
N ILE B 642 -29.72 -16.33 -14.78
CA ILE B 642 -28.63 -16.15 -15.73
C ILE B 642 -29.13 -16.19 -17.17
N ILE B 643 -29.99 -17.16 -17.49
CA ILE B 643 -30.56 -17.27 -18.83
C ILE B 643 -31.34 -15.99 -19.14
N ASP B 644 -32.15 -15.55 -18.18
CA ASP B 644 -32.82 -14.25 -18.33
C ASP B 644 -31.84 -13.12 -18.67
N ILE B 645 -30.72 -13.05 -17.95
CA ILE B 645 -29.73 -11.99 -18.17
C ILE B 645 -29.17 -12.07 -19.58
N LEU B 646 -28.68 -13.25 -19.92
CA LEU B 646 -28.08 -13.51 -21.21
C LEU B 646 -29.02 -13.16 -22.36
N GLU B 647 -30.31 -13.43 -22.16
CA GLU B 647 -31.31 -13.23 -23.20
C GLU B 647 -31.63 -11.78 -23.38
N ILE B 648 -31.56 -11.02 -22.28
CA ILE B 648 -31.68 -9.56 -22.34
C ILE B 648 -30.57 -9.01 -23.23
N GLN B 649 -29.39 -9.63 -23.14
CA GLN B 649 -28.25 -9.23 -23.93
C GLN B 649 -28.37 -9.68 -25.38
N LEU B 650 -29.39 -10.48 -25.67
CA LEU B 650 -29.58 -10.99 -27.02
C LEU B 650 -30.79 -10.38 -27.73
N ARG B 651 -31.60 -9.62 -27.01
CA ARG B 651 -32.80 -9.05 -27.59
C ARG B 651 -32.54 -7.89 -28.56
N ASP B 652 -33.57 -7.54 -29.32
CA ASP B 652 -33.44 -6.69 -30.51
C ASP B 652 -33.39 -5.19 -30.23
N ASN B 653 -34.12 -4.77 -29.20
CA ASN B 653 -34.15 -3.37 -28.78
C ASN B 653 -32.92 -2.96 -27.99
N ILE B 654 -31.86 -3.78 -28.07
CA ILE B 654 -30.64 -3.55 -27.30
C ILE B 654 -29.46 -3.29 -28.22
N LYS B 655 -28.60 -2.36 -27.81
CA LYS B 655 -27.50 -1.85 -28.63
C LYS B 655 -26.29 -2.79 -28.73
N ALA B 656 -26.14 -3.42 -29.89
CA ALA B 656 -24.99 -4.25 -30.23
C ALA B 656 -24.87 -4.38 -31.75
N CYS B 657 -24.51 -5.56 -32.24
CA CYS B 657 -24.63 -5.91 -33.67
C CYS B 657 -24.43 -7.42 -33.91
N ILE B 666 -37.32 -12.26 -43.22
CA ILE B 666 -38.05 -13.40 -42.67
C ILE B 666 -38.91 -12.98 -41.47
N TYR B 667 -38.27 -12.40 -40.46
CA TYR B 667 -39.00 -11.81 -39.33
C TYR B 667 -39.42 -10.41 -39.72
N LYS B 668 -40.21 -9.81 -38.85
CA LYS B 668 -40.77 -8.51 -39.15
C LYS B 668 -40.98 -7.72 -37.87
N HIS B 669 -40.67 -6.43 -37.97
CA HIS B 669 -41.15 -5.39 -37.06
C HIS B 669 -40.72 -4.00 -37.50
N ASN B 670 -41.27 -2.99 -36.82
CA ASN B 670 -41.13 -1.62 -37.24
C ASN B 670 -40.01 -0.87 -36.51
N SER B 671 -39.74 0.35 -36.97
CA SER B 671 -38.70 1.19 -36.41
C SER B 671 -39.28 2.19 -35.38
N ASP B 672 -40.11 1.69 -34.47
CA ASP B 672 -40.79 2.54 -33.48
C ASP B 672 -40.63 2.08 -32.02
N GLU B 673 -39.44 1.57 -31.69
CA GLU B 673 -39.02 1.31 -30.30
C GLU B 673 -37.64 1.90 -30.03
N LYS B 674 -37.48 2.55 -28.88
CA LYS B 674 -36.24 3.22 -28.50
C LYS B 674 -35.21 2.19 -28.01
N PRO B 675 -34.09 2.04 -28.72
CA PRO B 675 -33.09 1.07 -28.27
C PRO B 675 -32.47 1.45 -26.92
N VAL B 676 -32.24 0.45 -26.08
CA VAL B 676 -31.62 0.64 -24.76
C VAL B 676 -30.27 -0.05 -24.66
N ARG B 677 -29.64 0.10 -23.49
CA ARG B 677 -28.37 -0.56 -23.25
C ARG B 677 -28.57 -1.78 -22.36
N ALA B 678 -27.89 -2.86 -22.72
CA ALA B 678 -28.00 -4.13 -22.01
C ALA B 678 -27.87 -3.99 -20.50
N GLN B 679 -26.89 -3.20 -20.07
CA GLN B 679 -26.56 -3.06 -18.66
C GLN B 679 -27.63 -2.34 -17.85
N ALA B 680 -28.31 -1.36 -18.47
CA ALA B 680 -29.40 -0.67 -17.81
C ALA B 680 -30.63 -1.58 -17.72
N ALA B 681 -30.83 -2.38 -18.76
CA ALA B 681 -31.93 -3.33 -18.78
C ALA B 681 -31.68 -4.34 -17.69
N ILE B 682 -30.45 -4.84 -17.63
CA ILE B 682 -30.05 -5.80 -16.62
C ILE B 682 -30.26 -5.26 -15.22
N TYR B 683 -29.94 -3.98 -15.02
CA TYR B 683 -30.15 -3.32 -13.74
C TYR B 683 -31.63 -3.23 -13.38
N ARG B 684 -32.44 -2.78 -14.34
CA ARG B 684 -33.90 -2.75 -14.15
C ARG B 684 -34.43 -4.13 -13.78
N TYR B 685 -33.88 -5.18 -14.41
CA TYR B 685 -34.26 -6.56 -14.15
C TYR B 685 -33.95 -7.03 -12.72
N LEU B 686 -32.71 -6.81 -12.30
CA LEU B 686 -32.26 -7.24 -10.99
C LEU B 686 -32.92 -6.43 -9.85
N LYS B 687 -33.16 -5.15 -10.09
CA LYS B 687 -33.91 -4.35 -9.13
C LYS B 687 -35.33 -4.90 -8.96
N GLY B 688 -36.00 -5.15 -10.07
CA GLY B 688 -37.34 -5.74 -10.07
C GLY B 688 -37.41 -7.04 -9.27
N LYS B 689 -36.49 -7.95 -9.59
CA LYS B 689 -36.35 -9.24 -8.90
C LYS B 689 -36.25 -9.12 -7.38
N GLU B 690 -35.52 -8.11 -6.90
CA GLU B 690 -35.29 -7.96 -5.48
C GLU B 690 -36.56 -7.54 -4.76
N GLU B 691 -37.25 -6.55 -5.31
CA GLU B 691 -38.50 -6.08 -4.70
C GLU B 691 -39.75 -6.95 -4.97
N THR B 692 -39.54 -8.19 -5.44
CA THR B 692 -40.65 -9.14 -5.63
C THR B 692 -41.06 -9.76 -4.30
S SO4 C . 18.97 21.59 23.85
O1 SO4 C . 18.38 20.73 24.88
O2 SO4 C . 19.92 20.83 23.04
O3 SO4 C . 17.91 22.09 22.98
O4 SO4 C . 19.66 22.69 24.50
S SO4 D . 24.82 6.78 4.98
O1 SO4 D . 24.37 5.74 5.89
O2 SO4 D . 26.21 6.51 4.59
O3 SO4 D . 23.97 6.81 3.77
O4 SO4 D . 24.79 8.06 5.68
S SO4 E . -15.15 11.87 42.06
O1 SO4 E . -16.18 10.85 41.88
O2 SO4 E . -13.98 11.58 41.23
O3 SO4 E . -15.71 13.16 41.67
O4 SO4 E . -14.74 11.90 43.46
S SO4 F . 5.22 6.59 20.24
O1 SO4 F . 5.97 5.48 19.67
O2 SO4 F . 6.03 7.81 20.14
O3 SO4 F . 3.97 6.77 19.49
O4 SO4 F . 4.84 6.28 21.62
S SO4 G . 9.43 0.02 9.90
O1 SO4 G . 8.33 -0.69 9.26
O2 SO4 G . 10.20 0.73 8.89
O3 SO4 G . 8.91 0.98 10.87
O4 SO4 G . 10.30 -0.93 10.60
S SO4 H . 34.02 -10.82 -11.06
O1 SO4 H . 34.06 -12.18 -10.54
O2 SO4 H . 35.39 -10.31 -11.19
O3 SO4 H . 33.35 -10.80 -12.35
O4 SO4 H . 33.31 -9.95 -10.12
S SO4 I . -4.06 -16.80 18.60
O1 SO4 I . -4.52 -18.15 18.94
O2 SO4 I . -2.66 -16.64 18.95
O3 SO4 I . -4.20 -16.59 17.16
O4 SO4 I . -4.86 -15.83 19.32
S SO4 J . 33.57 -6.33 -6.34
O1 SO4 J . 34.03 -7.71 -6.38
O2 SO4 J . 34.72 -5.44 -6.18
O3 SO4 J . 32.88 -6.02 -7.60
O4 SO4 J . 32.67 -6.13 -5.21
S SO4 K . -11.21 32.27 -16.71
O1 SO4 K . -10.51 32.31 -15.43
O2 SO4 K . -11.27 33.61 -17.28
O3 SO4 K . -10.48 31.39 -17.62
O4 SO4 K . -12.57 31.77 -16.55
S SO4 L . -8.96 -12.55 -15.93
O1 SO4 L . -9.81 -13.27 -14.98
O2 SO4 L . -7.60 -12.54 -15.43
O3 SO4 L . -8.99 -13.20 -17.24
O4 SO4 L . -9.42 -11.16 -16.05
S SO4 M . -35.12 -20.64 -26.22
O1 SO4 M . -35.06 -21.75 -25.28
O2 SO4 M . -33.89 -20.62 -27.02
O3 SO4 M . -36.29 -20.79 -27.10
O4 SO4 M . -35.23 -19.37 -25.50
S SO4 N . 4.29 3.96 -17.34
O1 SO4 N . 4.56 2.83 -16.45
O2 SO4 N . 5.18 5.06 -16.99
O3 SO4 N . 4.50 3.56 -18.73
O4 SO4 N . 2.91 4.38 -17.16
S SO4 O . -7.97 -1.72 -15.76
O1 SO4 O . -7.42 -2.84 -15.00
O2 SO4 O . -6.95 -0.68 -15.88
O3 SO4 O . -8.34 -2.18 -17.10
O4 SO4 O . -9.14 -1.16 -15.08
#